data_8YUB
#
_entry.id   8YUB
#
_cell.length_a   81.352
_cell.length_b   124.901
_cell.length_c   85.740
_cell.angle_alpha   90.000
_cell.angle_beta   104.370
_cell.angle_gamma   90.000
#
_symmetry.space_group_name_H-M   'P 1 21 1'
#
loop_
_entity.id
_entity.type
_entity.pdbx_description
1 polymer 'Neutralizing antibody CC25.4 heavy chain'
2 polymer 'Neutralizing antibody CC25.4 light chain'
3 polymer "Spike protein S2'"
4 branched alpha-L-fucopyranose-(1-6)-2-acetamido-2-deoxy-beta-D-glucopyranose
5 non-polymer 1,2-ETHANEDIOL
6 water water
#
loop_
_entity_poly.entity_id
_entity_poly.type
_entity_poly.pdbx_seq_one_letter_code
_entity_poly.pdbx_strand_id
1 'polypeptide(L)'
;QVQLVQSGAEVKKPGASVKVSCKASGYTFTDYFLHWVRQAPGQGLEWMGWINPDSGGTNYAQRFQGRVTMTRDTSISTAY
MEVSRLRSDDTAVYYCARDNERYQMQNYYHYYGMDVWGQGTTVTVVSRRLPPSVFPLAPSSKSTSGGTAALGCLVKDYFP
EPVTVSWNSGALTSGVHTFPAVLQSSGLYSLSSVVTVPSSSLGTQTYICNVNHKPSNTKVDKKVEPKS
;
A,D
2 'polypeptide(L)'
;QSVLTQPPSASGTPGQRVTISCSGSSSNIGSNTVNWYQQLPGTAPKLLIYSNNQRPSGVPDRFSGSKSGTSASLAISGLQ
SEDEADYYCAAWDDSLNGYVVFGGGTKLTVLGQPKAAPSVTLFPPSSEELQANKATLVCLISDFYPGAVTVAWKADSSPV
KAGVETTTPSKQSNNKYAASSYLSLTPEQWKSHRSYSCQVTHEGSTVEKTVAPTECS
;
B,E
3 'polypeptide(L)'
;TNLCPFHEVFNATTFASVYAWNRKRISNCVADYSVIYNFAPFFAFKCYGVSPTKLNDLCFTNVYADSFVIRGNEVSQIAP
GQTGNIADYNYKLPDDFTGCVIAWNSNKLDSTPSGNYNYRYRLFRKSKLKPFERDISTEIYQAGNKPCNGVAGPNCYSPL
QSYGFRPTYGVGHQPYRVVVLSFELLHAPATVCGPKK
;
C,F
#
loop_
_chem_comp.id
_chem_comp.type
_chem_comp.name
_chem_comp.formula
EDO non-polymer 1,2-ETHANEDIOL 'C2 H6 O2'
FUC L-saccharide, alpha linking alpha-L-fucopyranose 'C6 H12 O5'
NAG D-saccharide, beta linking 2-acetamido-2-deoxy-beta-D-glucopyranose 'C8 H15 N O6'
#
# COMPACT_ATOMS: atom_id res chain seq x y z
N GLN A 1 -31.15 -37.40 10.89
CA GLN A 1 -30.44 -36.15 10.66
C GLN A 1 -29.04 -36.20 11.29
N VAL A 2 -28.04 -36.55 10.48
CA VAL A 2 -26.66 -36.57 10.96
C VAL A 2 -26.26 -35.14 11.33
N GLN A 3 -25.97 -34.94 12.62
CA GLN A 3 -25.92 -33.60 13.16
C GLN A 3 -24.96 -33.53 14.34
N LEU A 4 -24.34 -32.37 14.50
CA LEU A 4 -23.51 -32.05 15.67
C LEU A 4 -24.00 -30.72 16.23
N VAL A 5 -24.59 -30.74 17.42
CA VAL A 5 -25.10 -29.55 18.08
C VAL A 5 -24.26 -29.29 19.32
N GLN A 6 -23.75 -28.07 19.44
CA GLN A 6 -22.84 -27.69 20.51
C GLN A 6 -23.57 -26.82 21.54
N SER A 7 -22.89 -26.60 22.66
CA SER A 7 -23.46 -25.81 23.75
C SER A 7 -23.45 -24.32 23.40
N GLY A 8 -24.09 -23.54 24.27
CA GLY A 8 -24.25 -22.12 24.04
C GLY A 8 -22.96 -21.34 24.27
N ALA A 9 -23.05 -20.03 23.99
CA ALA A 9 -21.90 -19.16 24.10
C ALA A 9 -21.44 -19.02 25.55
N GLU A 10 -20.14 -18.78 25.72
CA GLU A 10 -19.51 -18.68 27.03
C GLU A 10 -18.75 -17.37 27.14
N VAL A 11 -18.79 -16.76 28.32
CA VAL A 11 -17.98 -15.60 28.64
C VAL A 11 -17.24 -15.92 29.94
N LYS A 12 -15.92 -15.80 29.91
CA LYS A 12 -15.08 -16.17 31.05
C LYS A 12 -14.02 -15.11 31.28
N LYS A 13 -13.49 -15.09 32.51
CA LYS A 13 -12.39 -14.24 32.87
C LYS A 13 -11.05 -14.91 32.56
N PRO A 14 -9.99 -14.14 32.36
CA PRO A 14 -8.67 -14.74 32.15
C PRO A 14 -8.27 -15.60 33.34
N GLY A 15 -7.77 -16.80 33.05
CA GLY A 15 -7.38 -17.74 34.07
C GLY A 15 -8.44 -18.78 34.41
N ALA A 16 -9.69 -18.53 34.07
CA ALA A 16 -10.77 -19.45 34.37
C ALA A 16 -10.77 -20.62 33.38
N SER A 17 -11.73 -21.52 33.54
CA SER A 17 -11.87 -22.68 32.68
C SER A 17 -13.24 -22.69 32.03
N VAL A 18 -13.33 -23.36 30.88
CA VAL A 18 -14.57 -23.50 30.14
C VAL A 18 -14.67 -24.93 29.65
N LYS A 19 -15.89 -25.48 29.66
CA LYS A 19 -16.14 -26.83 29.16
C LYS A 19 -17.25 -26.76 28.11
N VAL A 20 -16.89 -27.02 26.86
CA VAL A 20 -17.80 -26.94 25.73
C VAL A 20 -18.30 -28.33 25.39
N SER A 21 -19.60 -28.44 25.10
CA SER A 21 -20.22 -29.70 24.76
C SER A 21 -20.44 -29.82 23.25
N CYS A 22 -20.51 -31.06 22.79
CA CYS A 22 -20.76 -31.36 21.37
C CYS A 22 -21.52 -32.68 21.32
N LYS A 23 -22.82 -32.59 21.08
CA LYS A 23 -23.69 -33.76 21.08
C LYS A 23 -23.91 -34.25 19.66
N ALA A 24 -23.74 -35.56 19.45
CA ALA A 24 -23.90 -36.18 18.15
C ALA A 24 -25.23 -36.93 18.08
N SER A 25 -25.82 -36.93 16.89
CA SER A 25 -27.07 -37.62 16.64
C SER A 25 -27.16 -37.96 15.16
N GLY A 26 -27.95 -38.99 14.86
CA GLY A 26 -28.11 -39.44 13.49
C GLY A 26 -27.07 -40.43 13.02
N TYR A 27 -26.16 -40.86 13.88
CA TYR A 27 -25.15 -41.84 13.52
C TYR A 27 -24.58 -42.44 14.79
N THR A 28 -23.94 -43.60 14.64
CA THR A 28 -23.32 -44.27 15.78
C THR A 28 -22.15 -43.43 16.27
N PHE A 29 -22.26 -42.92 17.50
CA PHE A 29 -21.32 -41.93 18.01
C PHE A 29 -19.88 -42.42 17.99
N THR A 30 -19.66 -43.72 18.19
CA THR A 30 -18.31 -44.28 18.30
C THR A 30 -17.70 -44.66 16.96
N ASP A 31 -18.45 -44.52 15.85
CA ASP A 31 -17.92 -44.95 14.56
C ASP A 31 -16.86 -44.00 14.02
N TYR A 32 -16.94 -42.71 14.37
CA TYR A 32 -16.09 -41.69 13.78
C TYR A 32 -15.35 -40.91 14.86
N PHE A 33 -14.10 -40.56 14.58
CA PHE A 33 -13.37 -39.66 15.46
C PHE A 33 -13.98 -38.27 15.39
N LEU A 34 -13.73 -37.48 16.43
CA LEU A 34 -14.21 -36.10 16.51
C LEU A 34 -13.03 -35.15 16.62
N HIS A 35 -13.00 -34.14 15.77
CA HIS A 35 -11.98 -33.11 15.80
C HIS A 35 -12.50 -31.86 16.49
N TRP A 36 -11.56 -31.04 16.94
CA TRP A 36 -11.87 -29.74 17.54
C TRP A 36 -11.05 -28.67 16.83
N VAL A 37 -11.74 -27.74 16.17
CA VAL A 37 -11.12 -26.66 15.42
C VAL A 37 -11.67 -25.34 15.95
N ARG A 38 -10.78 -24.41 16.26
CA ARG A 38 -11.18 -23.09 16.73
C ARG A 38 -10.75 -22.04 15.72
N GLN A 39 -11.41 -20.88 15.79
CA GLN A 39 -11.20 -19.80 14.82
C GLN A 39 -11.31 -18.47 15.55
N ALA A 40 -10.17 -17.79 15.69
CA ALA A 40 -10.17 -16.45 16.27
C ALA A 40 -10.93 -15.49 15.35
N PRO A 41 -11.49 -14.41 15.89
CA PRO A 41 -12.23 -13.47 15.05
C PRO A 41 -11.35 -12.88 13.96
N GLY A 42 -11.85 -12.94 12.73
CA GLY A 42 -11.09 -12.45 11.59
C GLY A 42 -9.87 -13.26 11.24
N GLN A 43 -9.66 -14.40 11.88
CA GLN A 43 -8.50 -15.25 11.66
C GLN A 43 -8.94 -16.57 11.03
N GLY A 44 -7.95 -17.41 10.73
CA GLY A 44 -8.19 -18.69 10.08
C GLY A 44 -8.51 -19.79 11.07
N LEU A 45 -8.51 -21.01 10.55
CA LEU A 45 -8.85 -22.19 11.34
C LEU A 45 -7.61 -22.78 12.00
N GLU A 46 -7.78 -23.23 13.25
CA GLU A 46 -6.69 -23.81 14.03
C GLU A 46 -7.13 -25.14 14.61
N TRP A 47 -6.35 -26.19 14.34
CA TRP A 47 -6.66 -27.53 14.80
C TRP A 47 -6.19 -27.72 16.24
N MET A 48 -7.06 -28.25 17.08
CA MET A 48 -6.74 -28.46 18.49
C MET A 48 -6.50 -29.92 18.84
N GLY A 49 -7.15 -30.86 18.17
CA GLY A 49 -6.90 -32.27 18.41
C GLY A 49 -8.11 -33.10 18.03
N TRP A 50 -7.90 -34.41 18.06
CA TRP A 50 -9.01 -35.35 17.90
C TRP A 50 -9.11 -36.25 19.12
N ILE A 51 -10.30 -36.82 19.31
CA ILE A 51 -10.57 -37.81 20.34
C ILE A 51 -11.30 -38.97 19.70
N ASN A 52 -10.91 -40.19 20.06
CA ASN A 52 -11.62 -41.38 19.60
C ASN A 52 -12.73 -41.69 20.58
N PRO A 53 -14.00 -41.43 20.26
CA PRO A 53 -15.07 -41.68 21.22
C PRO A 53 -15.32 -43.15 21.50
N ASP A 54 -14.69 -44.06 20.76
CA ASP A 54 -14.81 -45.48 21.06
C ASP A 54 -13.95 -45.88 22.24
N SER A 55 -12.77 -45.28 22.37
CA SER A 55 -11.81 -45.64 23.40
C SER A 55 -11.46 -44.52 24.36
N GLY A 56 -11.66 -43.26 23.98
CA GLY A 56 -11.21 -42.14 24.76
C GLY A 56 -9.83 -41.64 24.43
N GLY A 57 -9.12 -42.33 23.54
CA GLY A 57 -7.80 -41.87 23.15
C GLY A 57 -7.87 -40.53 22.45
N THR A 58 -6.84 -39.70 22.68
CA THR A 58 -6.78 -38.36 22.14
C THR A 58 -5.45 -38.14 21.44
N ASN A 59 -5.40 -37.04 20.68
CA ASN A 59 -4.15 -36.57 20.08
C ASN A 59 -4.23 -35.05 20.05
N TYR A 60 -3.68 -34.40 21.08
CA TYR A 60 -3.71 -32.95 21.15
C TYR A 60 -2.60 -32.36 20.30
N ALA A 61 -2.88 -31.18 19.74
CA ALA A 61 -1.82 -30.39 19.13
C ALA A 61 -0.83 -29.97 20.20
N GLN A 62 0.43 -29.78 19.79
CA GLN A 62 1.47 -29.45 20.75
C GLN A 62 1.18 -28.14 21.46
N ARG A 63 0.53 -27.19 20.78
CA ARG A 63 0.24 -25.90 21.40
C ARG A 63 -0.74 -26.03 22.56
N PHE A 64 -1.63 -27.03 22.53
CA PHE A 64 -2.65 -27.18 23.55
C PHE A 64 -2.41 -28.37 24.48
N GLN A 65 -1.29 -29.07 24.33
CA GLN A 65 -0.98 -30.19 25.21
C GLN A 65 -0.65 -29.67 26.60
N GLY A 66 -1.57 -29.87 27.55
CA GLY A 66 -1.35 -29.41 28.91
C GLY A 66 -2.47 -28.54 29.44
N ARG A 67 -3.09 -27.75 28.57
CA ARG A 67 -4.20 -26.88 28.96
C ARG A 67 -5.55 -27.35 28.45
N VAL A 68 -5.59 -28.41 27.64
CA VAL A 68 -6.81 -28.85 26.97
C VAL A 68 -7.04 -30.32 27.29
N THR A 69 -8.28 -30.65 27.68
CA THR A 69 -8.67 -32.02 27.98
C THR A 69 -9.94 -32.36 27.21
N MET A 70 -9.86 -33.37 26.36
CA MET A 70 -11.02 -33.85 25.61
C MET A 70 -11.54 -35.12 26.25
N THR A 71 -12.85 -35.20 26.44
CA THR A 71 -13.49 -36.35 27.04
C THR A 71 -14.71 -36.74 26.22
N ARG A 72 -15.29 -37.88 26.56
CA ARG A 72 -16.44 -38.43 25.87
C ARG A 72 -17.45 -38.94 26.88
N ASP A 73 -18.71 -38.96 26.48
CA ASP A 73 -19.78 -39.60 27.25
C ASP A 73 -20.64 -40.34 26.24
N THR A 74 -20.28 -41.60 25.97
CA THR A 74 -21.02 -42.40 25.01
C THR A 74 -22.49 -42.57 25.43
N SER A 75 -22.75 -42.52 26.74
CA SER A 75 -24.11 -42.66 27.24
C SER A 75 -25.05 -41.66 26.58
N ILE A 76 -24.63 -40.40 26.48
CA ILE A 76 -25.44 -39.35 25.88
C ILE A 76 -24.86 -38.86 24.55
N SER A 77 -23.89 -39.60 23.99
CA SER A 77 -23.30 -39.29 22.69
C SER A 77 -22.78 -37.86 22.64
N THR A 78 -22.10 -37.43 23.71
CA THR A 78 -21.64 -36.06 23.85
C THR A 78 -20.13 -36.06 24.05
N ALA A 79 -19.43 -35.22 23.28
CA ALA A 79 -18.00 -34.99 23.45
C ALA A 79 -17.78 -33.66 24.13
N TYR A 80 -16.77 -33.61 25.01
CA TYR A 80 -16.48 -32.42 25.80
C TYR A 80 -15.08 -31.92 25.50
N MET A 81 -14.93 -30.60 25.54
CA MET A 81 -13.65 -29.93 25.37
C MET A 81 -13.50 -28.93 26.50
N GLU A 82 -12.45 -29.09 27.30
CA GLU A 82 -12.21 -28.23 28.46
C GLU A 82 -10.87 -27.54 28.30
N VAL A 83 -10.88 -26.21 28.36
CA VAL A 83 -9.68 -25.39 28.26
C VAL A 83 -9.41 -24.78 29.63
N SER A 84 -8.18 -24.94 30.11
CA SER A 84 -7.76 -24.39 31.39
C SER A 84 -6.87 -23.18 31.18
N ARG A 85 -6.79 -22.33 32.19
CA ARG A 85 -5.93 -21.15 32.21
C ARG A 85 -6.19 -20.29 30.97
N LEU A 86 -7.45 -19.87 30.85
CA LEU A 86 -7.88 -19.13 29.66
C LEU A 86 -7.13 -17.82 29.52
N ARG A 87 -6.57 -17.61 28.34
CA ARG A 87 -5.91 -16.37 27.97
C ARG A 87 -6.84 -15.53 27.11
N SER A 88 -6.52 -14.25 26.98
CA SER A 88 -7.25 -13.41 26.04
C SER A 88 -7.08 -13.91 24.61
N ASP A 89 -5.96 -14.59 24.33
CA ASP A 89 -5.70 -15.17 23.01
C ASP A 89 -6.63 -16.32 22.67
N ASP A 90 -7.41 -16.81 23.65
CA ASP A 90 -8.30 -17.95 23.43
C ASP A 90 -9.69 -17.53 22.98
N THR A 91 -9.99 -16.23 22.93
CA THR A 91 -11.29 -15.76 22.47
C THR A 91 -11.49 -16.15 21.01
N ALA A 92 -12.41 -17.07 20.76
CA ALA A 92 -12.60 -17.60 19.40
C ALA A 92 -13.89 -18.40 19.37
N VAL A 93 -14.27 -18.82 18.16
CA VAL A 93 -15.35 -19.76 17.95
C VAL A 93 -14.76 -21.16 17.93
N TYR A 94 -15.32 -22.06 18.72
CA TYR A 94 -14.82 -23.42 18.85
C TYR A 94 -15.78 -24.38 18.17
N TYR A 95 -15.28 -25.12 17.18
CA TYR A 95 -16.08 -26.07 16.43
C TYR A 95 -15.71 -27.49 16.81
N CYS A 96 -16.68 -28.40 16.70
CA CYS A 96 -16.43 -29.83 16.70
C CYS A 96 -16.82 -30.37 15.34
N ALA A 97 -15.90 -31.10 14.71
CA ALA A 97 -16.11 -31.64 13.38
C ALA A 97 -15.84 -33.14 13.39
N ARG A 98 -16.64 -33.87 12.63
CA ARG A 98 -16.55 -35.33 12.60
C ARG A 98 -15.49 -35.77 11.59
N ASP A 99 -14.63 -36.69 12.01
CA ASP A 99 -13.70 -37.31 11.08
C ASP A 99 -14.48 -38.13 10.05
N ASN A 100 -14.19 -37.93 8.78
CA ASN A 100 -15.03 -38.47 7.70
C ASN A 100 -14.66 -39.89 7.29
N GLU A 101 -13.80 -40.57 8.05
CA GLU A 101 -13.42 -41.95 7.75
C GLU A 101 -13.96 -42.85 8.84
N ARG A 102 -14.86 -43.77 8.47
CA ARG A 102 -15.49 -44.65 9.43
C ARG A 102 -14.54 -45.76 9.88
N TYR A 103 -14.74 -46.24 11.10
CA TYR A 103 -14.05 -47.42 11.63
C TYR A 103 -12.53 -47.24 11.57
N GLN A 104 -12.05 -46.12 12.10
CA GLN A 104 -10.61 -45.90 12.18
C GLN A 104 -9.99 -46.80 13.24
N MET A 105 -8.74 -47.19 13.00
CA MET A 105 -7.94 -47.89 14.00
C MET A 105 -6.98 -46.90 14.63
N GLN A 106 -7.07 -46.75 15.96
CA GLN A 106 -6.40 -45.65 16.65
C GLN A 106 -4.90 -45.65 16.40
N ASN A 107 -4.28 -46.82 16.35
CA ASN A 107 -2.84 -46.93 16.16
C ASN A 107 -2.44 -46.94 14.69
N TYR A 108 -3.39 -46.84 13.77
CA TYR A 108 -3.10 -46.71 12.35
C TYR A 108 -4.06 -45.68 11.75
N TYR A 109 -4.09 -44.50 12.36
CA TYR A 109 -5.02 -43.44 11.99
C TYR A 109 -4.59 -42.79 10.68
N HIS A 110 -5.58 -42.33 9.91
CA HIS A 110 -5.35 -41.61 8.67
C HIS A 110 -6.40 -40.53 8.53
N TYR A 111 -5.96 -39.29 8.38
CA TYR A 111 -6.87 -38.15 8.31
C TYR A 111 -7.19 -37.83 6.85
N TYR A 112 -8.48 -37.90 6.50
CA TYR A 112 -8.92 -37.61 5.14
C TYR A 112 -9.84 -36.40 5.04
N GLY A 113 -10.42 -35.93 6.14
CA GLY A 113 -11.27 -34.77 6.10
C GLY A 113 -12.27 -34.76 7.23
N MET A 114 -13.03 -33.67 7.29
CA MET A 114 -14.06 -33.45 8.30
C MET A 114 -15.37 -33.12 7.59
N ASP A 115 -16.33 -34.04 7.64
CA ASP A 115 -17.54 -33.89 6.83
C ASP A 115 -18.67 -33.18 7.57
N VAL A 116 -18.94 -33.55 8.81
CA VAL A 116 -20.02 -32.95 9.60
C VAL A 116 -19.42 -31.96 10.58
N TRP A 117 -20.02 -30.77 10.66
CA TRP A 117 -19.54 -29.70 11.51
C TRP A 117 -20.65 -29.18 12.40
N GLY A 118 -20.28 -28.79 13.63
CA GLY A 118 -21.22 -28.15 14.53
C GLY A 118 -21.35 -26.66 14.26
N GLN A 119 -22.36 -26.06 14.87
CA GLN A 119 -22.61 -24.64 14.66
C GLN A 119 -21.59 -23.75 15.35
N GLY A 120 -20.73 -24.31 16.18
CA GLY A 120 -19.72 -23.52 16.86
C GLY A 120 -20.20 -23.00 18.21
N THR A 121 -19.25 -22.85 19.12
CA THR A 121 -19.50 -22.30 20.44
C THR A 121 -18.56 -21.12 20.65
N THR A 122 -19.12 -19.93 20.87
CA THR A 122 -18.32 -18.74 21.06
C THR A 122 -17.83 -18.66 22.50
N VAL A 123 -16.51 -18.51 22.67
CA VAL A 123 -15.89 -18.33 23.98
C VAL A 123 -15.20 -16.97 23.97
N THR A 124 -15.61 -16.10 24.89
CA THR A 124 -15.05 -14.76 25.00
C THR A 124 -14.35 -14.63 26.35
N VAL A 125 -13.07 -14.28 26.32
CA VAL A 125 -12.25 -14.15 27.51
C VAL A 125 -12.06 -12.67 27.78
N VAL A 126 -12.79 -12.13 28.76
CA VAL A 126 -12.73 -10.73 29.14
C VAL A 126 -12.74 -10.62 30.65
N SER A 127 -12.16 -9.53 31.16
CA SER A 127 -12.10 -9.30 32.60
C SER A 127 -13.35 -8.60 33.14
N ARG A 128 -13.91 -7.67 32.37
CA ARG A 128 -15.07 -6.92 32.80
C ARG A 128 -16.16 -7.01 31.72
N ARG A 129 -17.40 -6.81 32.17
CA ARG A 129 -18.58 -6.84 31.29
C ARG A 129 -19.45 -5.63 31.62
N LEU A 130 -19.51 -4.67 30.70
CA LEU A 130 -20.25 -3.44 30.92
C LEU A 130 -21.52 -3.42 30.10
N PRO A 131 -22.66 -3.04 30.69
CA PRO A 131 -23.93 -3.05 29.95
C PRO A 131 -24.02 -1.86 29.02
N PRO A 132 -24.94 -1.90 28.04
CA PRO A 132 -25.04 -0.81 27.07
C PRO A 132 -26.00 0.30 27.50
N SER A 133 -25.69 1.50 27.01
CA SER A 133 -26.57 2.65 27.16
C SER A 133 -27.30 2.86 25.84
N VAL A 134 -28.62 2.70 25.85
CA VAL A 134 -29.43 2.73 24.64
C VAL A 134 -30.14 4.08 24.56
N PHE A 135 -29.93 4.78 23.46
CA PHE A 135 -30.55 6.08 23.22
C PHE A 135 -31.35 6.06 21.92
N PRO A 136 -32.50 6.73 21.88
CA PRO A 136 -33.30 6.75 20.65
C PRO A 136 -32.79 7.78 19.66
N LEU A 137 -32.80 7.40 18.38
CA LEU A 137 -32.46 8.29 17.28
C LEU A 137 -33.77 8.68 16.59
N ALA A 138 -34.31 9.84 16.99
CA ALA A 138 -35.63 10.24 16.56
C ALA A 138 -35.67 10.52 15.06
N PRO A 139 -36.83 10.33 14.42
CA PRO A 139 -36.93 10.62 12.98
C PRO A 139 -36.98 12.12 12.71
N SER A 140 -36.43 12.51 11.57
CA SER A 140 -36.31 13.92 11.23
C SER A 140 -37.68 14.55 10.99
N SER A 141 -37.75 15.86 11.23
CA SER A 141 -38.98 16.59 11.00
C SER A 141 -39.30 16.73 9.52
N LYS A 142 -38.27 16.86 8.69
CA LYS A 142 -38.47 17.02 7.25
C LYS A 142 -38.86 15.69 6.64
N SER A 143 -40.09 15.61 6.12
CA SER A 143 -40.60 14.39 5.49
C SER A 143 -40.12 14.36 4.05
N THR A 144 -39.09 13.56 3.77
CA THR A 144 -38.58 13.42 2.43
C THR A 144 -39.59 12.69 1.54
N SER A 145 -39.31 12.69 0.24
CA SER A 145 -40.20 12.05 -0.73
C SER A 145 -40.25 10.55 -0.49
N GLY A 146 -41.21 9.90 -1.17
CA GLY A 146 -41.47 8.50 -0.96
C GLY A 146 -42.20 8.16 0.31
N GLY A 147 -42.44 9.14 1.18
CA GLY A 147 -43.13 8.92 2.43
C GLY A 147 -42.44 7.93 3.34
N THR A 148 -41.13 8.13 3.58
CA THR A 148 -40.35 7.26 4.43
C THR A 148 -39.62 8.08 5.49
N ALA A 149 -39.52 7.51 6.68
CA ALA A 149 -38.79 8.11 7.79
C ALA A 149 -37.83 7.09 8.37
N ALA A 150 -36.73 7.58 8.93
CA ALA A 150 -35.67 6.73 9.47
C ALA A 150 -35.69 6.83 11.00
N LEU A 151 -36.19 5.79 11.64
CA LEU A 151 -36.14 5.67 13.09
C LEU A 151 -34.87 4.91 13.48
N GLY A 152 -34.16 5.42 14.46
CA GLY A 152 -32.92 4.79 14.87
C GLY A 152 -32.86 4.41 16.34
N CYS A 153 -31.90 3.55 16.67
CA CYS A 153 -31.70 3.07 18.04
C CYS A 153 -30.20 2.96 18.26
N LEU A 154 -29.68 3.78 19.18
CA LEU A 154 -28.24 3.87 19.41
C LEU A 154 -27.87 3.04 20.63
N VAL A 155 -27.09 1.99 20.42
CA VAL A 155 -26.57 1.14 21.50
C VAL A 155 -25.12 1.54 21.72
N LYS A 156 -24.84 2.16 22.87
CA LYS A 156 -23.58 2.84 23.11
C LYS A 156 -22.84 2.26 24.30
N ASP A 157 -21.52 2.17 24.18
CA ASP A 157 -20.60 1.86 25.28
C ASP A 157 -20.98 0.55 25.97
N TYR A 158 -20.78 -0.54 25.24
CA TYR A 158 -20.97 -1.87 25.78
C TYR A 158 -19.74 -2.72 25.50
N PHE A 159 -19.55 -3.74 26.33
CA PHE A 159 -18.41 -4.63 26.23
C PHE A 159 -18.69 -5.93 26.97
N PRO A 160 -18.39 -7.08 26.38
CA PRO A 160 -17.87 -7.28 25.03
C PRO A 160 -19.00 -7.51 24.03
N GLU A 161 -18.67 -7.90 22.80
CA GLU A 161 -19.68 -8.30 21.84
C GLU A 161 -20.35 -9.60 22.32
N PRO A 162 -21.57 -9.88 21.84
CA PRO A 162 -22.40 -9.09 20.93
C PRO A 162 -23.65 -8.53 21.58
N VAL A 163 -24.42 -7.74 20.84
CA VAL A 163 -25.76 -7.35 21.23
C VAL A 163 -26.70 -7.67 20.08
N THR A 164 -27.93 -8.01 20.42
CA THR A 164 -28.98 -8.23 19.44
C THR A 164 -30.03 -7.14 19.58
N VAL A 165 -30.57 -6.71 18.45
CA VAL A 165 -31.58 -5.65 18.43
C VAL A 165 -32.74 -6.12 17.57
N SER A 166 -33.94 -6.12 18.15
CA SER A 166 -35.18 -6.34 17.41
C SER A 166 -36.05 -5.10 17.57
N TRP A 167 -37.17 -5.08 16.84
CA TRP A 167 -38.10 -3.96 16.86
C TRP A 167 -39.50 -4.48 17.11
N ASN A 168 -40.15 -3.95 18.15
CA ASN A 168 -41.52 -4.34 18.53
C ASN A 168 -41.60 -5.83 18.86
N SER A 169 -40.67 -6.29 19.69
CA SER A 169 -40.63 -7.68 20.17
C SER A 169 -40.55 -8.67 19.02
N GLY A 170 -40.02 -8.24 17.88
CA GLY A 170 -39.89 -9.09 16.71
C GLY A 170 -40.99 -8.92 15.69
N ALA A 171 -42.01 -8.12 15.97
CA ALA A 171 -43.10 -7.95 15.02
C ALA A 171 -42.63 -7.20 13.77
N LEU A 172 -41.80 -6.17 13.95
CA LEU A 172 -41.30 -5.36 12.84
C LEU A 172 -39.93 -5.88 12.42
N THR A 173 -39.82 -6.30 11.16
CA THR A 173 -38.57 -6.81 10.63
C THR A 173 -38.22 -6.13 9.30
N SER A 174 -39.24 -5.68 8.57
CA SER A 174 -39.03 -5.06 7.27
C SER A 174 -38.32 -3.72 7.43
N GLY A 175 -37.30 -3.50 6.61
CA GLY A 175 -36.57 -2.25 6.67
C GLY A 175 -35.67 -2.08 7.87
N VAL A 176 -35.44 -3.12 8.64
CA VAL A 176 -34.55 -3.07 9.80
C VAL A 176 -33.13 -3.33 9.33
N HIS A 177 -32.21 -2.45 9.73
CA HIS A 177 -30.80 -2.57 9.35
C HIS A 177 -29.95 -2.29 10.59
N THR A 178 -29.49 -3.35 11.24
CA THR A 178 -28.59 -3.24 12.38
C THR A 178 -27.15 -3.19 11.88
N PHE A 179 -26.48 -2.07 12.13
CA PHE A 179 -25.13 -1.89 11.64
C PHE A 179 -24.12 -2.60 12.54
N PRO A 180 -23.01 -3.09 11.96
CA PRO A 180 -21.93 -3.62 12.79
C PRO A 180 -21.38 -2.55 13.72
N ALA A 181 -20.89 -2.99 14.87
CA ALA A 181 -20.43 -2.07 15.89
C ALA A 181 -19.06 -1.49 15.54
N VAL A 182 -18.74 -0.38 16.20
CA VAL A 182 -17.42 0.25 16.08
C VAL A 182 -16.64 -0.03 17.35
N LEU A 183 -15.36 -0.34 17.20
CA LEU A 183 -14.47 -0.53 18.34
C LEU A 183 -13.82 0.82 18.64
N GLN A 184 -14.30 1.46 19.70
CA GLN A 184 -13.82 2.78 20.07
C GLN A 184 -12.40 2.70 20.64
N SER A 185 -11.75 3.86 20.72
CA SER A 185 -10.45 3.93 21.38
C SER A 185 -10.56 3.63 22.86
N SER A 186 -11.74 3.82 23.46
CA SER A 186 -11.96 3.50 24.86
C SER A 186 -12.02 1.99 25.11
N GLY A 187 -12.03 1.18 24.07
CA GLY A 187 -12.18 -0.26 24.21
C GLY A 187 -13.62 -0.75 24.26
N LEU A 188 -14.59 0.16 24.29
CA LEU A 188 -15.99 -0.21 24.31
C LEU A 188 -16.56 -0.25 22.90
N TYR A 189 -17.73 -0.87 22.76
CA TYR A 189 -18.40 -1.01 21.49
C TYR A 189 -19.64 -0.13 21.44
N SER A 190 -19.99 0.31 20.24
CA SER A 190 -21.21 1.07 20.01
C SER A 190 -21.72 0.77 18.61
N LEU A 191 -23.02 0.50 18.49
CA LEU A 191 -23.64 0.27 17.19
C LEU A 191 -24.96 1.00 17.14
N SER A 192 -25.61 0.97 15.98
CA SER A 192 -26.89 1.59 15.78
C SER A 192 -27.77 0.67 14.94
N SER A 193 -29.07 0.70 15.21
CA SER A 193 -30.06 0.01 14.41
C SER A 193 -31.06 1.03 13.88
N VAL A 194 -31.43 0.90 12.61
CA VAL A 194 -32.28 1.87 11.94
C VAL A 194 -33.36 1.13 11.16
N VAL A 195 -34.60 1.58 11.29
CA VAL A 195 -35.72 1.01 10.57
C VAL A 195 -36.34 2.12 9.72
N THR A 196 -36.62 1.81 8.45
CA THR A 196 -37.26 2.74 7.54
C THR A 196 -38.76 2.42 7.50
N VAL A 197 -39.58 3.41 7.85
CA VAL A 197 -41.01 3.20 8.01
C VAL A 197 -41.76 4.26 7.21
N PRO A 198 -43.01 3.99 6.84
CA PRO A 198 -43.82 5.02 6.17
C PRO A 198 -44.06 6.21 7.09
N SER A 199 -43.96 7.40 6.50
CA SER A 199 -44.13 8.63 7.29
C SER A 199 -45.51 8.72 7.90
N SER A 200 -46.52 8.13 7.26
CA SER A 200 -47.88 8.17 7.78
C SER A 200 -48.09 7.26 8.99
N SER A 201 -47.17 6.34 9.26
CA SER A 201 -47.29 5.45 10.40
C SER A 201 -46.74 6.05 11.68
N LEU A 202 -46.06 7.19 11.61
CA LEU A 202 -45.46 7.82 12.79
C LEU A 202 -46.50 8.32 13.78
N GLY A 203 -47.77 8.36 13.42
CA GLY A 203 -48.80 8.82 14.32
C GLY A 203 -49.77 7.74 14.71
N THR A 204 -49.56 6.53 14.21
CA THR A 204 -50.46 5.42 14.47
C THR A 204 -49.76 4.16 14.96
N GLN A 205 -48.43 4.07 14.87
CA GLN A 205 -47.70 2.85 15.22
C GLN A 205 -46.60 3.19 16.21
N THR A 206 -46.50 2.38 17.26
CA THR A 206 -45.40 2.51 18.22
C THR A 206 -44.18 1.76 17.71
N TYR A 207 -43.00 2.31 17.99
CA TYR A 207 -41.74 1.70 17.58
C TYR A 207 -40.83 1.59 18.79
N ILE A 208 -40.50 0.36 19.17
CA ILE A 208 -39.65 0.09 20.33
C ILE A 208 -38.55 -0.86 19.90
N CYS A 209 -37.29 -0.44 20.10
CA CYS A 209 -36.15 -1.30 19.82
C CYS A 209 -35.79 -2.09 21.08
N ASN A 210 -35.60 -3.39 20.92
CA ASN A 210 -35.32 -4.30 22.03
C ASN A 210 -33.85 -4.68 21.96
N VAL A 211 -33.06 -4.18 22.91
CA VAL A 211 -31.61 -4.39 22.92
C VAL A 211 -31.28 -5.39 24.03
N ASN A 212 -30.61 -6.48 23.66
CA ASN A 212 -30.19 -7.52 24.60
C ASN A 212 -28.68 -7.65 24.53
N HIS A 213 -28.03 -7.49 25.68
CA HIS A 213 -26.58 -7.67 25.82
C HIS A 213 -26.36 -8.83 26.78
N LYS A 214 -26.37 -10.05 26.23
CA LYS A 214 -26.22 -11.25 27.05
C LYS A 214 -24.94 -11.27 27.90
N PRO A 215 -23.79 -10.78 27.43
CA PRO A 215 -22.60 -10.76 28.31
C PRO A 215 -22.81 -10.04 29.62
N SER A 216 -23.79 -9.14 29.72
CA SER A 216 -24.10 -8.46 30.97
C SER A 216 -25.49 -8.78 31.50
N ASN A 217 -26.24 -9.64 30.81
CA ASN A 217 -27.59 -10.04 31.23
C ASN A 217 -28.51 -8.83 31.40
N THR A 218 -28.59 -8.02 30.34
CA THR A 218 -29.41 -6.81 30.34
C THR A 218 -30.29 -6.81 29.10
N LYS A 219 -31.58 -6.55 29.30
CA LYS A 219 -32.55 -6.45 28.21
C LYS A 219 -33.29 -5.13 28.36
N VAL A 220 -33.04 -4.20 27.43
CA VAL A 220 -33.57 -2.84 27.53
C VAL A 220 -34.51 -2.61 26.35
N ASP A 221 -35.70 -2.10 26.64
CA ASP A 221 -36.65 -1.67 25.63
C ASP A 221 -36.71 -0.15 25.63
N LYS A 222 -36.59 0.44 24.44
CA LYS A 222 -36.60 1.89 24.29
C LYS A 222 -37.53 2.26 23.14
N LYS A 223 -38.45 3.19 23.39
CA LYS A 223 -39.35 3.68 22.36
C LYS A 223 -38.69 4.86 21.64
N VAL A 224 -38.73 4.83 20.31
CA VAL A 224 -38.25 5.92 19.50
C VAL A 224 -39.47 6.73 19.08
N GLU A 225 -39.69 7.86 19.77
CA GLU A 225 -40.85 8.70 19.54
C GLU A 225 -40.58 9.71 18.44
N PRO A 226 -41.55 9.93 17.53
CA PRO A 226 -41.44 11.06 16.60
C PRO A 226 -41.31 12.37 17.36
N LYS A 227 -40.09 12.90 17.44
CA LYS A 227 -39.83 14.04 18.32
C LYS A 227 -38.76 14.91 17.70
N SER A 228 -39.10 16.18 17.46
CA SER A 228 -38.14 17.17 17.03
C SER A 228 -38.04 18.28 18.07
N GLN B 1 1.90 -26.08 13.81
CA GLN B 1 3.35 -25.98 13.72
C GLN B 1 3.76 -25.62 12.29
N SER B 2 3.38 -26.47 11.34
CA SER B 2 3.59 -26.17 9.94
C SER B 2 2.53 -25.18 9.45
N VAL B 3 2.75 -24.65 8.25
CA VAL B 3 1.86 -23.65 7.67
C VAL B 3 1.63 -24.01 6.20
N LEU B 4 0.38 -24.19 5.82
CA LEU B 4 0.01 -24.30 4.41
C LEU B 4 -0.26 -22.89 3.89
N THR B 5 0.43 -22.51 2.82
CA THR B 5 0.37 -21.14 2.31
C THR B 5 -0.66 -21.05 1.21
N GLN B 6 -1.66 -20.20 1.41
CA GLN B 6 -2.66 -19.87 0.40
C GLN B 6 -2.54 -18.39 0.05
N PRO B 7 -2.93 -18.01 -1.17
CA PRO B 7 -3.01 -16.58 -1.49
C PRO B 7 -4.05 -15.90 -0.61
N PRO B 8 -3.72 -14.73 -0.05
CA PRO B 8 -4.69 -14.07 0.84
C PRO B 8 -6.02 -13.76 0.16
N SER B 9 -6.00 -13.40 -1.12
CA SER B 9 -7.22 -13.04 -1.83
C SER B 9 -7.18 -13.62 -3.23
N ALA B 10 -8.37 -13.71 -3.84
CA ALA B 10 -8.53 -14.16 -5.22
C ALA B 10 -9.88 -13.67 -5.73
N SER B 11 -9.93 -13.33 -7.01
CA SER B 11 -11.13 -12.75 -7.60
C SER B 11 -11.41 -13.37 -8.95
N GLY B 12 -12.65 -13.14 -9.42
CA GLY B 12 -13.09 -13.63 -10.72
C GLY B 12 -14.50 -13.18 -11.04
N THR B 13 -14.77 -12.90 -12.32
CA THR B 13 -16.10 -12.50 -12.74
C THR B 13 -17.01 -13.72 -12.88
N PRO B 14 -18.32 -13.53 -12.81
CA PRO B 14 -19.23 -14.67 -12.93
C PRO B 14 -19.02 -15.44 -14.23
N GLY B 15 -18.98 -16.77 -14.11
CA GLY B 15 -18.78 -17.64 -15.26
C GLY B 15 -17.35 -18.05 -15.50
N GLN B 16 -16.37 -17.39 -14.88
CA GLN B 16 -14.97 -17.69 -15.11
C GLN B 16 -14.53 -18.88 -14.28
N ARG B 17 -13.23 -19.18 -14.30
CA ARG B 17 -12.62 -20.25 -13.53
C ARG B 17 -11.50 -19.67 -12.68
N VAL B 18 -11.60 -19.85 -11.37
CA VAL B 18 -10.62 -19.32 -10.43
C VAL B 18 -9.90 -20.49 -9.76
N THR B 19 -8.61 -20.31 -9.52
CA THR B 19 -7.80 -21.33 -8.86
C THR B 19 -7.20 -20.75 -7.58
N ILE B 20 -7.08 -21.60 -6.55
CA ILE B 20 -6.53 -21.21 -5.26
C ILE B 20 -5.46 -22.22 -4.89
N SER B 21 -4.21 -21.76 -4.80
CA SER B 21 -3.11 -22.66 -4.53
C SER B 21 -2.96 -22.92 -3.03
N CYS B 22 -2.29 -24.02 -2.70
CA CYS B 22 -2.07 -24.44 -1.32
C CYS B 22 -0.66 -25.05 -1.27
N SER B 23 0.29 -24.30 -0.73
CA SER B 23 1.69 -24.71 -0.71
C SER B 23 2.01 -25.31 0.66
N GLY B 24 2.48 -26.56 0.66
CA GLY B 24 2.87 -27.22 1.89
C GLY B 24 4.29 -27.75 1.86
N SER B 25 4.55 -28.79 2.63
CA SER B 25 5.87 -29.42 2.68
C SER B 25 5.76 -30.91 2.34
N SER B 26 6.86 -31.63 2.55
CA SER B 26 6.87 -33.06 2.26
C SER B 26 6.17 -33.89 3.32
N SER B 27 6.04 -33.38 4.54
CA SER B 27 5.43 -34.12 5.63
C SER B 27 3.91 -33.93 5.71
N ASN B 28 3.35 -32.98 4.93
CA ASN B 28 1.92 -32.76 4.94
C ASN B 28 1.42 -33.08 3.55
N ILE B 29 1.38 -32.12 2.61
CA ILE B 29 0.78 -32.36 1.30
C ILE B 29 1.55 -33.43 0.54
N GLY B 30 2.88 -33.40 0.61
CA GLY B 30 3.70 -34.38 -0.07
C GLY B 30 3.53 -35.81 0.43
N SER B 31 2.95 -36.00 1.61
CA SER B 31 2.80 -37.32 2.20
C SER B 31 1.36 -37.76 2.40
N ASN B 32 0.41 -36.83 2.51
CA ASN B 32 -0.97 -37.14 2.83
C ASN B 32 -1.89 -36.51 1.80
N THR B 33 -3.19 -36.74 1.96
CA THR B 33 -4.19 -36.19 1.07
C THR B 33 -4.56 -34.77 1.48
N VAL B 34 -5.16 -34.03 0.54
CA VAL B 34 -5.54 -32.64 0.75
C VAL B 34 -7.05 -32.54 0.67
N ASN B 35 -7.65 -31.86 1.65
CA ASN B 35 -9.08 -31.61 1.66
C ASN B 35 -9.32 -30.10 1.72
N TRP B 36 -10.48 -29.69 1.19
CA TRP B 36 -10.81 -28.28 1.02
C TRP B 36 -12.14 -27.95 1.68
N TYR B 37 -12.25 -26.73 2.19
CA TYR B 37 -13.44 -26.27 2.90
C TYR B 37 -13.84 -24.89 2.43
N GLN B 38 -15.15 -24.64 2.38
CA GLN B 38 -15.73 -23.34 2.09
C GLN B 38 -16.43 -22.82 3.33
N GLN B 39 -16.20 -21.55 3.66
CA GLN B 39 -16.80 -20.95 4.84
C GLN B 39 -17.47 -19.63 4.46
N LEU B 40 -18.80 -19.62 4.48
CA LEU B 40 -19.55 -18.39 4.32
C LEU B 40 -19.46 -17.57 5.61
N PRO B 41 -19.72 -16.27 5.53
CA PRO B 41 -19.71 -15.45 6.75
C PRO B 41 -20.73 -15.95 7.76
N GLY B 42 -20.30 -16.05 9.02
CA GLY B 42 -21.18 -16.53 10.07
C GLY B 42 -21.65 -17.95 9.89
N THR B 43 -20.85 -18.79 9.22
CA THR B 43 -21.22 -20.16 8.94
C THR B 43 -20.06 -21.08 9.25
N ALA B 44 -20.37 -22.29 9.68
CA ALA B 44 -19.35 -23.30 9.90
C ALA B 44 -18.77 -23.74 8.55
N PRO B 45 -17.50 -24.16 8.53
CA PRO B 45 -16.91 -24.63 7.27
C PRO B 45 -17.65 -25.81 6.69
N LYS B 46 -17.61 -25.92 5.37
CA LYS B 46 -18.27 -26.99 4.63
C LYS B 46 -17.24 -27.71 3.78
N LEU B 47 -17.21 -29.04 3.88
CA LEU B 47 -16.27 -29.85 3.12
C LEU B 47 -16.63 -29.79 1.64
N LEU B 48 -15.69 -29.35 0.81
CA LEU B 48 -15.85 -29.29 -0.64
C LEU B 48 -15.06 -30.37 -1.37
N ILE B 49 -13.84 -30.66 -0.91
CA ILE B 49 -12.97 -31.62 -1.55
C ILE B 49 -12.32 -32.46 -0.46
N TYR B 50 -12.16 -33.76 -0.73
CA TYR B 50 -11.41 -34.64 0.16
C TYR B 50 -10.73 -35.70 -0.71
N SER B 51 -9.71 -36.34 -0.14
CA SER B 51 -8.90 -37.30 -0.87
C SER B 51 -8.40 -36.72 -2.19
N ASN B 52 -7.88 -35.49 -2.10
CA ASN B 52 -7.26 -34.76 -3.21
C ASN B 52 -8.27 -34.24 -4.22
N ASN B 53 -9.11 -35.11 -4.78
CA ASN B 53 -10.00 -34.69 -5.87
C ASN B 53 -11.43 -35.18 -5.73
N GLN B 54 -11.82 -35.77 -4.60
CA GLN B 54 -13.16 -36.30 -4.43
C GLN B 54 -14.10 -35.25 -3.86
N ARG B 55 -15.33 -35.22 -4.39
CA ARG B 55 -16.35 -34.28 -3.94
C ARG B 55 -17.38 -34.99 -3.08
N PRO B 56 -17.76 -34.43 -1.94
CA PRO B 56 -18.84 -35.02 -1.16
C PRO B 56 -20.17 -34.96 -1.89
N SER B 57 -21.12 -35.76 -1.42
CA SER B 57 -22.45 -35.78 -2.00
C SER B 57 -23.11 -34.42 -1.83
N GLY B 58 -23.49 -33.80 -2.95
CA GLY B 58 -24.14 -32.51 -2.94
C GLY B 58 -23.24 -31.34 -3.28
N VAL B 59 -21.93 -31.57 -3.37
CA VAL B 59 -21.00 -30.51 -3.76
C VAL B 59 -21.00 -30.40 -5.29
N PRO B 60 -21.28 -29.23 -5.85
CA PRO B 60 -21.38 -29.11 -7.31
C PRO B 60 -20.08 -29.52 -8.00
N ASP B 61 -20.24 -30.04 -9.23
CA ASP B 61 -19.11 -30.52 -10.00
C ASP B 61 -18.22 -29.39 -10.51
N ARG B 62 -18.66 -28.13 -10.41
CA ARG B 62 -17.81 -27.02 -10.82
C ARG B 62 -16.62 -26.81 -9.88
N PHE B 63 -16.64 -27.42 -8.70
CA PHE B 63 -15.50 -27.41 -7.80
C PHE B 63 -14.58 -28.58 -8.13
N SER B 64 -13.29 -28.30 -8.27
CA SER B 64 -12.32 -29.31 -8.65
C SER B 64 -11.09 -29.21 -7.76
N GLY B 65 -10.55 -30.36 -7.36
CA GLY B 65 -9.36 -30.42 -6.54
C GLY B 65 -8.24 -31.15 -7.25
N SER B 66 -7.01 -30.80 -6.89
CA SER B 66 -5.83 -31.40 -7.49
C SER B 66 -4.69 -31.35 -6.50
N LYS B 67 -3.76 -32.31 -6.65
CA LYS B 67 -2.56 -32.36 -5.83
C LYS B 67 -1.37 -32.67 -6.72
N SER B 68 -0.24 -32.00 -6.45
CA SER B 68 0.98 -32.22 -7.21
C SER B 68 2.16 -31.88 -6.32
N GLY B 69 2.96 -32.89 -5.98
CA GLY B 69 4.12 -32.67 -5.13
C GLY B 69 3.69 -32.20 -3.75
N THR B 70 4.27 -31.08 -3.30
CA THR B 70 3.94 -30.49 -2.02
C THR B 70 2.96 -29.34 -2.15
N SER B 71 2.20 -29.28 -3.25
CA SER B 71 1.25 -28.21 -3.48
C SER B 71 -0.10 -28.80 -3.87
N ALA B 72 -1.16 -28.03 -3.61
CA ALA B 72 -2.51 -28.41 -3.98
C ALA B 72 -3.20 -27.20 -4.58
N SER B 73 -4.36 -27.43 -5.19
CA SER B 73 -5.07 -26.37 -5.88
C SER B 73 -6.55 -26.68 -5.94
N LEU B 74 -7.37 -25.67 -5.65
CA LEU B 74 -8.81 -25.74 -5.79
C LEU B 74 -9.24 -24.89 -6.97
N ALA B 75 -10.09 -25.45 -7.83
CA ALA B 75 -10.55 -24.78 -9.03
C ALA B 75 -12.06 -24.62 -8.97
N ILE B 76 -12.53 -23.39 -9.09
CA ILE B 76 -13.97 -23.11 -9.10
C ILE B 76 -14.36 -22.60 -10.47
N SER B 77 -14.77 -23.50 -11.36
CA SER B 77 -15.25 -23.12 -12.68
C SER B 77 -16.69 -22.65 -12.60
N GLY B 78 -17.12 -21.91 -13.63
CA GLY B 78 -18.47 -21.37 -13.67
C GLY B 78 -18.80 -20.60 -12.41
N LEU B 79 -18.02 -19.56 -12.13
CA LEU B 79 -18.13 -18.85 -10.86
C LEU B 79 -19.50 -18.19 -10.72
N GLN B 80 -20.08 -18.31 -9.53
CA GLN B 80 -21.36 -17.71 -9.20
C GLN B 80 -21.21 -16.80 -7.99
N SER B 81 -22.20 -15.91 -7.81
CA SER B 81 -22.15 -14.97 -6.70
C SER B 81 -22.20 -15.68 -5.36
N GLU B 82 -22.80 -16.87 -5.30
CA GLU B 82 -22.90 -17.62 -4.05
C GLU B 82 -21.55 -18.20 -3.63
N ASP B 83 -20.58 -18.27 -4.55
CA ASP B 83 -19.27 -18.83 -4.24
C ASP B 83 -18.36 -17.84 -3.52
N GLU B 84 -18.81 -16.60 -3.30
CA GLU B 84 -18.01 -15.62 -2.58
C GLU B 84 -17.93 -16.02 -1.10
N ALA B 85 -16.76 -16.49 -0.68
CA ALA B 85 -16.56 -16.97 0.69
C ALA B 85 -15.06 -17.12 0.93
N ASP B 86 -14.72 -17.58 2.13
CA ASP B 86 -13.36 -17.96 2.45
C ASP B 86 -13.17 -19.45 2.17
N TYR B 87 -12.02 -19.80 1.60
CA TYR B 87 -11.73 -21.18 1.23
C TYR B 87 -10.43 -21.62 1.90
N TYR B 88 -10.46 -22.79 2.53
CA TYR B 88 -9.32 -23.32 3.27
C TYR B 88 -8.91 -24.67 2.69
N CYS B 89 -7.61 -24.92 2.70
CA CYS B 89 -7.07 -26.25 2.46
C CYS B 89 -6.56 -26.81 3.78
N ALA B 90 -6.46 -28.15 3.84
CA ALA B 90 -5.98 -28.79 5.05
C ALA B 90 -5.40 -30.15 4.69
N ALA B 91 -4.44 -30.59 5.50
CA ALA B 91 -3.80 -31.87 5.28
C ALA B 91 -3.14 -32.31 6.59
N TRP B 92 -3.03 -33.62 6.76
CA TRP B 92 -2.34 -34.16 7.92
C TRP B 92 -0.83 -34.00 7.75
N ASP B 93 -0.16 -33.62 8.83
CA ASP B 93 1.29 -33.48 8.85
C ASP B 93 1.88 -34.58 9.71
N ASP B 94 2.77 -35.39 9.13
CA ASP B 94 3.34 -36.53 9.83
C ASP B 94 4.36 -36.14 10.89
N SER B 95 4.79 -34.87 10.92
CA SER B 95 5.81 -34.44 11.86
C SER B 95 5.33 -34.61 13.29
N LEU B 96 6.27 -34.96 14.18
CA LEU B 96 6.02 -35.12 15.61
C LEU B 96 4.98 -36.22 15.78
N ASN B 97 3.95 -36.04 16.61
CA ASN B 97 2.89 -37.02 16.77
C ASN B 97 1.83 -36.93 15.68
N GLY B 98 1.94 -35.97 14.78
CA GLY B 98 0.95 -35.80 13.73
C GLY B 98 -0.13 -34.80 14.10
N TYR B 99 -0.55 -34.01 13.12
CA TYR B 99 -1.52 -32.95 13.38
C TYR B 99 -2.11 -32.46 12.06
N VAL B 100 -3.34 -31.98 12.12
CA VAL B 100 -4.00 -31.39 10.96
C VAL B 100 -3.53 -29.95 10.81
N VAL B 101 -3.12 -29.58 9.61
CA VAL B 101 -2.66 -28.22 9.30
C VAL B 101 -3.70 -27.58 8.39
N PHE B 102 -4.25 -26.45 8.81
CA PHE B 102 -5.13 -25.65 7.98
C PHE B 102 -4.33 -24.54 7.30
N GLY B 103 -4.67 -24.25 6.05
CA GLY B 103 -4.09 -23.12 5.38
C GLY B 103 -4.63 -21.81 5.92
N GLY B 104 -3.93 -20.73 5.61
CA GLY B 104 -4.35 -19.42 6.08
C GLY B 104 -5.71 -18.98 5.57
N GLY B 105 -6.17 -19.58 4.48
CA GLY B 105 -7.45 -19.21 3.91
C GLY B 105 -7.30 -18.22 2.76
N THR B 106 -8.27 -18.25 1.85
CA THR B 106 -8.28 -17.36 0.70
C THR B 106 -9.69 -16.80 0.54
N LYS B 107 -9.81 -15.48 0.52
CA LYS B 107 -11.10 -14.82 0.37
C LYS B 107 -11.39 -14.64 -1.12
N LEU B 108 -12.48 -15.25 -1.59
CA LEU B 108 -12.88 -15.17 -2.98
C LEU B 108 -13.91 -14.05 -3.16
N THR B 109 -13.64 -13.16 -4.10
CA THR B 109 -14.53 -12.04 -4.40
C THR B 109 -15.04 -12.19 -5.83
N VAL B 110 -16.35 -12.33 -5.98
CA VAL B 110 -16.98 -12.42 -7.30
C VAL B 110 -17.31 -11.00 -7.75
N LEU B 111 -16.54 -10.49 -8.71
CA LEU B 111 -16.68 -9.11 -9.17
C LEU B 111 -17.87 -8.99 -10.11
N GLY B 112 -18.02 -7.81 -10.72
CA GLY B 112 -19.05 -7.58 -11.71
C GLY B 112 -20.25 -6.79 -11.25
N GLN B 113 -20.32 -6.42 -9.98
CA GLN B 113 -21.49 -5.68 -9.51
C GLN B 113 -21.40 -4.22 -9.95
N PRO B 114 -22.52 -3.63 -10.36
CA PRO B 114 -22.49 -2.22 -10.77
C PRO B 114 -22.20 -1.30 -9.60
N LYS B 115 -21.74 -0.09 -9.93
CA LYS B 115 -21.42 0.90 -8.91
C LYS B 115 -22.69 1.36 -8.22
N ALA B 116 -22.60 1.53 -6.89
CA ALA B 116 -23.72 2.02 -6.09
C ALA B 116 -23.23 3.19 -5.24
N ALA B 117 -23.94 4.31 -5.32
CA ALA B 117 -23.58 5.48 -4.54
C ALA B 117 -23.97 5.31 -3.09
N PRO B 118 -23.19 5.86 -2.16
CA PRO B 118 -23.48 5.68 -0.74
C PRO B 118 -24.70 6.46 -0.31
N SER B 119 -25.63 5.77 0.35
CA SER B 119 -26.79 6.41 0.96
C SER B 119 -26.44 6.79 2.39
N VAL B 120 -26.57 8.08 2.72
CA VAL B 120 -26.08 8.62 3.98
C VAL B 120 -27.28 9.12 4.79
N THR B 121 -27.32 8.72 6.06
CA THR B 121 -28.29 9.24 7.03
C THR B 121 -27.52 9.73 8.23
N LEU B 122 -27.89 10.93 8.72
CA LEU B 122 -27.21 11.56 9.84
C LEU B 122 -28.21 11.82 10.96
N PHE B 123 -27.85 11.43 12.18
CA PHE B 123 -28.71 11.60 13.34
C PHE B 123 -28.09 12.57 14.33
N PRO B 124 -28.86 13.53 14.84
CA PRO B 124 -28.33 14.43 15.86
C PRO B 124 -28.33 13.76 17.23
N PRO B 125 -27.60 14.31 18.20
CA PRO B 125 -27.58 13.71 19.54
C PRO B 125 -28.98 13.65 20.15
N SER B 126 -29.21 12.61 20.93
CA SER B 126 -30.52 12.40 21.53
C SER B 126 -30.79 13.41 22.63
N SER B 127 -32.07 13.67 22.87
CA SER B 127 -32.45 14.50 24.01
C SER B 127 -32.13 13.78 25.32
N GLU B 128 -32.33 12.47 25.36
CA GLU B 128 -32.03 11.70 26.56
C GLU B 128 -30.52 11.54 26.77
N GLU B 129 -29.74 11.56 25.68
CA GLU B 129 -28.29 11.50 25.82
C GLU B 129 -27.71 12.84 26.24
N LEU B 130 -28.24 13.94 25.69
CA LEU B 130 -27.74 15.27 26.05
C LEU B 130 -27.96 15.57 27.52
N GLN B 131 -29.01 15.00 28.12
CA GLN B 131 -29.25 15.18 29.54
C GLN B 131 -28.20 14.47 30.40
N ALA B 132 -27.44 13.54 29.82
CA ALA B 132 -26.39 12.82 30.52
C ALA B 132 -25.01 13.42 30.27
N ASN B 133 -24.93 14.69 29.87
CA ASN B 133 -23.67 15.39 29.65
C ASN B 133 -22.82 14.68 28.59
N LYS B 134 -23.47 14.14 27.57
CA LYS B 134 -22.80 13.49 26.46
C LYS B 134 -23.56 13.76 25.18
N ALA B 135 -22.84 13.88 24.08
CA ALA B 135 -23.42 14.12 22.77
C ALA B 135 -22.73 13.27 21.73
N THR B 136 -23.51 12.60 20.88
CA THR B 136 -22.98 11.69 19.87
C THR B 136 -23.72 11.89 18.56
N LEU B 137 -22.96 12.08 17.48
CA LEU B 137 -23.50 12.18 16.13
C LEU B 137 -23.33 10.85 15.42
N VAL B 138 -24.40 10.36 14.81
CA VAL B 138 -24.45 9.03 14.22
C VAL B 138 -24.64 9.18 12.71
N CYS B 139 -23.62 8.82 11.94
CA CYS B 139 -23.68 8.87 10.49
C CYS B 139 -23.64 7.44 9.95
N LEU B 140 -24.62 7.09 9.12
CA LEU B 140 -24.83 5.71 8.68
C LEU B 140 -24.79 5.66 7.16
N ILE B 141 -23.88 4.86 6.62
CA ILE B 141 -23.64 4.76 5.18
C ILE B 141 -24.02 3.36 4.74
N SER B 142 -24.87 3.26 3.71
CA SER B 142 -25.40 1.97 3.30
C SER B 142 -25.59 1.94 1.78
N ASP B 143 -25.73 0.72 1.26
CA ASP B 143 -26.09 0.47 -0.14
C ASP B 143 -25.09 1.10 -1.11
N PHE B 144 -23.81 0.81 -0.89
CA PHE B 144 -22.77 1.28 -1.78
C PHE B 144 -21.86 0.12 -2.20
N TYR B 145 -21.35 0.22 -3.43
CA TYR B 145 -20.42 -0.73 -4.00
C TYR B 145 -19.56 0.03 -5.00
N PRO B 146 -18.24 -0.18 -5.00
CA PRO B 146 -17.45 -1.09 -4.16
C PRO B 146 -17.34 -0.62 -2.71
N GLY B 147 -16.83 -1.46 -1.82
CA GLY B 147 -16.79 -1.13 -0.40
C GLY B 147 -15.54 -0.41 0.04
N ALA B 148 -15.45 0.88 -0.29
CA ALA B 148 -14.31 1.70 0.11
C ALA B 148 -14.77 3.15 0.13
N VAL B 149 -14.92 3.70 1.34
CA VAL B 149 -15.33 5.08 1.51
C VAL B 149 -14.43 5.73 2.55
N THR B 150 -14.36 7.06 2.48
CA THR B 150 -13.68 7.87 3.48
C THR B 150 -14.68 8.87 4.05
N VAL B 151 -14.68 9.01 5.37
CA VAL B 151 -15.65 9.84 6.08
C VAL B 151 -14.95 11.11 6.56
N ALA B 152 -15.56 12.26 6.27
CA ALA B 152 -15.04 13.55 6.70
C ALA B 152 -16.15 14.32 7.37
N TRP B 153 -15.98 14.63 8.65
CA TRP B 153 -16.93 15.44 9.39
C TRP B 153 -16.53 16.92 9.34
N LYS B 154 -17.53 17.78 9.50
CA LYS B 154 -17.33 19.22 9.50
C LYS B 154 -18.22 19.85 10.56
N ALA B 155 -17.70 20.89 11.21
CA ALA B 155 -18.44 21.67 12.21
C ALA B 155 -18.40 23.12 11.77
N ASP B 156 -19.47 23.56 11.10
CA ASP B 156 -19.54 24.89 10.49
C ASP B 156 -18.36 25.12 9.54
N SER B 157 -18.16 24.15 8.64
CA SER B 157 -17.10 24.12 7.64
C SER B 157 -15.70 23.97 8.24
N SER B 158 -15.58 23.87 9.56
CA SER B 158 -14.28 23.65 10.19
C SER B 158 -14.04 22.16 10.34
N PRO B 159 -12.98 21.61 9.74
CA PRO B 159 -12.75 20.16 9.83
C PRO B 159 -12.47 19.69 11.24
N VAL B 160 -13.43 18.98 11.85
CA VAL B 160 -13.20 18.43 13.17
C VAL B 160 -12.26 17.24 13.06
N LYS B 161 -11.30 17.15 13.99
CA LYS B 161 -10.24 16.15 13.91
C LYS B 161 -10.55 14.96 14.81
N ALA B 162 -10.31 15.11 16.10
CA ALA B 162 -10.51 14.03 17.05
C ALA B 162 -11.99 13.83 17.34
N GLY B 163 -12.30 12.71 17.98
CA GLY B 163 -13.66 12.37 18.33
C GLY B 163 -14.41 11.57 17.29
N VAL B 164 -13.77 11.16 16.21
CA VAL B 164 -14.41 10.43 15.13
C VAL B 164 -14.05 8.95 15.23
N GLU B 165 -15.06 8.10 15.07
CA GLU B 165 -14.88 6.65 15.09
C GLU B 165 -15.66 6.06 13.92
N THR B 166 -14.95 5.43 12.99
CA THR B 166 -15.53 4.88 11.78
C THR B 166 -15.23 3.39 11.68
N THR B 167 -16.20 2.62 11.20
CA THR B 167 -16.03 1.20 11.02
C THR B 167 -15.42 0.90 9.66
N THR B 168 -14.96 -0.33 9.50
CA THR B 168 -14.55 -0.81 8.19
C THR B 168 -15.77 -1.24 7.39
N PRO B 169 -15.70 -1.19 6.06
CA PRO B 169 -16.85 -1.61 5.24
C PRO B 169 -17.18 -3.08 5.47
N SER B 170 -18.47 -3.39 5.42
CA SER B 170 -18.97 -4.74 5.66
C SER B 170 -20.14 -5.03 4.74
N LYS B 171 -20.21 -6.26 4.22
CA LYS B 171 -21.25 -6.63 3.28
C LYS B 171 -22.62 -6.61 3.94
N GLN B 172 -23.63 -6.27 3.14
CA GLN B 172 -25.02 -6.31 3.57
C GLN B 172 -25.64 -7.62 3.08
N SER B 173 -26.97 -7.71 3.18
CA SER B 173 -27.70 -8.85 2.65
C SER B 173 -27.94 -8.76 1.16
N ASN B 174 -27.74 -7.58 0.55
CA ASN B 174 -27.95 -7.38 -0.87
C ASN B 174 -26.63 -7.21 -1.62
N ASN B 175 -25.56 -7.84 -1.12
CA ASN B 175 -24.24 -7.83 -1.75
C ASN B 175 -23.63 -6.44 -1.83
N LYS B 176 -24.30 -5.44 -1.27
CA LYS B 176 -23.75 -4.10 -1.17
C LYS B 176 -23.10 -3.91 0.20
N TYR B 177 -22.33 -2.84 0.33
CA TYR B 177 -21.57 -2.60 1.54
C TYR B 177 -22.25 -1.57 2.43
N ALA B 178 -21.87 -1.58 3.71
CA ALA B 178 -22.39 -0.66 4.70
C ALA B 178 -21.27 -0.25 5.65
N ALA B 179 -21.40 0.94 6.23
CA ALA B 179 -20.46 1.44 7.21
C ALA B 179 -21.17 2.44 8.11
N SER B 180 -20.47 2.86 9.16
CA SER B 180 -21.02 3.84 10.08
C SER B 180 -19.89 4.62 10.71
N SER B 181 -20.15 5.89 11.01
CA SER B 181 -19.18 6.76 11.67
C SER B 181 -19.85 7.49 12.82
N TYR B 182 -19.11 7.68 13.91
CA TYR B 182 -19.62 8.32 15.11
C TYR B 182 -18.71 9.46 15.51
N LEU B 183 -19.31 10.60 15.85
CA LEU B 183 -18.58 11.77 16.31
C LEU B 183 -18.93 12.05 17.77
N SER B 184 -17.93 12.01 18.64
CA SER B 184 -18.13 12.25 20.06
C SER B 184 -17.93 13.72 20.38
N LEU B 185 -18.87 14.30 21.11
CA LEU B 185 -18.82 15.72 21.46
C LEU B 185 -19.32 15.93 22.87
N THR B 186 -18.76 16.94 23.53
CA THR B 186 -19.31 17.42 24.80
C THR B 186 -20.48 18.36 24.52
N PRO B 187 -21.58 18.25 25.29
CA PRO B 187 -22.77 19.09 25.03
C PRO B 187 -22.46 20.58 24.89
N GLU B 188 -21.31 21.02 25.42
CA GLU B 188 -20.88 22.39 25.21
C GLU B 188 -20.40 22.60 23.78
N GLN B 189 -19.66 21.63 23.24
CA GLN B 189 -19.27 21.70 21.83
C GLN B 189 -20.50 21.58 20.92
N TRP B 190 -21.48 20.78 21.32
CA TRP B 190 -22.71 20.66 20.56
C TRP B 190 -23.50 21.97 20.56
N LYS B 191 -23.44 22.72 21.65
CA LYS B 191 -24.05 24.05 21.73
C LYS B 191 -23.06 25.16 21.44
N SER B 192 -21.94 24.86 20.78
CA SER B 192 -20.98 25.86 20.35
C SER B 192 -20.86 25.98 18.83
N HIS B 193 -21.26 24.95 18.08
CA HIS B 193 -21.26 24.98 16.64
C HIS B 193 -22.68 24.96 16.11
N ARG B 194 -22.89 25.65 14.98
CA ARG B 194 -24.22 25.87 14.44
C ARG B 194 -24.70 24.76 13.52
N SER B 195 -23.79 23.91 13.02
CA SER B 195 -24.18 22.81 12.16
C SER B 195 -23.04 21.81 12.09
N TYR B 196 -23.39 20.55 11.82
CA TYR B 196 -22.42 19.48 11.65
C TYR B 196 -22.77 18.68 10.40
N SER B 197 -21.75 18.33 9.62
CA SER B 197 -21.93 17.62 8.36
C SER B 197 -21.11 16.34 8.36
N CYS B 198 -21.65 15.31 7.70
CA CYS B 198 -20.97 14.04 7.48
C CYS B 198 -20.77 13.87 5.98
N GLN B 199 -19.52 13.99 5.53
CA GLN B 199 -19.19 13.90 4.12
C GLN B 199 -18.63 12.51 3.83
N VAL B 200 -19.24 11.82 2.87
CA VAL B 200 -18.89 10.46 2.51
C VAL B 200 -18.44 10.47 1.05
N THR B 201 -17.14 10.32 0.83
CA THR B 201 -16.58 10.28 -0.51
C THR B 201 -16.47 8.83 -0.98
N HIS B 202 -17.05 8.54 -2.14
CA HIS B 202 -17.08 7.19 -2.69
C HIS B 202 -16.88 7.26 -4.19
N GLU B 203 -15.75 6.73 -4.68
CA GLU B 203 -15.43 6.70 -6.10
C GLU B 203 -15.46 8.10 -6.71
N GLY B 204 -14.84 9.04 -6.02
CA GLY B 204 -14.82 10.44 -6.46
C GLY B 204 -15.98 11.29 -5.98
N SER B 205 -17.20 10.78 -6.14
CA SER B 205 -18.37 11.53 -5.71
C SER B 205 -18.45 11.61 -4.20
N THR B 206 -19.12 12.64 -3.70
CA THR B 206 -19.30 12.84 -2.27
C THR B 206 -20.78 13.06 -1.96
N VAL B 207 -21.25 12.40 -0.92
CA VAL B 207 -22.61 12.56 -0.42
C VAL B 207 -22.52 13.15 0.98
N GLU B 208 -23.41 14.11 1.27
CA GLU B 208 -23.34 14.86 2.51
C GLU B 208 -24.72 15.10 3.07
N LYS B 209 -24.90 14.76 4.34
CA LYS B 209 -26.05 15.17 5.13
C LYS B 209 -25.56 16.08 6.26
N THR B 210 -26.46 16.96 6.73
CA THR B 210 -26.07 17.96 7.71
C THR B 210 -27.17 18.13 8.75
N VAL B 211 -26.78 18.12 10.02
CA VAL B 211 -27.68 18.41 11.13
C VAL B 211 -27.38 19.81 11.65
N ALA B 212 -28.34 20.38 12.35
CA ALA B 212 -28.23 21.74 12.89
C ALA B 212 -28.63 21.74 14.36
N PRO B 213 -27.71 22.03 15.29
CA PRO B 213 -28.08 22.16 16.70
C PRO B 213 -29.08 23.28 16.92
N THR B 214 -30.32 22.92 17.26
CA THR B 214 -31.36 23.89 17.58
C THR B 214 -32.09 23.44 18.83
N GLU B 215 -32.24 24.35 19.79
CA GLU B 215 -32.85 24.01 21.06
C GLU B 215 -34.31 23.59 20.87
N CYS B 216 -34.73 22.59 21.66
CA CYS B 216 -36.07 22.02 21.64
C CYS B 216 -36.40 21.33 20.31
N SER B 217 -35.42 21.21 19.41
CA SER B 217 -35.62 20.54 18.13
C SER B 217 -34.86 19.22 18.09
N THR C 1 31.70 63.66 -12.06
CA THR C 1 31.60 64.44 -13.30
C THR C 1 30.26 64.19 -13.99
N ASN C 2 29.86 62.93 -14.09
CA ASN C 2 28.57 62.59 -14.68
C ASN C 2 27.45 62.89 -13.69
N LEU C 3 26.45 63.63 -14.16
CA LEU C 3 25.34 64.02 -13.30
C LEU C 3 24.32 62.90 -13.20
N CYS C 4 23.62 62.86 -12.06
CA CYS C 4 22.61 61.82 -11.85
C CYS C 4 21.40 62.09 -12.74
N PRO C 5 20.91 61.09 -13.46
CA PRO C 5 19.80 61.29 -14.42
C PRO C 5 18.45 61.45 -13.73
N PHE C 6 18.30 62.55 -12.98
CA PHE C 6 17.03 62.85 -12.33
C PHE C 6 15.92 63.13 -13.33
N HIS C 7 16.25 63.54 -14.56
CA HIS C 7 15.22 63.78 -15.56
C HIS C 7 14.49 62.50 -15.94
N GLU C 8 15.19 61.36 -15.95
CA GLU C 8 14.56 60.10 -16.30
C GLU C 8 13.45 59.73 -15.34
N VAL C 9 13.46 60.28 -14.13
CA VAL C 9 12.39 60.04 -13.17
C VAL C 9 11.34 61.14 -13.21
N PHE C 10 11.78 62.40 -13.11
CA PHE C 10 10.84 63.51 -13.00
C PHE C 10 10.26 63.92 -14.35
N ASN C 11 11.04 63.83 -15.42
CA ASN C 11 10.59 64.21 -16.76
C ASN C 11 10.07 63.00 -17.55
N ALA C 12 9.78 61.89 -16.87
CA ALA C 12 9.26 60.71 -17.56
C ALA C 12 7.89 60.99 -18.14
N THR C 13 7.60 60.36 -19.28
CA THR C 13 6.35 60.60 -19.97
C THR C 13 5.16 60.10 -19.17
N THR C 14 5.27 58.88 -18.64
CA THR C 14 4.16 58.26 -17.91
C THR C 14 4.70 57.64 -16.63
N PHE C 15 4.05 57.93 -15.51
CA PHE C 15 4.39 57.36 -14.23
C PHE C 15 3.68 56.03 -14.01
N ALA C 16 4.21 55.23 -13.09
CA ALA C 16 3.60 53.95 -12.79
C ALA C 16 2.37 54.12 -11.89
N SER C 17 1.53 53.10 -11.89
CA SER C 17 0.44 53.07 -10.93
C SER C 17 1.00 52.82 -9.53
N VAL C 18 0.27 53.30 -8.52
CA VAL C 18 0.80 53.26 -7.16
C VAL C 18 0.95 51.81 -6.67
N TYR C 19 0.08 50.90 -7.12
CA TYR C 19 0.21 49.52 -6.69
C TYR C 19 1.43 48.85 -7.29
N ALA C 20 1.83 49.27 -8.49
CA ALA C 20 3.02 48.74 -9.14
C ALA C 20 4.06 49.85 -9.30
N TRP C 21 4.42 50.49 -8.19
CA TRP C 21 5.28 51.66 -8.23
C TRP C 21 6.67 51.31 -8.75
N ASN C 22 7.21 52.18 -9.59
CA ASN C 22 8.55 51.98 -10.14
C ASN C 22 9.61 52.31 -9.11
N ARG C 23 10.76 51.65 -9.24
CA ARG C 23 11.94 51.96 -8.43
C ARG C 23 13.14 52.08 -9.34
N LYS C 24 13.96 53.10 -9.10
CA LYS C 24 15.19 53.33 -9.84
C LYS C 24 16.29 53.64 -8.84
N ARG C 25 17.31 52.77 -8.80
CA ARG C 25 18.48 53.05 -7.98
C ARG C 25 19.44 53.95 -8.73
N ILE C 26 19.84 55.04 -8.09
CA ILE C 26 20.71 56.05 -8.68
C ILE C 26 22.06 55.94 -7.99
N SER C 27 23.10 55.67 -8.78
CA SER C 27 24.42 55.43 -8.23
C SER C 27 25.49 55.85 -9.22
N ASN C 28 26.68 56.15 -8.69
CA ASN C 28 27.85 56.52 -9.47
C ASN C 28 27.56 57.76 -10.33
N CYS C 29 27.30 58.86 -9.65
CA CYS C 29 27.00 60.12 -10.33
C CYS C 29 27.01 61.25 -9.29
N VAL C 30 26.94 62.48 -9.80
CA VAL C 30 26.88 63.67 -8.96
C VAL C 30 25.42 64.07 -8.79
N ALA C 31 24.98 64.18 -7.54
CA ALA C 31 23.59 64.48 -7.23
C ALA C 31 23.36 65.99 -7.34
N ASP C 32 23.11 66.44 -8.56
CA ASP C 32 22.76 67.83 -8.83
C ASP C 32 21.24 67.93 -8.84
N TYR C 33 20.66 68.32 -7.71
CA TYR C 33 19.21 68.37 -7.56
C TYR C 33 18.60 69.58 -8.26
N SER C 34 19.41 70.50 -8.78
CA SER C 34 18.89 71.68 -9.46
C SER C 34 18.14 71.32 -10.74
N VAL C 35 18.48 70.19 -11.35
CA VAL C 35 17.81 69.77 -12.58
C VAL C 35 16.34 69.45 -12.35
N ILE C 36 15.97 69.13 -11.11
CA ILE C 36 14.59 68.74 -10.81
C ILE C 36 13.65 69.94 -10.90
N TYR C 37 14.14 71.14 -10.59
CA TYR C 37 13.28 72.32 -10.56
C TYR C 37 12.66 72.63 -11.91
N ASN C 38 13.28 72.20 -13.01
CA ASN C 38 12.70 72.43 -14.33
C ASN C 38 11.41 71.65 -14.54
N PHE C 39 11.19 70.57 -13.78
CA PHE C 39 10.04 69.70 -13.97
C PHE C 39 9.13 69.61 -12.75
N ALA C 40 9.66 69.72 -11.54
CA ALA C 40 8.87 69.53 -10.34
C ALA C 40 9.30 70.48 -9.23
N PRO C 41 8.36 70.97 -8.42
CA PRO C 41 8.72 71.85 -7.31
C PRO C 41 9.51 71.13 -6.23
N PHE C 42 10.82 70.98 -6.45
CA PHE C 42 11.65 70.30 -5.45
C PHE C 42 11.62 71.03 -4.12
N PHE C 43 11.39 72.35 -4.13
CA PHE C 43 11.28 73.13 -2.90
C PHE C 43 10.06 72.77 -2.07
N ALA C 44 9.04 72.13 -2.68
CA ALA C 44 7.86 71.66 -1.97
C ALA C 44 8.09 70.29 -1.34
N PHE C 45 9.33 69.94 -0.99
CA PHE C 45 9.64 68.64 -0.42
C PHE C 45 9.00 68.46 0.96
N LYS C 46 9.07 67.23 1.45
CA LYS C 46 8.83 66.90 2.86
C LYS C 46 9.83 65.84 3.24
N CYS C 47 10.81 66.21 4.06
CA CYS C 47 11.92 65.33 4.39
C CYS C 47 11.87 64.93 5.86
N TYR C 48 12.53 63.81 6.15
CA TYR C 48 12.53 63.23 7.49
C TYR C 48 13.94 62.73 7.78
N GLY C 49 14.59 63.31 8.79
CA GLY C 49 15.94 62.92 9.14
C GLY C 49 17.02 63.38 8.20
N VAL C 50 16.69 64.12 7.14
CA VAL C 50 17.66 64.62 6.18
C VAL C 50 17.30 66.07 5.84
N SER C 51 18.27 66.97 5.92
CA SER C 51 18.06 68.37 5.56
C SER C 51 18.42 68.56 4.10
N PRO C 52 17.49 69.02 3.25
CA PRO C 52 17.82 69.17 1.82
C PRO C 52 18.86 70.24 1.56
N THR C 53 18.92 71.27 2.41
CA THR C 53 19.97 72.28 2.27
C THR C 53 21.35 71.67 2.46
N LYS C 54 21.45 70.58 3.23
CA LYS C 54 22.70 69.89 3.47
C LYS C 54 22.97 68.77 2.47
N LEU C 55 22.06 68.55 1.52
CA LEU C 55 22.23 67.44 0.58
C LEU C 55 23.35 67.70 -0.42
N ASN C 56 23.59 68.97 -0.77
CA ASN C 56 24.59 69.28 -1.78
C ASN C 56 26.02 69.07 -1.30
N ASP C 57 26.22 68.78 -0.01
CA ASP C 57 27.53 68.45 0.54
C ASP C 57 27.47 67.16 1.35
N LEU C 58 26.76 66.16 0.82
CA LEU C 58 26.64 64.86 1.46
C LEU C 58 26.83 63.76 0.43
N CYS C 59 27.33 62.63 0.89
CA CYS C 59 27.56 61.45 0.05
C CYS C 59 26.81 60.26 0.63
N PHE C 60 26.27 59.42 -0.26
CA PHE C 60 25.48 58.27 0.14
C PHE C 60 25.91 57.06 -0.68
N THR C 61 25.66 55.87 -0.12
CA THR C 61 25.95 54.64 -0.83
C THR C 61 25.13 54.55 -2.11
N ASN C 62 23.83 54.78 -2.00
CA ASN C 62 22.94 54.80 -3.15
C ASN C 62 21.81 55.79 -2.89
N VAL C 63 21.10 56.16 -3.94
CA VAL C 63 19.89 56.96 -3.85
C VAL C 63 18.81 56.27 -4.64
N TYR C 64 17.68 56.01 -4.00
CA TYR C 64 16.56 55.33 -4.63
C TYR C 64 15.45 56.32 -4.94
N ALA C 65 14.81 56.13 -6.09
CA ALA C 65 13.73 57.00 -6.55
C ALA C 65 12.51 56.13 -6.86
N ASP C 66 11.53 56.16 -5.97
CA ASP C 66 10.26 55.45 -6.16
C ASP C 66 9.23 56.46 -6.66
N SER C 67 8.62 56.17 -7.81
CA SER C 67 7.68 57.08 -8.44
C SER C 67 6.36 56.38 -8.70
N PHE C 68 5.28 57.15 -8.63
CA PHE C 68 3.92 56.67 -8.87
C PHE C 68 3.02 57.90 -8.93
N VAL C 69 1.72 57.65 -9.07
CA VAL C 69 0.71 58.71 -9.14
C VAL C 69 -0.46 58.32 -8.24
N ILE C 70 -0.83 59.23 -7.34
CA ILE C 70 -2.02 59.10 -6.50
C ILE C 70 -2.85 60.36 -6.67
N ARG C 71 -3.95 60.43 -5.94
CA ARG C 71 -4.79 61.61 -6.00
C ARG C 71 -4.42 62.59 -4.87
N GLY C 72 -4.92 63.82 -5.00
CA GLY C 72 -4.48 64.89 -4.11
C GLY C 72 -4.73 64.59 -2.65
N ASN C 73 -5.94 64.13 -2.32
CA ASN C 73 -6.24 63.92 -0.89
C ASN C 73 -5.55 62.67 -0.31
N GLU C 74 -4.65 62.02 -1.05
CA GLU C 74 -3.87 60.89 -0.55
C GLU C 74 -2.40 61.20 -0.42
N VAL C 75 -1.97 62.42 -0.79
CA VAL C 75 -0.55 62.78 -0.72
C VAL C 75 -0.06 62.79 0.71
N SER C 76 -0.94 63.07 1.67
CA SER C 76 -0.54 63.06 3.07
C SER C 76 -0.15 61.67 3.56
N GLN C 77 -0.61 60.61 2.87
CA GLN C 77 -0.31 59.25 3.31
C GLN C 77 1.12 58.84 2.99
N ILE C 78 1.79 59.53 2.05
CA ILE C 78 3.16 59.20 1.71
C ILE C 78 4.09 59.84 2.73
N ALA C 79 4.05 59.34 3.95
CA ALA C 79 4.84 59.86 5.05
C ALA C 79 4.97 58.78 6.11
N PRO C 80 6.01 58.81 6.93
CA PRO C 80 6.15 57.81 7.99
C PRO C 80 4.99 57.86 8.97
N GLY C 81 4.50 56.69 9.36
CA GLY C 81 3.49 56.59 10.39
C GLY C 81 2.09 56.98 9.96
N GLN C 82 1.76 56.83 8.68
CA GLN C 82 0.46 57.20 8.16
C GLN C 82 -0.36 55.96 7.84
N THR C 83 -1.67 56.09 7.97
CA THR C 83 -2.62 55.06 7.59
C THR C 83 -3.51 55.58 6.46
N GLY C 84 -4.23 54.68 5.83
CA GLY C 84 -5.05 55.00 4.69
C GLY C 84 -4.86 54.01 3.56
N ASN C 85 -5.69 54.18 2.53
CA ASN C 85 -5.73 53.21 1.43
C ASN C 85 -4.37 53.06 0.76
N ILE C 86 -3.72 54.18 0.45
CA ILE C 86 -2.43 54.12 -0.25
C ILE C 86 -1.34 53.65 0.71
N ALA C 87 -1.35 54.15 1.95
CA ALA C 87 -0.31 53.78 2.89
C ALA C 87 -0.42 52.33 3.34
N ASP C 88 -1.65 51.79 3.41
CA ASP C 88 -1.83 50.44 3.91
C ASP C 88 -1.69 49.37 2.83
N TYR C 89 -2.16 49.64 1.62
CA TYR C 89 -2.28 48.60 0.61
C TYR C 89 -1.46 48.85 -0.65
N ASN C 90 -0.75 49.97 -0.77
CA ASN C 90 -0.07 50.28 -2.01
C ASN C 90 1.39 50.67 -1.82
N TYR C 91 1.66 51.73 -1.06
CA TYR C 91 3.02 52.19 -0.83
C TYR C 91 3.17 52.59 0.63
N LYS C 92 4.04 51.88 1.35
CA LYS C 92 4.20 52.05 2.79
C LYS C 92 5.64 52.47 3.09
N LEU C 93 5.78 53.64 3.73
CA LEU C 93 7.08 54.13 4.17
C LEU C 93 7.39 53.66 5.58
N PRO C 94 8.64 53.32 5.87
CA PRO C 94 8.99 52.91 7.23
C PRO C 94 8.94 54.06 8.21
N ASP C 95 8.78 53.72 9.48
CA ASP C 95 8.70 54.76 10.50
C ASP C 95 10.05 55.45 10.72
N ASP C 96 11.15 54.74 10.47
CA ASP C 96 12.49 55.32 10.55
C ASP C 96 12.96 55.87 9.20
N PHE C 97 12.04 56.37 8.38
CA PHE C 97 12.36 56.79 7.02
C PHE C 97 13.25 58.02 7.05
N THR C 98 14.43 57.90 6.46
CA THR C 98 15.36 59.02 6.27
C THR C 98 15.37 59.32 4.78
N GLY C 99 14.52 60.25 4.35
CA GLY C 99 14.41 60.56 2.95
C GLY C 99 13.48 61.73 2.73
N CYS C 100 13.13 61.94 1.45
CA CYS C 100 12.34 63.09 1.05
C CYS C 100 11.25 62.67 0.07
N VAL C 101 10.11 63.33 0.16
CA VAL C 101 8.97 63.08 -0.71
C VAL C 101 8.69 64.36 -1.49
N ILE C 102 8.67 64.25 -2.82
CA ILE C 102 8.37 65.37 -3.70
C ILE C 102 7.10 65.01 -4.46
N ALA C 103 6.01 65.72 -4.16
CA ALA C 103 4.73 65.50 -4.81
C ALA C 103 4.25 66.80 -5.45
N TRP C 104 3.66 66.69 -6.63
CA TRP C 104 3.19 67.88 -7.34
C TRP C 104 2.02 67.51 -8.24
N ASN C 105 1.10 68.46 -8.38
CA ASN C 105 -0.07 68.27 -9.22
C ASN C 105 0.34 67.97 -10.65
N SER C 106 -0.33 66.97 -11.25
CA SER C 106 -0.05 66.57 -12.63
C SER C 106 -1.34 66.45 -13.43
N ASN C 107 -2.33 67.31 -13.14
CA ASN C 107 -3.58 67.29 -13.89
C ASN C 107 -3.35 67.57 -15.36
N LYS C 108 -2.36 68.41 -15.68
CA LYS C 108 -2.04 68.71 -17.07
C LYS C 108 -1.48 67.50 -17.82
N LEU C 109 -0.92 66.53 -17.09
CA LEU C 109 -0.19 65.42 -17.72
C LEU C 109 -0.90 64.08 -17.62
N ASP C 110 -1.68 63.85 -16.55
CA ASP C 110 -2.25 62.52 -16.30
C ASP C 110 -3.77 62.53 -16.31
N SER C 111 -4.38 63.53 -16.93
CA SER C 111 -5.83 63.61 -17.05
C SER C 111 -6.22 63.72 -18.51
N THR C 112 -7.35 63.10 -18.85
CA THR C 112 -7.94 63.16 -20.18
C THR C 112 -9.42 63.49 -20.03
N PRO C 113 -10.04 64.04 -21.08
CA PRO C 113 -11.48 64.32 -20.99
C PRO C 113 -12.30 63.09 -20.68
N SER C 114 -12.03 61.97 -21.36
CA SER C 114 -12.77 60.74 -21.13
C SER C 114 -12.38 60.03 -19.83
N GLY C 115 -11.24 60.40 -19.24
CA GLY C 115 -10.81 59.79 -18.00
C GLY C 115 -9.63 58.84 -18.16
N ASN C 116 -8.57 59.07 -17.41
CA ASN C 116 -7.38 58.24 -17.46
C ASN C 116 -7.59 57.07 -16.51
N TYR C 117 -8.02 55.93 -17.05
CA TYR C 117 -8.21 54.73 -16.26
C TYR C 117 -6.99 53.82 -16.27
N ASN C 118 -5.85 54.29 -16.77
CA ASN C 118 -4.64 53.50 -16.75
C ASN C 118 -3.99 53.50 -15.37
N TYR C 119 -4.02 54.65 -14.68
CA TYR C 119 -3.53 54.72 -13.30
C TYR C 119 -4.48 53.98 -12.38
N ARG C 120 -3.97 53.00 -11.64
CA ARG C 120 -4.79 52.15 -10.80
C ARG C 120 -4.23 52.13 -9.38
N TYR C 121 -5.03 51.58 -8.47
CA TYR C 121 -4.63 51.44 -7.07
C TYR C 121 -5.33 50.23 -6.48
N ARG C 122 -4.75 49.70 -5.41
CA ARG C 122 -5.32 48.55 -4.72
C ARG C 122 -6.35 49.03 -3.71
N LEU C 123 -7.51 48.37 -3.69
CA LEU C 123 -8.61 48.71 -2.81
C LEU C 123 -8.79 47.73 -1.66
N PHE C 124 -8.56 46.44 -1.91
CA PHE C 124 -8.76 45.39 -0.91
C PHE C 124 -7.47 44.63 -0.67
N ARG C 125 -7.24 44.25 0.58
CA ARG C 125 -6.10 43.41 0.95
C ARG C 125 -6.30 42.91 2.38
N LYS C 126 -6.07 41.61 2.60
CA LYS C 126 -6.29 41.02 3.92
C LYS C 126 -5.25 41.48 4.94
N SER C 127 -4.22 42.21 4.53
CA SER C 127 -3.16 42.61 5.45
C SER C 127 -2.57 43.93 4.97
N LYS C 128 -1.95 44.64 5.91
CA LYS C 128 -1.28 45.89 5.57
C LYS C 128 0.12 45.62 5.05
N LEU C 129 0.57 46.47 4.13
CA LEU C 129 1.87 46.29 3.52
C LEU C 129 2.99 46.59 4.50
N LYS C 130 4.07 45.83 4.40
CA LYS C 130 5.30 46.14 5.09
C LYS C 130 6.01 47.28 4.39
N PRO C 131 6.90 48.00 5.10
CA PRO C 131 7.59 49.13 4.47
C PRO C 131 8.33 48.71 3.20
N PHE C 132 8.09 49.46 2.13
CA PHE C 132 8.73 49.28 0.82
C PHE C 132 8.34 47.97 0.15
N GLU C 133 7.26 47.34 0.58
CA GLU C 133 6.78 46.11 -0.04
C GLU C 133 5.83 46.43 -1.20
N ARG C 134 6.03 45.76 -2.32
CA ARG C 134 5.17 45.91 -3.49
C ARG C 134 4.24 44.71 -3.60
N ASP C 135 3.03 44.95 -4.11
CA ASP C 135 2.03 43.91 -4.28
C ASP C 135 1.39 44.08 -5.65
N ILE C 136 1.66 43.16 -6.56
CA ILE C 136 1.05 43.16 -7.89
C ILE C 136 0.08 41.99 -8.06
N SER C 137 -0.38 41.41 -6.95
CA SER C 137 -1.31 40.29 -7.02
C SER C 137 -2.64 40.73 -7.64
N THR C 138 -3.28 39.79 -8.34
CA THR C 138 -4.55 40.04 -9.02
C THR C 138 -5.65 39.11 -8.53
N GLU C 139 -5.46 38.46 -7.39
CA GLU C 139 -6.46 37.55 -6.86
C GLU C 139 -7.73 38.31 -6.45
N ILE C 140 -8.88 37.71 -6.73
CA ILE C 140 -10.15 38.33 -6.36
C ILE C 140 -10.32 38.26 -4.85
N TYR C 141 -10.63 39.40 -4.24
CA TYR C 141 -10.85 39.49 -2.80
C TYR C 141 -12.22 38.91 -2.47
N GLN C 142 -12.25 37.76 -1.81
CA GLN C 142 -13.50 37.16 -1.40
C GLN C 142 -14.16 37.98 -0.31
N ALA C 143 -15.49 37.89 -0.24
CA ALA C 143 -16.22 38.58 0.82
C ALA C 143 -17.46 37.82 1.27
N GLY C 144 -17.75 36.64 0.73
CA GLY C 144 -18.89 35.85 1.15
C GLY C 144 -18.50 34.41 1.42
N ASN C 145 -19.51 33.52 1.46
CA ASN C 145 -19.23 32.10 1.71
C ASN C 145 -18.73 31.40 0.45
N LYS C 146 -19.27 31.76 -0.70
CA LYS C 146 -18.90 31.09 -1.94
C LYS C 146 -17.48 31.43 -2.34
N PRO C 147 -16.70 30.45 -2.80
CA PRO C 147 -15.41 30.78 -3.41
C PRO C 147 -15.62 31.60 -4.67
N CYS C 148 -14.64 32.45 -4.98
CA CYS C 148 -14.76 33.30 -6.16
C CYS C 148 -14.32 32.59 -7.42
N ASN C 149 -13.19 31.86 -7.37
CA ASN C 149 -12.68 31.12 -8.53
C ASN C 149 -12.46 32.04 -9.73
N GLY C 150 -11.99 33.26 -9.46
CA GLY C 150 -11.79 34.25 -10.50
C GLY C 150 -13.02 35.03 -10.88
N VAL C 151 -14.18 34.71 -10.31
CA VAL C 151 -15.42 35.45 -10.62
C VAL C 151 -15.41 36.76 -9.83
N ALA C 152 -15.67 37.85 -10.55
CA ALA C 152 -15.82 39.17 -9.93
C ALA C 152 -17.30 39.52 -9.94
N GLY C 153 -17.96 39.34 -8.80
CA GLY C 153 -19.37 39.64 -8.69
C GLY C 153 -19.74 40.04 -7.27
N PRO C 154 -20.91 39.60 -6.81
CA PRO C 154 -21.33 39.91 -5.44
C PRO C 154 -20.46 39.17 -4.43
N ASN C 155 -20.00 39.88 -3.40
CA ASN C 155 -19.10 39.36 -2.37
C ASN C 155 -17.79 38.84 -2.94
N CYS C 156 -17.45 39.20 -4.18
CA CYS C 156 -16.18 38.84 -4.79
C CYS C 156 -15.69 40.08 -5.53
N TYR C 157 -14.76 40.80 -4.92
CA TYR C 157 -14.37 42.13 -5.39
C TYR C 157 -13.01 42.08 -6.09
N SER C 158 -12.92 42.83 -7.19
CA SER C 158 -11.63 42.97 -7.86
C SER C 158 -10.70 43.80 -6.98
N PRO C 159 -9.45 43.39 -6.80
CA PRO C 159 -8.58 44.08 -5.85
C PRO C 159 -8.09 45.44 -6.33
N LEU C 160 -8.12 45.70 -7.63
CA LEU C 160 -7.58 46.94 -8.19
C LEU C 160 -8.69 47.79 -8.79
N GLN C 161 -8.60 49.10 -8.59
CA GLN C 161 -9.54 50.06 -9.16
C GLN C 161 -8.76 51.16 -9.86
N SER C 162 -9.40 51.78 -10.85
CA SER C 162 -8.80 52.86 -11.61
C SER C 162 -9.29 54.21 -11.08
N TYR C 163 -8.39 55.21 -11.13
CA TYR C 163 -8.77 56.55 -10.71
C TYR C 163 -9.73 57.19 -11.70
N GLY C 164 -9.36 57.21 -12.98
CA GLY C 164 -10.17 57.87 -13.99
C GLY C 164 -10.01 59.37 -13.92
N PHE C 165 -8.77 59.85 -13.93
CA PHE C 165 -8.49 61.27 -13.77
C PHE C 165 -9.07 62.07 -14.93
N ARG C 166 -9.89 63.07 -14.61
CA ARG C 166 -10.44 64.00 -15.57
C ARG C 166 -10.10 65.43 -15.16
N PRO C 167 -9.96 66.34 -16.12
CA PRO C 167 -9.53 67.71 -15.78
C PRO C 167 -10.52 68.44 -14.88
N THR C 168 -11.81 68.08 -14.93
CA THR C 168 -12.84 68.80 -14.21
C THR C 168 -12.89 68.46 -12.73
N TYR C 169 -12.09 67.50 -12.26
CA TYR C 169 -12.13 67.12 -10.86
C TYR C 169 -11.57 68.21 -9.97
N GLY C 170 -11.95 68.17 -8.69
CA GLY C 170 -11.33 69.03 -7.70
C GLY C 170 -9.91 68.60 -7.39
N VAL C 171 -9.19 69.48 -6.70
CA VAL C 171 -7.78 69.22 -6.44
C VAL C 171 -7.58 67.96 -5.61
N GLY C 172 -8.53 67.65 -4.72
CA GLY C 172 -8.44 66.44 -3.93
C GLY C 172 -8.50 65.17 -4.74
N HIS C 173 -9.10 65.23 -5.94
CA HIS C 173 -9.23 64.07 -6.81
C HIS C 173 -8.40 64.19 -8.09
N GLN C 174 -7.59 65.24 -8.20
CA GLN C 174 -6.71 65.40 -9.35
C GLN C 174 -5.45 64.54 -9.17
N PRO C 175 -4.77 64.20 -10.27
CA PRO C 175 -3.57 63.36 -10.15
C PRO C 175 -2.37 64.14 -9.65
N TYR C 176 -1.58 63.49 -8.81
CA TYR C 176 -0.34 64.06 -8.28
C TYR C 176 0.79 63.09 -8.54
N ARG C 177 1.84 63.56 -9.22
CA ARG C 177 3.04 62.75 -9.41
C ARG C 177 3.89 62.83 -8.15
N VAL C 178 4.33 61.68 -7.67
CA VAL C 178 5.08 61.56 -6.43
C VAL C 178 6.41 60.87 -6.72
N VAL C 179 7.48 61.41 -6.16
CA VAL C 179 8.80 60.78 -6.20
C VAL C 179 9.33 60.71 -4.78
N VAL C 180 9.61 59.50 -4.31
CA VAL C 180 10.11 59.26 -2.96
C VAL C 180 11.60 58.98 -3.08
N LEU C 181 12.41 59.89 -2.54
CA LEU C 181 13.87 59.76 -2.59
C LEU C 181 14.35 59.15 -1.28
N SER C 182 15.03 58.01 -1.37
CA SER C 182 15.60 57.33 -0.22
C SER C 182 17.12 57.39 -0.31
N PHE C 183 17.76 57.81 0.78
CA PHE C 183 19.20 58.01 0.83
C PHE C 183 19.83 56.87 1.62
N GLU C 184 20.47 55.94 0.91
CA GLU C 184 20.96 54.71 1.50
C GLU C 184 22.40 54.90 1.99
N LEU C 185 22.63 54.60 3.27
CA LEU C 185 23.95 54.66 3.88
C LEU C 185 24.30 53.26 4.39
N LEU C 186 24.96 52.49 3.54
CA LEU C 186 25.47 51.17 3.91
C LEU C 186 26.96 51.24 4.18
N HIS C 187 27.49 50.17 4.80
CA HIS C 187 28.92 50.08 5.05
C HIS C 187 29.60 49.71 3.73
N ALA C 188 29.77 50.72 2.88
CA ALA C 188 30.33 50.55 1.55
C ALA C 188 30.76 51.91 1.04
N PRO C 189 31.65 51.95 0.05
CA PRO C 189 32.07 53.24 -0.51
C PRO C 189 30.88 54.03 -1.05
N ALA C 190 30.96 55.35 -0.90
CA ALA C 190 29.91 56.22 -1.41
C ALA C 190 30.00 56.33 -2.91
N THR C 191 28.83 56.31 -3.57
CA THR C 191 28.76 56.43 -5.01
C THR C 191 28.00 57.66 -5.48
N VAL C 192 27.25 58.34 -4.60
CA VAL C 192 26.47 59.50 -4.95
C VAL C 192 26.87 60.63 -4.00
N CYS C 193 27.48 61.68 -4.55
CA CYS C 193 27.85 62.86 -3.79
C CYS C 193 27.21 64.10 -4.40
N GLY C 194 27.08 65.14 -3.59
CA GLY C 194 26.60 66.41 -4.06
C GLY C 194 27.65 67.12 -4.90
N PRO C 195 27.27 68.22 -5.55
CA PRO C 195 28.24 68.98 -6.34
C PRO C 195 29.37 69.56 -5.52
N LYS C 196 29.17 69.76 -4.22
CA LYS C 196 30.20 70.29 -3.33
C LYS C 196 31.01 69.20 -2.65
N LYS C 197 30.58 67.94 -2.75
CA LYS C 197 31.26 66.80 -2.13
C LYS C 197 31.54 67.04 -0.63
N GLN D 1 22.47 36.88 -23.03
CA GLN D 1 21.64 35.92 -22.31
C GLN D 1 21.82 36.07 -20.80
N VAL D 2 20.70 36.25 -20.09
CA VAL D 2 20.71 36.36 -18.63
C VAL D 2 20.86 34.95 -18.08
N GLN D 3 22.06 34.62 -17.61
CA GLN D 3 22.36 33.26 -17.18
C GLN D 3 23.33 33.29 -16.01
N LEU D 4 23.30 32.23 -15.21
CA LEU D 4 24.23 32.03 -14.11
C LEU D 4 25.01 30.75 -14.39
N VAL D 5 26.33 30.87 -14.50
CA VAL D 5 27.21 29.76 -14.80
C VAL D 5 28.10 29.51 -13.59
N GLN D 6 28.03 28.29 -13.05
CA GLN D 6 28.76 27.94 -11.84
C GLN D 6 30.02 27.15 -12.18
N SER D 7 30.87 26.98 -11.16
CA SER D 7 32.11 26.24 -11.31
C SER D 7 31.84 24.74 -11.35
N GLY D 8 32.88 23.97 -11.69
CA GLY D 8 32.75 22.54 -11.84
C GLY D 8 32.69 21.80 -10.52
N ALA D 9 32.43 20.49 -10.64
CA ALA D 9 32.25 19.66 -9.45
C ALA D 9 33.52 19.60 -8.62
N GLU D 10 33.35 19.32 -7.33
CA GLU D 10 34.45 19.27 -6.37
C GLU D 10 34.33 18.00 -5.55
N VAL D 11 35.48 17.38 -5.27
CA VAL D 11 35.58 16.22 -4.40
C VAL D 11 36.56 16.58 -3.30
N LYS D 12 36.07 16.69 -2.06
CA LYS D 12 36.86 17.11 -0.93
C LYS D 12 36.80 16.07 0.18
N LYS D 13 37.75 16.16 1.11
CA LYS D 13 37.82 15.30 2.27
C LYS D 13 37.18 15.96 3.48
N PRO D 14 36.71 15.18 4.45
CA PRO D 14 36.10 15.78 5.64
C PRO D 14 37.06 16.72 6.35
N GLY D 15 36.54 17.87 6.78
CA GLY D 15 37.32 18.89 7.42
C GLY D 15 38.01 19.86 6.49
N ALA D 16 37.90 19.66 5.18
CA ALA D 16 38.51 20.56 4.22
C ALA D 16 37.53 21.69 3.89
N SER D 17 37.89 22.55 2.94
CA SER D 17 37.04 23.65 2.52
C SER D 17 36.84 23.57 1.01
N VAL D 18 35.75 24.17 0.55
CA VAL D 18 35.44 24.24 -0.87
C VAL D 18 34.92 25.64 -1.17
N LYS D 19 35.36 26.22 -2.28
CA LYS D 19 34.95 27.55 -2.71
C LYS D 19 34.32 27.44 -4.09
N VAL D 20 33.00 27.53 -4.15
CA VAL D 20 32.26 27.44 -5.39
C VAL D 20 32.02 28.85 -5.92
N SER D 21 32.17 29.02 -7.24
CA SER D 21 31.95 30.29 -7.89
C SER D 21 30.64 30.28 -8.67
N CYS D 22 30.22 31.48 -9.08
CA CYS D 22 28.95 31.65 -9.78
C CYS D 22 29.04 32.97 -10.56
N LYS D 23 29.31 32.87 -11.86
CA LYS D 23 29.51 34.06 -12.69
C LYS D 23 28.20 34.44 -13.36
N ALA D 24 27.85 35.72 -13.27
CA ALA D 24 26.60 36.24 -13.83
C ALA D 24 26.88 37.01 -15.11
N SER D 25 25.99 36.87 -16.09
CA SER D 25 26.12 37.57 -17.35
C SER D 25 24.72 37.87 -17.90
N GLY D 26 24.66 38.85 -18.80
CA GLY D 26 23.40 39.24 -19.40
C GLY D 26 22.65 40.33 -18.67
N TYR D 27 23.13 40.77 -17.51
CA TYR D 27 22.47 41.81 -16.75
C TYR D 27 23.52 42.49 -15.86
N THR D 28 23.11 43.53 -15.15
CA THR D 28 24.00 44.24 -14.25
C THR D 28 24.12 43.47 -12.94
N PHE D 29 25.33 43.01 -12.64
CA PHE D 29 25.54 42.09 -11.52
C PHE D 29 25.10 42.69 -10.18
N THR D 30 25.23 44.01 -10.01
CA THR D 30 24.92 44.65 -8.74
C THR D 30 23.44 44.98 -8.58
N ASP D 31 22.58 44.60 -9.53
CA ASP D 31 21.19 44.99 -9.46
C ASP D 31 20.36 44.04 -8.63
N TYR D 32 20.74 42.76 -8.57
CA TYR D 32 19.93 41.75 -7.91
C TYR D 32 20.77 41.02 -6.86
N PHE D 33 20.11 40.61 -5.78
CA PHE D 33 20.75 39.76 -4.81
C PHE D 33 20.98 38.37 -5.41
N LEU D 34 21.81 37.58 -4.72
CA LEU D 34 22.05 36.20 -5.12
C LEU D 34 21.83 35.29 -3.92
N HIS D 35 21.02 34.26 -4.12
CA HIS D 35 20.75 33.26 -3.09
C HIS D 35 21.58 32.01 -3.36
N TRP D 36 21.94 31.32 -2.29
CA TRP D 36 22.63 30.04 -2.38
C TRP D 36 21.74 28.97 -1.77
N VAL D 37 21.37 27.97 -2.58
CA VAL D 37 20.51 26.88 -2.17
C VAL D 37 21.22 25.57 -2.48
N ARG D 38 21.18 24.63 -1.54
CA ARG D 38 21.79 23.32 -1.72
C ARG D 38 20.74 22.23 -1.59
N GLN D 39 21.05 21.07 -2.15
CA GLN D 39 20.11 19.95 -2.20
C GLN D 39 20.87 18.65 -2.00
N ALA D 40 20.69 18.03 -0.83
CA ALA D 40 21.28 16.73 -0.59
C ALA D 40 20.67 15.69 -1.54
N PRO D 41 21.40 14.62 -1.86
CA PRO D 41 20.87 13.61 -2.79
C PRO D 41 19.52 13.06 -2.37
N GLY D 42 18.52 13.26 -3.21
CA GLY D 42 17.18 12.76 -2.92
C GLY D 42 16.46 13.50 -1.82
N GLN D 43 16.90 14.70 -1.46
CA GLN D 43 16.31 15.47 -0.38
C GLN D 43 15.82 16.81 -0.91
N GLY D 44 15.20 17.59 -0.02
CA GLY D 44 14.60 18.86 -0.40
C GLY D 44 15.64 19.94 -0.66
N LEU D 45 15.12 21.15 -0.85
CA LEU D 45 15.95 22.32 -1.11
C LEU D 45 16.23 23.04 0.21
N GLU D 46 17.48 23.39 0.44
CA GLU D 46 17.91 24.05 1.68
C GLU D 46 18.54 25.39 1.34
N TRP D 47 17.97 26.46 1.88
CA TRP D 47 18.48 27.80 1.66
C TRP D 47 19.66 28.07 2.59
N MET D 48 20.75 28.58 2.03
CA MET D 48 21.95 28.87 2.81
C MET D 48 22.11 30.34 3.15
N GLY D 49 21.65 31.23 2.29
CA GLY D 49 21.76 32.65 2.55
C GLY D 49 21.72 33.44 1.27
N TRP D 50 21.57 34.76 1.42
CA TRP D 50 21.70 35.67 0.29
C TRP D 50 22.88 36.60 0.50
N ILE D 51 23.36 37.15 -0.61
CA ILE D 51 24.45 38.13 -0.60
C ILE D 51 24.03 39.29 -1.50
N ASN D 52 24.38 40.51 -1.09
CA ASN D 52 24.12 41.70 -1.88
C ASN D 52 25.35 42.04 -2.71
N PRO D 53 25.33 41.74 -4.01
CA PRO D 53 26.51 42.00 -4.86
C PRO D 53 26.88 43.47 -4.99
N ASP D 54 26.02 44.38 -4.56
CA ASP D 54 26.33 45.81 -4.63
C ASP D 54 27.13 46.28 -3.42
N SER D 55 26.78 45.79 -2.23
CA SER D 55 27.42 46.23 -1.00
C SER D 55 28.28 45.18 -0.32
N GLY D 56 28.14 43.91 -0.70
CA GLY D 56 28.82 42.84 -0.01
C GLY D 56 28.11 42.34 1.24
N GLY D 57 27.00 42.96 1.62
CA GLY D 57 26.26 42.49 2.77
C GLY D 57 25.63 41.14 2.53
N THR D 58 25.45 40.39 3.62
CA THR D 58 24.97 39.02 3.54
C THR D 58 23.91 38.78 4.60
N ASN D 59 23.25 37.62 4.49
CA ASN D 59 22.35 37.13 5.52
C ASN D 59 22.46 35.61 5.49
N TYR D 60 23.27 35.06 6.39
CA TYR D 60 23.44 33.61 6.46
C TYR D 60 22.32 32.99 7.28
N ALA D 61 21.90 31.79 6.87
CA ALA D 61 20.96 31.04 7.67
C ALA D 61 21.60 30.61 8.98
N GLN D 62 20.75 30.34 9.98
CA GLN D 62 21.25 29.96 11.30
C GLN D 62 22.14 28.74 11.22
N ARG D 63 21.79 27.78 10.37
CA ARG D 63 22.52 26.51 10.31
C ARG D 63 23.94 26.69 9.80
N PHE D 64 24.18 27.68 8.94
CA PHE D 64 25.47 27.86 8.30
C PHE D 64 26.25 29.07 8.81
N GLN D 65 25.68 29.85 9.72
CA GLN D 65 26.39 30.98 10.29
C GLN D 65 27.60 30.49 11.08
N GLY D 66 28.80 30.75 10.56
CA GLY D 66 30.02 30.29 11.21
C GLY D 66 30.92 29.48 10.31
N ARG D 67 30.34 28.61 9.50
CA ARG D 67 31.11 27.77 8.59
C ARG D 67 31.07 28.25 7.14
N VAL D 68 30.24 29.24 6.83
CA VAL D 68 29.97 29.63 5.45
C VAL D 68 30.28 31.11 5.28
N THR D 69 30.93 31.45 4.17
CA THR D 69 31.26 32.84 3.83
C THR D 69 30.92 33.10 2.37
N MET D 70 30.18 34.16 2.12
CA MET D 70 29.80 34.57 0.77
C MET D 70 30.48 35.88 0.43
N THR D 71 31.17 35.91 -0.71
CA THR D 71 31.88 37.10 -1.17
C THR D 71 31.48 37.39 -2.62
N ARG D 72 32.08 38.44 -3.17
CA ARG D 72 31.73 38.90 -4.50
C ARG D 72 32.95 39.51 -5.16
N ASP D 73 32.96 39.50 -6.50
CA ASP D 73 33.95 40.20 -7.30
C ASP D 73 33.17 40.92 -8.40
N THR D 74 32.84 42.18 -8.16
CA THR D 74 32.03 42.94 -9.12
C THR D 74 32.74 43.11 -10.44
N SER D 75 34.07 43.22 -10.42
CA SER D 75 34.83 43.47 -11.64
C SER D 75 34.68 42.33 -12.65
N ILE D 76 34.45 41.10 -12.16
CA ILE D 76 34.25 39.95 -13.03
C ILE D 76 32.85 39.35 -12.90
N SER D 77 31.97 40.00 -12.12
CA SER D 77 30.57 39.59 -11.99
C SER D 77 30.46 38.15 -11.50
N THR D 78 31.21 37.81 -10.47
CA THR D 78 31.23 36.46 -9.92
C THR D 78 31.00 36.51 -8.42
N ALA D 79 30.11 35.66 -7.93
CA ALA D 79 29.87 35.48 -6.50
C ALA D 79 30.47 34.15 -6.05
N TYR D 80 31.02 34.14 -4.84
CA TYR D 80 31.69 32.97 -4.31
C TYR D 80 30.99 32.48 -3.06
N MET D 81 30.87 31.16 -2.96
CA MET D 81 30.38 30.48 -1.76
C MET D 81 31.49 29.58 -1.25
N GLU D 82 31.86 29.74 0.01
CA GLU D 82 32.94 28.97 0.61
C GLU D 82 32.45 28.32 1.90
N VAL D 83 32.47 26.99 1.92
CA VAL D 83 32.12 26.22 3.10
C VAL D 83 33.40 25.70 3.73
N SER D 84 33.50 25.84 5.04
CA SER D 84 34.68 25.40 5.79
C SER D 84 34.32 24.23 6.68
N ARG D 85 35.34 23.45 7.04
CA ARG D 85 35.20 22.29 7.91
C ARG D 85 34.09 21.37 7.40
N LEU D 86 34.31 20.86 6.18
CA LEU D 86 33.30 20.07 5.50
C LEU D 86 32.99 18.79 6.25
N ARG D 87 31.71 18.46 6.31
CA ARG D 87 31.22 17.22 6.91
C ARG D 87 30.62 16.34 5.81
N SER D 88 30.34 15.08 6.19
CA SER D 88 29.77 14.15 5.22
C SER D 88 28.39 14.59 4.75
N ASP D 89 27.61 15.24 5.64
CA ASP D 89 26.27 15.69 5.27
C ASP D 89 26.29 16.94 4.39
N ASP D 90 27.45 17.55 4.17
CA ASP D 90 27.55 18.65 3.23
C ASP D 90 27.51 18.18 1.78
N THR D 91 27.56 16.88 1.53
CA THR D 91 27.49 16.34 0.18
C THR D 91 26.15 16.70 -0.44
N ALA D 92 26.15 17.59 -1.42
CA ALA D 92 24.91 18.08 -2.03
C ALA D 92 25.25 18.81 -3.31
N VAL D 93 24.20 19.20 -4.03
CA VAL D 93 24.33 20.06 -5.20
C VAL D 93 24.06 21.49 -4.75
N TYR D 94 25.06 22.36 -4.90
CA TYR D 94 24.97 23.73 -4.43
C TYR D 94 24.62 24.65 -5.60
N TYR D 95 23.49 25.34 -5.49
CA TYR D 95 23.00 26.23 -6.52
C TYR D 95 23.21 27.69 -6.13
N CYS D 96 23.35 28.55 -7.14
CA CYS D 96 23.22 29.99 -6.98
C CYS D 96 22.03 30.45 -7.78
N ALA D 97 21.17 31.25 -7.16
CA ALA D 97 19.95 31.74 -7.80
C ALA D 97 19.85 33.24 -7.62
N ARG D 98 19.26 33.90 -8.61
CA ARG D 98 19.13 35.35 -8.59
C ARG D 98 17.80 35.76 -7.96
N ASP D 99 17.86 36.65 -6.97
CA ASP D 99 16.66 37.23 -6.42
C ASP D 99 15.91 37.99 -7.51
N ASN D 100 14.63 37.69 -7.68
CA ASN D 100 13.89 38.21 -8.82
C ASN D 100 13.49 39.68 -8.66
N GLU D 101 13.72 40.29 -7.50
CA GLU D 101 13.37 41.68 -7.27
C GLU D 101 14.60 42.56 -7.49
N ARG D 102 14.44 43.59 -8.32
CA ARG D 102 15.53 44.48 -8.67
C ARG D 102 15.61 45.64 -7.69
N TYR D 103 16.83 46.14 -7.50
CA TYR D 103 17.09 47.37 -6.72
C TYR D 103 16.57 47.24 -5.28
N GLN D 104 16.86 46.11 -4.66
CA GLN D 104 16.44 45.89 -3.28
C GLN D 104 17.19 46.83 -2.35
N MET D 105 16.47 47.35 -1.35
CA MET D 105 17.09 48.08 -0.25
C MET D 105 17.49 47.08 0.83
N GLN D 106 18.78 47.08 1.18
CA GLN D 106 19.32 46.03 2.03
C GLN D 106 18.66 46.02 3.41
N ASN D 107 18.33 47.19 3.94
CA ASN D 107 17.70 47.30 5.25
C ASN D 107 16.19 47.17 5.19
N TYR D 108 15.62 46.97 4.00
CA TYR D 108 14.18 46.77 3.84
C TYR D 108 13.95 45.68 2.80
N TYR D 109 14.60 44.55 2.98
CA TYR D 109 14.57 43.48 1.99
C TYR D 109 13.22 42.76 2.00
N HIS D 110 12.77 42.38 0.81
CA HIS D 110 11.56 41.58 0.65
C HIS D 110 11.83 40.47 -0.36
N TYR D 111 11.57 39.23 0.03
CA TYR D 111 11.83 38.07 -0.81
C TYR D 111 10.58 37.70 -1.60
N TYR D 112 10.67 37.78 -2.92
CA TYR D 112 9.56 37.41 -3.79
C TYR D 112 9.82 36.17 -4.62
N GLY D 113 11.07 35.81 -4.87
CA GLY D 113 11.36 34.61 -5.62
C GLY D 113 12.79 34.60 -6.14
N MET D 114 13.12 33.48 -6.77
CA MET D 114 14.42 33.28 -7.43
C MET D 114 14.14 32.90 -8.87
N ASP D 115 14.41 33.83 -9.80
CA ASP D 115 14.00 33.63 -11.18
C ASP D 115 15.05 32.90 -12.02
N VAL D 116 16.31 33.31 -11.93
CA VAL D 116 17.40 32.73 -12.71
C VAL D 116 18.20 31.79 -11.81
N TRP D 117 18.47 30.59 -12.30
CA TRP D 117 19.17 29.56 -11.55
C TRP D 117 20.39 29.07 -12.32
N GLY D 118 21.50 28.88 -11.60
CA GLY D 118 22.66 28.23 -12.17
C GLY D 118 22.46 26.74 -12.33
N GLN D 119 23.39 26.11 -13.04
CA GLN D 119 23.28 24.68 -13.29
C GLN D 119 23.61 23.82 -12.08
N GLY D 120 24.18 24.41 -11.03
CA GLY D 120 24.50 23.66 -9.83
C GLY D 120 25.95 23.18 -9.84
N THR D 121 26.45 22.93 -8.62
CA THR D 121 27.79 22.41 -8.42
C THR D 121 27.71 21.26 -7.43
N THR D 122 28.22 20.09 -7.83
CA THR D 122 28.21 18.91 -6.97
C THR D 122 29.46 18.94 -6.09
N VAL D 123 29.24 18.90 -4.78
CA VAL D 123 30.32 18.83 -3.80
C VAL D 123 30.14 17.52 -3.04
N THR D 124 31.11 16.62 -3.17
CA THR D 124 31.09 15.33 -2.48
C THR D 124 32.20 15.32 -1.43
N VAL D 125 31.83 14.93 -0.21
CA VAL D 125 32.76 14.90 0.92
C VAL D 125 33.02 13.44 1.26
N VAL D 126 34.13 12.90 0.76
CA VAL D 126 34.53 11.52 1.01
C VAL D 126 36.01 11.50 1.37
N SER D 127 36.39 10.50 2.18
CA SER D 127 37.76 10.38 2.64
C SER D 127 38.64 9.58 1.69
N ARG D 128 38.05 8.71 0.86
CA ARG D 128 38.80 7.85 -0.03
C ARG D 128 38.20 7.93 -1.43
N ARG D 129 39.03 7.62 -2.43
CA ARG D 129 38.63 7.62 -3.83
C ARG D 129 39.21 6.39 -4.49
N LEU D 130 38.36 5.42 -4.84
CA LEU D 130 38.80 4.14 -5.39
C LEU D 130 38.41 4.03 -6.86
N PRO D 131 39.35 3.69 -7.74
CA PRO D 131 39.03 3.58 -9.17
C PRO D 131 38.29 2.29 -9.47
N PRO D 132 37.61 2.21 -10.61
CA PRO D 132 36.86 1.00 -10.95
C PRO D 132 37.68 -0.02 -11.71
N SER D 133 37.14 -1.24 -11.76
CA SER D 133 37.67 -2.32 -12.59
C SER D 133 36.66 -2.58 -13.70
N VAL D 134 37.06 -2.31 -14.94
CA VAL D 134 36.18 -2.41 -16.09
C VAL D 134 36.32 -3.79 -16.72
N PHE D 135 35.19 -4.48 -16.87
CA PHE D 135 35.14 -5.79 -17.50
C PHE D 135 34.12 -5.78 -18.63
N PRO D 136 34.40 -6.48 -19.73
CA PRO D 136 33.48 -6.45 -20.88
C PRO D 136 32.32 -7.43 -20.71
N LEU D 137 31.14 -6.98 -21.13
CA LEU D 137 29.96 -7.83 -21.22
C LEU D 137 29.79 -8.17 -22.69
N ALA D 138 30.45 -9.26 -23.11
CA ALA D 138 30.54 -9.58 -24.52
C ALA D 138 29.17 -9.96 -25.10
N PRO D 139 28.97 -9.76 -26.40
CA PRO D 139 27.69 -10.12 -27.01
C PRO D 139 27.54 -11.64 -27.12
N SER D 140 26.31 -12.10 -26.92
CA SER D 140 26.02 -13.53 -26.97
C SER D 140 26.00 -14.02 -28.41
N SER D 141 26.56 -15.23 -28.63
CA SER D 141 26.47 -15.85 -29.94
C SER D 141 25.05 -16.32 -30.24
N LYS D 142 24.23 -16.52 -29.22
CA LYS D 142 22.83 -16.89 -29.43
C LYS D 142 22.07 -15.70 -30.00
N SER D 143 21.39 -15.92 -31.13
CA SER D 143 20.76 -14.85 -31.88
C SER D 143 19.45 -14.43 -31.23
N THR D 144 18.84 -13.39 -31.79
CA THR D 144 17.59 -12.83 -31.30
C THR D 144 16.61 -12.69 -32.45
N SER D 145 15.34 -12.41 -32.10
CA SER D 145 14.30 -12.26 -33.11
C SER D 145 14.42 -10.94 -33.86
N GLY D 146 14.78 -9.86 -33.17
CA GLY D 146 14.93 -8.57 -33.80
C GLY D 146 16.22 -8.34 -34.56
N GLY D 147 17.07 -9.35 -34.68
CA GLY D 147 18.35 -9.18 -35.35
C GLY D 147 19.31 -8.28 -34.63
N THR D 148 19.19 -8.20 -33.31
CA THR D 148 20.01 -7.32 -32.49
C THR D 148 20.93 -8.14 -31.58
N ALA D 149 21.97 -7.48 -31.10
CA ALA D 149 22.94 -8.09 -30.20
C ALA D 149 23.13 -7.18 -28.98
N ALA D 150 23.13 -7.78 -27.80
CA ALA D 150 23.27 -7.05 -26.54
C ALA D 150 24.70 -7.26 -26.04
N LEU D 151 25.54 -6.24 -26.20
CA LEU D 151 26.86 -6.22 -25.62
C LEU D 151 26.96 -5.07 -24.63
N GLY D 152 27.86 -5.19 -23.68
CA GLY D 152 27.89 -4.22 -22.61
C GLY D 152 29.24 -3.99 -21.96
N CYS D 153 29.22 -3.30 -20.82
CA CYS D 153 30.43 -2.88 -20.12
C CYS D 153 30.15 -2.89 -18.63
N LEU D 154 30.93 -3.63 -17.86
CA LEU D 154 30.73 -3.75 -16.42
C LEU D 154 31.76 -2.88 -15.71
N VAL D 155 31.27 -1.94 -14.89
CA VAL D 155 32.10 -1.04 -14.11
C VAL D 155 31.90 -1.39 -12.65
N LYS D 156 32.93 -1.95 -12.03
CA LYS D 156 32.81 -2.56 -10.72
C LYS D 156 33.74 -1.89 -9.72
N ASP D 157 33.23 -1.71 -8.49
CA ASP D 157 34.02 -1.33 -7.32
C ASP D 157 34.74 0.01 -7.54
N TYR D 158 33.93 1.07 -7.66
CA TYR D 158 34.45 2.42 -7.72
C TYR D 158 33.81 3.26 -6.62
N PHE D 159 34.51 4.33 -6.25
CA PHE D 159 34.04 5.22 -5.19
C PHE D 159 34.72 6.57 -5.31
N PRO D 160 33.96 7.67 -5.21
CA PRO D 160 32.51 7.74 -5.07
C PRO D 160 31.83 7.84 -6.43
N GLU D 161 30.54 8.20 -6.47
CA GLU D 161 29.91 8.54 -7.72
C GLU D 161 30.50 9.84 -8.27
N PRO D 162 30.37 10.10 -9.58
CA PRO D 162 29.72 9.29 -10.61
C PRO D 162 30.69 8.65 -11.59
N VAL D 163 30.18 7.76 -12.45
CA VAL D 163 30.93 7.20 -13.57
C VAL D 163 30.14 7.47 -14.84
N THR D 164 30.79 8.06 -15.84
CA THR D 164 30.18 8.31 -17.14
C THR D 164 30.80 7.38 -18.16
N VAL D 165 29.95 6.72 -18.94
CA VAL D 165 30.38 5.74 -19.95
C VAL D 165 29.90 6.21 -21.31
N SER D 166 30.80 6.16 -22.29
CA SER D 166 30.46 6.42 -23.68
C SER D 166 30.91 5.23 -24.52
N TRP D 167 30.41 5.15 -25.75
CA TRP D 167 30.71 4.05 -26.64
C TRP D 167 31.32 4.58 -27.93
N ASN D 168 32.51 4.07 -28.27
CA ASN D 168 33.24 4.46 -29.47
C ASN D 168 33.54 5.96 -29.47
N SER D 169 33.95 6.48 -28.31
CA SER D 169 34.37 7.87 -28.16
C SER D 169 33.29 8.84 -28.64
N GLY D 170 32.06 8.59 -28.20
CA GLY D 170 30.93 9.43 -28.55
C GLY D 170 30.32 9.17 -29.91
N ALA D 171 30.98 8.38 -30.77
CA ALA D 171 30.42 8.09 -32.08
C ALA D 171 29.15 7.25 -31.97
N LEU D 172 29.16 6.24 -31.09
CA LEU D 172 28.03 5.35 -30.92
C LEU D 172 27.14 5.90 -29.80
N THR D 173 25.94 6.35 -30.16
CA THR D 173 24.99 6.88 -29.19
C THR D 173 23.62 6.20 -29.23
N SER D 174 23.27 5.54 -30.32
CA SER D 174 21.97 4.90 -30.44
C SER D 174 21.97 3.54 -29.76
N GLY D 175 20.86 3.23 -29.09
CA GLY D 175 20.74 1.97 -28.38
C GLY D 175 21.56 1.87 -27.12
N VAL D 176 22.12 2.97 -26.64
CA VAL D 176 22.95 2.98 -25.44
C VAL D 176 22.05 3.20 -24.22
N HIS D 177 22.35 2.47 -23.15
CA HIS D 177 21.64 2.66 -21.88
C HIS D 177 22.61 2.32 -20.76
N THR D 178 23.02 3.33 -20.00
CA THR D 178 23.89 3.15 -18.85
C THR D 178 23.01 3.10 -17.60
N PHE D 179 22.89 1.92 -17.01
CA PHE D 179 21.98 1.73 -15.89
C PHE D 179 22.49 2.48 -14.66
N PRO D 180 21.58 2.87 -13.76
CA PRO D 180 22.01 3.46 -12.49
C PRO D 180 22.81 2.46 -11.67
N ALA D 181 23.71 2.99 -10.85
CA ALA D 181 24.61 2.14 -10.08
C ALA D 181 23.91 1.52 -8.89
N VAL D 182 24.51 0.44 -8.38
CA VAL D 182 24.05 -0.21 -7.16
C VAL D 182 25.04 0.13 -6.04
N LEU D 183 24.49 0.44 -4.86
CA LEU D 183 25.31 0.71 -3.69
C LEU D 183 25.52 -0.61 -2.96
N GLN D 184 26.71 -1.19 -3.11
CA GLN D 184 27.01 -2.47 -2.51
C GLN D 184 27.05 -2.36 -0.99
N SER D 185 26.96 -3.53 -0.33
CA SER D 185 27.12 -3.57 1.12
C SER D 185 28.54 -3.19 1.53
N SER D 186 29.50 -3.29 0.62
CA SER D 186 30.88 -2.88 0.88
C SER D 186 31.06 -1.37 0.76
N GLY D 187 29.99 -0.61 0.58
CA GLY D 187 30.09 0.82 0.39
C GLY D 187 30.59 1.26 -0.97
N LEU D 188 30.86 0.33 -1.88
CA LEU D 188 31.32 0.65 -3.22
C LEU D 188 30.15 0.65 -4.19
N TYR D 189 30.39 1.23 -5.37
CA TYR D 189 29.38 1.35 -6.41
C TYR D 189 29.76 0.49 -7.62
N SER D 190 28.73 0.05 -8.34
CA SER D 190 28.92 -0.73 -9.56
C SER D 190 27.74 -0.48 -10.50
N LEU D 191 28.04 -0.15 -11.75
CA LEU D 191 27.02 0.03 -12.77
C LEU D 191 27.38 -0.78 -14.00
N SER D 192 26.46 -0.78 -14.97
CA SER D 192 26.66 -1.47 -16.24
C SER D 192 26.12 -0.61 -17.36
N SER D 193 26.81 -0.62 -18.49
CA SER D 193 26.40 0.11 -19.68
C SER D 193 26.28 -0.88 -20.83
N VAL D 194 25.15 -0.83 -21.54
CA VAL D 194 24.85 -1.78 -22.61
C VAL D 194 24.36 -1.01 -23.83
N VAL D 195 24.85 -1.40 -25.01
CA VAL D 195 24.37 -0.87 -26.28
C VAL D 195 23.83 -2.02 -27.10
N THR D 196 22.69 -1.80 -27.74
CA THR D 196 22.07 -2.78 -28.62
C THR D 196 22.46 -2.48 -30.06
N VAL D 197 23.14 -3.43 -30.69
CA VAL D 197 23.69 -3.21 -32.04
C VAL D 197 23.15 -4.32 -32.93
N PRO D 198 23.14 -4.09 -34.25
CA PRO D 198 22.78 -5.17 -35.18
C PRO D 198 23.82 -6.28 -35.14
N SER D 199 23.32 -7.53 -35.10
CA SER D 199 24.22 -8.68 -35.08
C SER D 199 25.08 -8.76 -36.33
N SER D 200 24.65 -8.14 -37.43
CA SER D 200 25.42 -8.19 -38.67
C SER D 200 26.68 -7.35 -38.60
N SER D 201 26.78 -6.44 -37.63
CA SER D 201 27.96 -5.60 -37.49
C SER D 201 28.98 -6.17 -36.51
N LEU D 202 28.69 -7.32 -35.89
CA LEU D 202 29.62 -7.93 -34.94
C LEU D 202 30.90 -8.40 -35.58
N GLY D 203 30.97 -8.48 -36.91
CA GLY D 203 32.17 -8.93 -37.59
C GLY D 203 32.86 -7.85 -38.38
N THR D 204 32.27 -6.64 -38.39
CA THR D 204 32.84 -5.53 -39.13
C THR D 204 33.03 -4.26 -38.29
N GLN D 205 32.54 -4.22 -37.06
CA GLN D 205 32.58 -3.03 -36.23
C GLN D 205 33.22 -3.34 -34.89
N THR D 206 34.11 -2.44 -34.45
CA THR D 206 34.67 -2.51 -33.11
C THR D 206 33.75 -1.78 -32.13
N TYR D 207 33.67 -2.31 -30.91
CA TYR D 207 32.87 -1.70 -29.85
C TYR D 207 33.74 -1.53 -28.62
N ILE D 208 33.91 -0.29 -28.18
CA ILE D 208 34.76 0.06 -27.06
C ILE D 208 33.97 0.96 -26.12
N CYS D 209 33.92 0.59 -24.85
CA CYS D 209 33.29 1.44 -23.83
C CYS D 209 34.35 2.29 -23.16
N ASN D 210 34.10 3.59 -23.08
CA ASN D 210 35.02 4.55 -22.48
C ASN D 210 34.50 4.90 -21.10
N VAL D 211 35.08 4.29 -20.07
CA VAL D 211 34.67 4.52 -18.69
C VAL D 211 35.51 5.66 -18.11
N ASN D 212 34.84 6.67 -17.57
CA ASN D 212 35.51 7.84 -17.00
C ASN D 212 35.07 8.00 -15.55
N HIS D 213 36.03 7.91 -14.64
CA HIS D 213 35.79 8.11 -13.20
C HIS D 213 36.64 9.30 -12.77
N LYS D 214 36.08 10.51 -12.96
CA LYS D 214 36.82 11.72 -12.64
C LYS D 214 37.23 11.85 -11.18
N PRO D 215 36.45 11.38 -10.18
CA PRO D 215 36.93 11.47 -8.79
C PRO D 215 38.31 10.87 -8.56
N SER D 216 38.70 9.85 -9.33
CA SER D 216 40.02 9.25 -9.20
C SER D 216 40.90 9.50 -10.42
N ASN D 217 40.47 10.39 -11.32
CA ASN D 217 41.19 10.67 -12.57
C ASN D 217 41.52 9.37 -13.30
N THR D 218 40.49 8.58 -13.56
CA THR D 218 40.62 7.28 -14.20
C THR D 218 39.85 7.29 -15.51
N LYS D 219 40.53 6.98 -16.61
CA LYS D 219 39.90 6.80 -17.91
C LYS D 219 40.32 5.45 -18.46
N VAL D 220 39.35 4.60 -18.76
CA VAL D 220 39.60 3.24 -19.24
C VAL D 220 38.82 3.04 -20.53
N ASP D 221 39.50 2.55 -21.57
CA ASP D 221 38.88 2.17 -22.82
C ASP D 221 38.97 0.65 -22.95
N LYS D 222 37.81 -0.01 -22.94
CA LYS D 222 37.73 -1.47 -22.96
C LYS D 222 37.02 -1.94 -24.22
N LYS D 223 37.67 -2.82 -24.98
CA LYS D 223 37.08 -3.37 -26.18
C LYS D 223 36.14 -4.51 -25.82
N VAL D 224 34.94 -4.48 -26.37
CA VAL D 224 33.93 -5.53 -26.16
C VAL D 224 33.78 -6.27 -27.48
N GLU D 225 34.16 -7.55 -27.49
CA GLU D 225 34.22 -8.33 -28.71
C GLU D 225 33.62 -9.71 -28.47
N PRO D 226 33.12 -10.36 -29.52
CA PRO D 226 32.64 -11.74 -29.36
C PRO D 226 33.77 -12.67 -28.99
N LYS D 227 33.48 -13.63 -28.12
CA LYS D 227 34.47 -14.56 -27.61
C LYS D 227 34.41 -15.88 -28.38
N SER D 228 35.34 -16.77 -28.03
CA SER D 228 35.43 -18.13 -28.58
C SER D 228 35.29 -18.19 -30.09
N GLN E 1 14.58 25.67 12.41
CA GLN E 1 13.88 26.55 11.49
C GLN E 1 12.48 26.00 11.18
N SER E 2 11.65 26.84 10.54
CA SER E 2 10.29 26.43 10.22
C SER E 2 10.31 25.41 9.08
N VAL E 3 9.15 24.78 8.88
CA VAL E 3 8.96 23.76 7.86
C VAL E 3 7.66 24.05 7.12
N LEU E 4 7.72 24.07 5.79
CA LEU E 4 6.54 24.16 4.94
C LEU E 4 6.15 22.75 4.52
N THR E 5 5.02 22.27 5.03
CA THR E 5 4.61 20.88 4.83
C THR E 5 3.83 20.75 3.52
N GLN E 6 4.35 19.95 2.61
CA GLN E 6 3.68 19.56 1.38
C GLN E 6 3.32 18.07 1.43
N PRO E 7 2.35 17.64 0.64
CA PRO E 7 2.13 16.20 0.48
C PRO E 7 3.34 15.56 -0.19
N PRO E 8 3.80 14.41 0.31
CA PRO E 8 5.00 13.79 -0.30
C PRO E 8 4.82 13.41 -1.75
N SER E 9 3.60 13.15 -2.20
CA SER E 9 3.37 12.72 -3.58
C SER E 9 2.01 13.20 -4.05
N ALA E 10 1.86 13.25 -5.38
CA ALA E 10 0.60 13.61 -6.01
C ALA E 10 0.57 12.99 -7.40
N SER E 11 -0.62 12.59 -7.84
CA SER E 11 -0.77 11.90 -9.11
C SER E 11 -2.02 12.39 -9.83
N GLY E 12 -2.05 12.18 -11.14
CA GLY E 12 -3.18 12.57 -11.95
C GLY E 12 -3.10 12.09 -13.38
N THR E 13 -4.25 11.75 -13.96
CA THR E 13 -4.31 11.32 -15.35
C THR E 13 -4.20 12.52 -16.28
N PRO E 14 -3.78 12.31 -17.53
CA PRO E 14 -3.58 13.44 -18.44
C PRO E 14 -4.89 14.19 -18.69
N GLY E 15 -4.78 15.51 -18.84
CA GLY E 15 -5.93 16.37 -18.99
C GLY E 15 -6.55 16.84 -17.69
N GLN E 16 -6.33 16.11 -16.60
CA GLN E 16 -6.90 16.46 -15.31
C GLN E 16 -6.21 17.70 -14.73
N ARG E 17 -6.80 18.24 -13.66
CA ARG E 17 -6.23 19.35 -12.91
C ARG E 17 -5.86 18.85 -11.53
N VAL E 18 -4.59 19.01 -11.15
CA VAL E 18 -4.07 18.55 -9.87
C VAL E 18 -3.64 19.77 -9.06
N THR E 19 -3.81 19.69 -7.75
CA THR E 19 -3.47 20.77 -6.84
C THR E 19 -2.51 20.25 -5.77
N ILE E 20 -1.46 21.03 -5.49
CA ILE E 20 -0.49 20.72 -4.46
C ILE E 20 -0.61 21.77 -3.35
N SER E 21 -0.61 21.32 -2.10
CA SER E 21 -0.88 22.17 -0.95
C SER E 21 0.41 22.48 -0.20
N CYS E 22 0.53 23.73 0.25
CA CYS E 22 1.66 24.20 1.03
C CYS E 22 1.14 24.80 2.33
N SER E 23 1.64 24.31 3.46
CA SER E 23 1.12 24.69 4.77
C SER E 23 2.26 25.19 5.65
N GLY E 24 2.13 26.41 6.16
CA GLY E 24 3.14 27.03 7.00
C GLY E 24 2.52 27.64 8.24
N SER E 25 3.09 28.77 8.67
CA SER E 25 2.65 29.47 9.87
C SER E 25 2.46 30.95 9.55
N SER E 26 2.13 31.72 10.60
CA SER E 26 1.86 33.15 10.41
C SER E 26 3.12 33.93 10.07
N SER E 27 4.29 33.47 10.54
CA SER E 27 5.55 34.13 10.19
C SER E 27 6.00 33.81 8.78
N ASN E 28 5.55 32.68 8.21
CA ASN E 28 5.90 32.30 6.85
C ASN E 28 4.91 32.87 5.84
N ILE E 29 3.98 32.02 5.40
CA ILE E 29 2.99 32.40 4.41
C ILE E 29 2.10 33.52 4.92
N GLY E 30 1.81 33.52 6.22
CA GLY E 30 0.92 34.53 6.79
C GLY E 30 1.43 35.95 6.69
N SER E 31 2.73 36.13 6.42
CA SER E 31 3.32 37.46 6.37
C SER E 31 4.04 37.77 5.06
N ASN E 32 4.21 36.79 4.17
CA ASN E 32 4.98 37.01 2.95
C ASN E 32 4.34 36.25 1.79
N THR E 33 4.74 36.64 0.59
CA THR E 33 4.24 36.01 -0.62
C THR E 33 4.79 34.60 -0.76
N VAL E 34 4.14 33.81 -1.63
CA VAL E 34 4.51 32.43 -1.86
C VAL E 34 4.98 32.29 -3.31
N ASN E 35 6.07 31.55 -3.50
CA ASN E 35 6.58 31.22 -4.82
C ASN E 35 6.65 29.70 -4.96
N TRP E 36 6.58 29.23 -6.21
CA TRP E 36 6.54 27.81 -6.51
C TRP E 36 7.61 27.47 -7.53
N TYR E 37 8.18 26.27 -7.39
CA TYR E 37 9.28 25.83 -8.24
C TYR E 37 9.01 24.43 -8.77
N GLN E 38 9.37 24.21 -10.03
CA GLN E 38 9.30 22.92 -10.68
C GLN E 38 10.73 22.43 -10.93
N GLN E 39 10.99 21.17 -10.59
CA GLN E 39 12.34 20.60 -10.73
C GLN E 39 12.24 19.25 -11.44
N LEU E 40 12.53 19.25 -12.73
CA LEU E 40 12.68 17.99 -13.46
C LEU E 40 13.98 17.31 -13.03
N PRO E 41 13.99 15.99 -12.99
CA PRO E 41 15.20 15.27 -12.52
C PRO E 41 16.43 15.65 -13.32
N GLY E 42 17.52 15.88 -12.60
CA GLY E 42 18.77 16.25 -13.24
C GLY E 42 18.83 17.69 -13.73
N THR E 43 17.91 18.53 -13.28
CA THR E 43 17.85 19.92 -13.74
C THR E 43 17.68 20.85 -12.55
N ALA E 44 18.13 22.09 -12.72
CA ALA E 44 17.96 23.09 -11.70
C ALA E 44 16.48 23.46 -11.55
N PRO E 45 16.07 23.89 -10.36
CA PRO E 45 14.67 24.30 -10.17
C PRO E 45 14.28 25.43 -11.12
N LYS E 46 12.99 25.47 -11.43
CA LYS E 46 12.42 26.45 -12.37
C LYS E 46 11.29 27.19 -11.67
N LEU E 47 11.31 28.52 -11.76
CA LEU E 47 10.28 29.33 -11.10
C LEU E 47 8.97 29.22 -11.86
N LEU E 48 7.92 28.76 -11.18
CA LEU E 48 6.58 28.67 -11.75
C LEU E 48 5.68 29.82 -11.35
N ILE E 49 5.60 30.11 -10.05
CA ILE E 49 4.73 31.16 -9.52
C ILE E 49 5.56 32.04 -8.61
N TYR E 50 5.29 33.34 -8.64
CA TYR E 50 5.84 34.28 -7.68
C TYR E 50 4.76 35.27 -7.30
N SER E 51 4.92 35.89 -6.12
CA SER E 51 3.93 36.81 -5.58
C SER E 51 2.55 36.16 -5.53
N ASN E 52 2.51 34.93 -5.01
CA ASN E 52 1.31 34.16 -4.76
C ASN E 52 0.63 33.66 -6.03
N ASN E 53 0.41 34.53 -7.02
CA ASN E 53 -0.33 34.12 -8.20
C ASN E 53 0.22 34.65 -9.51
N GLN E 54 1.39 35.29 -9.51
CA GLN E 54 1.97 35.83 -10.74
C GLN E 54 2.87 34.79 -11.39
N ARG E 55 2.84 34.75 -12.72
CA ARG E 55 3.64 33.79 -13.49
C ARG E 55 4.74 34.51 -14.27
N PRO E 56 5.95 33.96 -14.31
CA PRO E 56 6.97 34.51 -15.20
C PRO E 56 6.59 34.31 -16.65
N SER E 57 7.19 35.13 -17.51
CA SER E 57 6.93 35.04 -18.95
C SER E 57 7.46 33.72 -19.49
N GLY E 58 6.55 32.86 -19.94
CA GLY E 58 6.89 31.55 -20.46
C GLY E 58 6.24 30.40 -19.73
N VAL E 59 5.70 30.63 -18.54
CA VAL E 59 5.00 29.59 -17.78
C VAL E 59 3.56 29.54 -18.26
N PRO E 60 3.04 28.36 -18.62
CA PRO E 60 1.68 28.29 -19.16
C PRO E 60 0.63 28.61 -18.12
N ASP E 61 -0.46 29.22 -18.59
CA ASP E 61 -1.56 29.62 -17.71
C ASP E 61 -2.24 28.45 -17.03
N ARG E 62 -1.99 27.22 -17.47
CA ARG E 62 -2.51 26.05 -16.77
C ARG E 62 -1.87 25.87 -15.40
N PHE E 63 -0.79 26.59 -15.10
CA PHE E 63 -0.27 26.69 -13.76
C PHE E 63 -0.85 27.93 -13.08
N SER E 64 -1.20 27.79 -11.81
CA SER E 64 -1.76 28.91 -11.06
C SER E 64 -1.59 28.64 -9.57
N GLY E 65 -1.24 29.68 -8.83
CA GLY E 65 -1.03 29.58 -7.40
C GLY E 65 -2.01 30.45 -6.63
N SER E 66 -2.30 30.04 -5.40
CA SER E 66 -3.20 30.78 -4.52
C SER E 66 -2.64 30.76 -3.11
N LYS E 67 -2.98 31.79 -2.34
CA LYS E 67 -2.59 31.90 -0.95
C LYS E 67 -3.83 32.20 -0.11
N SER E 68 -3.91 31.56 1.06
CA SER E 68 -5.05 31.76 1.94
C SER E 68 -4.57 31.57 3.37
N GLY E 69 -4.36 32.65 4.09
CA GLY E 69 -3.98 32.53 5.48
C GLY E 69 -2.55 32.02 5.59
N THR E 70 -2.38 30.92 6.30
CA THR E 70 -1.07 30.30 6.51
C THR E 70 -0.79 29.17 5.52
N SER E 71 -1.63 29.01 4.50
CA SER E 71 -1.49 27.92 3.55
C SER E 71 -1.55 28.45 2.13
N ALA E 72 -0.84 27.77 1.23
CA ALA E 72 -0.80 28.09 -0.19
C ALA E 72 -1.16 26.86 -0.99
N SER E 73 -1.32 27.04 -2.30
CA SER E 73 -1.74 25.94 -3.16
C SER E 73 -1.36 26.23 -4.61
N LEU E 74 -0.67 25.29 -5.24
CA LEU E 74 -0.39 25.33 -6.66
C LEU E 74 -1.38 24.45 -7.40
N ALA E 75 -1.91 24.95 -8.51
CA ALA E 75 -2.90 24.24 -9.31
C ALA E 75 -2.34 24.01 -10.71
N ILE E 76 -2.26 22.75 -11.11
CA ILE E 76 -1.77 22.37 -12.43
C ILE E 76 -2.94 21.77 -13.20
N SER E 77 -3.46 22.51 -14.18
CA SER E 77 -4.54 22.04 -15.02
C SER E 77 -4.01 21.62 -16.38
N GLY E 78 -4.86 20.93 -17.14
CA GLY E 78 -4.45 20.39 -18.42
C GLY E 78 -3.20 19.54 -18.31
N LEU E 79 -3.26 18.52 -17.46
CA LEU E 79 -2.06 17.78 -17.09
C LEU E 79 -1.44 17.10 -18.31
N GLN E 80 -0.15 17.33 -18.51
CA GLN E 80 0.62 16.72 -19.58
C GLN E 80 1.63 15.75 -19.00
N SER E 81 2.33 15.05 -19.90
CA SER E 81 3.35 14.10 -19.46
C SER E 81 4.58 14.80 -18.92
N GLU E 82 4.85 16.02 -19.38
CA GLU E 82 6.04 16.74 -18.95
C GLU E 82 5.90 17.31 -17.54
N ASP E 83 4.68 17.47 -17.04
CA ASP E 83 4.45 18.00 -15.70
C ASP E 83 4.91 17.06 -14.60
N GLU E 84 5.37 15.86 -14.95
CA GLU E 84 5.89 14.92 -13.96
C GLU E 84 7.23 15.42 -13.44
N ALA E 85 7.24 15.90 -12.19
CA ALA E 85 8.46 16.47 -11.60
C ALA E 85 8.21 16.65 -10.10
N ASP E 86 9.22 17.18 -9.42
CA ASP E 86 9.09 17.63 -8.04
C ASP E 86 8.65 19.09 -8.02
N TYR E 87 7.75 19.42 -7.10
CA TYR E 87 7.20 20.77 -6.99
C TYR E 87 7.40 21.26 -5.57
N TYR E 88 8.14 22.36 -5.43
CA TYR E 88 8.44 22.95 -4.13
C TYR E 88 7.73 24.28 -3.97
N CYS E 89 7.34 24.57 -2.73
CA CYS E 89 6.87 25.89 -2.34
C CYS E 89 7.88 26.53 -1.40
N ALA E 90 8.05 27.83 -1.52
CA ALA E 90 8.96 28.55 -0.64
C ALA E 90 8.33 29.88 -0.23
N ALA E 91 8.75 30.37 0.93
CA ALA E 91 8.28 31.64 1.44
C ALA E 91 9.30 32.18 2.41
N TRP E 92 9.25 33.50 2.63
CA TRP E 92 10.11 34.12 3.61
C TRP E 92 9.54 33.94 5.01
N ASP E 93 10.44 33.79 5.98
CA ASP E 93 10.06 33.67 7.38
C ASP E 93 10.60 34.89 8.11
N ASP E 94 9.69 35.70 8.67
CA ASP E 94 10.08 36.91 9.39
C ASP E 94 10.80 36.61 10.70
N SER E 95 10.78 35.36 11.16
CA SER E 95 11.38 35.02 12.45
C SER E 95 12.87 35.28 12.44
N LEU E 96 13.36 35.85 13.54
CA LEU E 96 14.80 36.11 13.78
C LEU E 96 15.30 37.02 12.64
N ASN E 97 16.49 36.76 12.11
CA ASN E 97 17.05 37.60 11.04
C ASN E 97 16.37 37.39 9.71
N GLY E 98 15.37 36.51 9.63
CA GLY E 98 14.70 36.24 8.38
C GLY E 98 15.43 35.21 7.55
N TYR E 99 14.68 34.33 6.88
CA TYR E 99 15.29 33.29 6.08
C TYR E 99 14.25 32.71 5.12
N VAL E 100 14.74 32.13 4.04
CA VAL E 100 13.88 31.45 3.07
C VAL E 100 13.63 30.02 3.54
N VAL E 101 12.36 29.62 3.53
CA VAL E 101 11.95 28.27 3.90
C VAL E 101 11.44 27.58 2.65
N PHE E 102 11.97 26.40 2.35
CA PHE E 102 11.47 25.58 1.26
C PHE E 102 10.57 24.49 1.80
N GLY E 103 9.64 24.03 0.95
CA GLY E 103 8.80 22.92 1.31
C GLY E 103 9.51 21.59 1.14
N GLY E 104 8.92 20.55 1.75
CA GLY E 104 9.51 19.23 1.65
C GLY E 104 9.55 18.70 0.23
N GLY E 105 8.66 19.16 -0.62
CA GLY E 105 8.60 18.70 -1.99
C GLY E 105 7.48 17.72 -2.22
N THR E 106 7.00 17.66 -3.46
CA THR E 106 5.92 16.76 -3.85
C THR E 106 6.24 16.19 -5.23
N LYS E 107 6.37 14.87 -5.31
CA LYS E 107 6.65 14.20 -6.57
C LYS E 107 5.34 13.96 -7.31
N LEU E 108 5.19 14.61 -8.45
CA LEU E 108 4.00 14.46 -9.29
C LEU E 108 4.29 13.43 -10.38
N THR E 109 3.48 12.38 -10.44
CA THR E 109 3.58 11.37 -11.48
C THR E 109 2.28 11.35 -12.26
N VAL E 110 2.39 11.37 -13.59
CA VAL E 110 1.23 11.39 -14.47
C VAL E 110 0.88 9.95 -14.85
N LEU E 111 -0.26 9.48 -14.37
CA LEU E 111 -0.70 8.12 -14.63
C LEU E 111 -1.29 8.02 -16.04
N GLY E 112 -1.72 6.82 -16.40
CA GLY E 112 -2.40 6.60 -17.67
C GLY E 112 -1.53 6.09 -18.81
N GLN E 113 -0.29 5.72 -18.54
CA GLN E 113 0.60 5.17 -19.57
C GLN E 113 0.38 3.66 -19.69
N PRO E 114 0.44 3.11 -20.91
CA PRO E 114 0.21 1.67 -21.06
C PRO E 114 1.27 0.85 -20.36
N LYS E 115 0.89 -0.37 -19.99
CA LYS E 115 1.82 -1.28 -19.33
C LYS E 115 2.79 -1.88 -20.35
N ALA E 116 4.05 -2.02 -19.94
CA ALA E 116 5.09 -2.58 -20.79
C ALA E 116 5.85 -3.64 -20.01
N ALA E 117 6.14 -4.76 -20.67
CA ALA E 117 6.82 -5.87 -20.02
C ALA E 117 8.32 -5.59 -19.90
N PRO E 118 8.96 -6.11 -18.86
CA PRO E 118 10.40 -5.84 -18.67
C PRO E 118 11.25 -6.64 -19.64
N SER E 119 12.26 -5.97 -20.20
CA SER E 119 13.25 -6.62 -21.05
C SER E 119 14.44 -7.03 -20.20
N VAL E 120 14.70 -8.34 -20.14
CA VAL E 120 15.75 -8.89 -19.28
C VAL E 120 16.91 -9.35 -20.15
N THR E 121 18.12 -8.98 -19.76
CA THR E 121 19.34 -9.38 -20.45
C THR E 121 20.35 -9.83 -19.39
N LEU E 122 20.65 -11.13 -19.37
CA LEU E 122 21.55 -11.71 -18.39
C LEU E 122 22.90 -11.98 -19.01
N PHE E 123 23.97 -11.44 -18.39
CA PHE E 123 25.33 -11.61 -18.87
C PHE E 123 26.10 -12.58 -17.97
N PRO E 124 26.95 -13.43 -18.56
CA PRO E 124 27.77 -14.34 -17.75
C PRO E 124 29.02 -13.63 -17.26
N PRO E 125 29.77 -14.24 -16.35
CA PRO E 125 31.03 -13.64 -15.91
C PRO E 125 32.02 -13.52 -17.06
N SER E 126 32.80 -12.45 -17.03
CA SER E 126 33.77 -12.19 -18.08
C SER E 126 35.00 -13.08 -17.90
N SER E 127 35.68 -13.37 -19.02
CA SER E 127 36.93 -14.11 -18.95
C SER E 127 37.99 -13.32 -18.21
N GLU E 128 38.00 -11.99 -18.37
CA GLU E 128 38.95 -11.15 -17.64
C GLU E 128 38.60 -11.09 -16.15
N GLU E 129 37.33 -11.25 -15.81
CA GLU E 129 36.93 -11.24 -14.40
C GLU E 129 37.14 -12.59 -13.74
N LEU E 130 36.98 -13.69 -14.48
CA LEU E 130 37.28 -15.01 -13.93
C LEU E 130 38.74 -15.11 -13.54
N GLN E 131 39.63 -14.61 -14.39
CA GLN E 131 40.99 -14.31 -13.95
C GLN E 131 40.95 -13.20 -12.91
N ALA E 132 41.83 -13.28 -11.91
CA ALA E 132 41.85 -12.45 -10.71
C ALA E 132 40.76 -12.85 -9.72
N ASN E 133 40.22 -14.05 -9.85
CA ASN E 133 39.41 -14.70 -8.82
C ASN E 133 38.15 -13.88 -8.49
N LYS E 134 37.36 -13.59 -9.52
CA LYS E 134 36.10 -12.89 -9.32
C LYS E 134 35.08 -13.40 -10.33
N ALA E 135 33.81 -13.25 -9.98
CA ALA E 135 32.72 -13.66 -10.86
C ALA E 135 31.48 -12.83 -10.53
N THR E 136 30.92 -12.18 -11.54
CA THR E 136 29.74 -11.34 -11.37
C THR E 136 28.75 -11.64 -12.48
N LEU E 137 27.51 -11.93 -12.11
CA LEU E 137 26.42 -12.13 -13.04
C LEU E 137 25.60 -10.85 -13.12
N VAL E 138 25.49 -10.29 -14.32
CA VAL E 138 24.84 -8.99 -14.52
C VAL E 138 23.48 -9.25 -15.16
N CYS E 139 22.42 -8.92 -14.42
CA CYS E 139 21.04 -9.00 -14.90
C CYS E 139 20.49 -7.59 -15.03
N LEU E 140 20.00 -7.25 -16.22
CA LEU E 140 19.60 -5.89 -16.55
C LEU E 140 18.14 -5.85 -16.98
N ILE E 141 17.36 -4.99 -16.34
CA ILE E 141 15.91 -4.90 -16.54
C ILE E 141 15.59 -3.48 -17.02
N SER E 142 14.86 -3.39 -18.13
CA SER E 142 14.57 -2.08 -18.70
C SER E 142 13.25 -2.13 -19.47
N ASP E 143 12.75 -0.92 -19.79
CA ASP E 143 11.59 -0.74 -20.68
C ASP E 143 10.31 -1.32 -20.08
N PHE E 144 10.09 -1.09 -18.79
CA PHE E 144 8.90 -1.60 -18.14
C PHE E 144 8.17 -0.46 -17.42
N TYR E 145 6.93 -0.75 -17.04
CA TYR E 145 6.01 0.15 -16.37
C TYR E 145 4.80 -0.65 -15.92
N PRO E 146 4.40 -0.58 -14.64
CA PRO E 146 4.92 0.26 -13.54
C PRO E 146 6.34 -0.10 -13.09
N GLY E 147 6.93 0.75 -12.25
CA GLY E 147 8.28 0.53 -11.78
C GLY E 147 8.36 -0.30 -10.51
N ALA E 148 7.67 -1.43 -10.52
CA ALA E 148 7.68 -2.36 -9.38
C ALA E 148 8.09 -3.74 -9.91
N VAL E 149 9.27 -4.19 -9.52
CA VAL E 149 9.84 -5.43 -10.03
C VAL E 149 10.53 -6.17 -8.89
N THR E 150 10.34 -7.48 -8.84
CA THR E 150 11.05 -8.36 -7.90
C THR E 150 11.95 -9.28 -8.69
N VAL E 151 13.21 -9.38 -8.27
CA VAL E 151 14.20 -10.22 -8.93
C VAL E 151 14.40 -11.47 -8.09
N ALA E 152 14.65 -12.59 -8.77
CA ALA E 152 14.89 -13.87 -8.11
C ALA E 152 15.96 -14.64 -8.86
N TRP E 153 17.00 -15.05 -8.14
CA TRP E 153 18.12 -15.78 -8.72
C TRP E 153 18.02 -17.26 -8.38
N LYS E 154 18.51 -18.10 -9.29
CA LYS E 154 18.45 -19.55 -9.16
C LYS E 154 19.76 -20.16 -9.62
N ALA E 155 20.36 -21.00 -8.76
CA ALA E 155 21.49 -21.83 -9.15
C ALA E 155 20.94 -23.18 -9.59
N ASP E 156 21.02 -23.45 -10.89
CA ASP E 156 20.31 -24.59 -11.50
C ASP E 156 18.81 -24.47 -11.23
N SER E 157 18.35 -25.07 -10.14
CA SER E 157 16.94 -24.99 -9.75
C SER E 157 16.71 -24.37 -8.40
N SER E 158 17.61 -24.57 -7.43
CA SER E 158 17.43 -24.04 -6.09
C SER E 158 17.71 -22.54 -6.07
N PRO E 159 16.96 -21.78 -5.27
CA PRO E 159 17.18 -20.32 -5.23
C PRO E 159 18.52 -19.97 -4.60
N VAL E 160 19.05 -18.82 -5.03
CA VAL E 160 20.29 -18.26 -4.48
C VAL E 160 19.91 -17.19 -3.47
N LYS E 161 20.50 -17.28 -2.27
CA LYS E 161 20.19 -16.35 -1.19
C LYS E 161 21.19 -15.21 -1.09
N ALA E 162 22.48 -15.52 -0.97
CA ALA E 162 23.51 -14.53 -0.77
C ALA E 162 24.15 -14.12 -2.09
N GLY E 163 24.81 -12.96 -2.08
CA GLY E 163 25.49 -12.44 -3.24
C GLY E 163 24.66 -11.59 -4.16
N VAL E 164 23.39 -11.35 -3.83
CA VAL E 164 22.47 -10.61 -4.69
C VAL E 164 22.40 -9.16 -4.20
N GLU E 165 22.60 -8.22 -5.14
CA GLU E 165 22.42 -6.80 -4.87
C GLU E 165 21.59 -6.21 -6.00
N THR E 166 20.36 -5.80 -5.69
CA THR E 166 19.42 -5.28 -6.67
C THR E 166 19.17 -3.81 -6.43
N THR E 167 19.17 -3.02 -7.50
CA THR E 167 18.91 -1.60 -7.40
C THR E 167 17.42 -1.34 -7.20
N THR E 168 17.09 -0.08 -6.92
CA THR E 168 15.67 0.28 -6.95
C THR E 168 15.30 0.80 -8.32
N PRO E 169 14.10 0.48 -8.82
CA PRO E 169 13.71 0.90 -10.17
C PRO E 169 13.73 2.41 -10.30
N SER E 170 14.15 2.88 -11.47
CA SER E 170 14.25 4.30 -11.77
C SER E 170 13.84 4.54 -13.21
N LYS E 171 13.22 5.69 -13.45
CA LYS E 171 12.73 6.00 -14.79
C LYS E 171 13.88 6.39 -15.72
N GLN E 172 13.64 6.23 -17.01
CA GLN E 172 14.60 6.51 -18.06
C GLN E 172 14.06 7.64 -18.95
N SER E 173 14.83 7.99 -19.98
CA SER E 173 14.38 8.98 -20.96
C SER E 173 13.14 8.50 -21.69
N ASN E 174 12.99 7.19 -21.87
CA ASN E 174 11.80 6.59 -22.48
C ASN E 174 10.58 6.61 -21.58
N ASN E 175 10.62 7.31 -20.44
CA ASN E 175 9.56 7.32 -19.44
C ASN E 175 9.22 5.92 -18.93
N LYS E 176 10.07 4.94 -19.21
CA LYS E 176 9.90 3.58 -18.72
C LYS E 176 10.99 3.28 -17.70
N TYR E 177 10.63 2.54 -16.66
CA TYR E 177 11.56 2.28 -15.57
C TYR E 177 12.65 1.30 -15.99
N ALA E 178 13.73 1.30 -15.21
CA ALA E 178 14.86 0.41 -15.44
C ALA E 178 15.43 -0.03 -14.09
N ALA E 179 16.05 -1.20 -14.09
CA ALA E 179 16.65 -1.74 -12.87
C ALA E 179 17.75 -2.72 -13.26
N SER E 180 18.53 -3.14 -12.27
CA SER E 180 19.61 -4.08 -12.51
C SER E 180 19.90 -4.84 -11.22
N SER E 181 20.34 -6.09 -11.38
CA SER E 181 20.69 -6.95 -10.27
C SER E 181 21.99 -7.67 -10.58
N TYR E 182 22.85 -7.77 -9.56
CA TYR E 182 24.16 -8.40 -9.70
C TYR E 182 24.26 -9.56 -8.73
N LEU E 183 24.70 -10.71 -9.21
CA LEU E 183 24.98 -11.87 -8.38
C LEU E 183 26.49 -12.07 -8.29
N SER E 184 27.03 -11.93 -7.08
CA SER E 184 28.46 -12.08 -6.86
C SER E 184 28.77 -13.51 -6.46
N LEU E 185 29.80 -14.08 -7.10
CA LEU E 185 30.17 -15.46 -6.84
C LEU E 185 31.68 -15.59 -6.96
N THR E 186 32.20 -16.68 -6.38
CA THR E 186 33.58 -17.07 -6.59
C THR E 186 33.68 -17.92 -7.86
N PRO E 187 34.82 -17.87 -8.55
CA PRO E 187 34.97 -18.67 -9.78
C PRO E 187 34.72 -20.15 -9.58
N GLU E 188 34.84 -20.66 -8.35
CA GLU E 188 34.54 -22.06 -8.08
C GLU E 188 33.04 -22.30 -8.02
N GLN E 189 32.29 -21.37 -7.40
CA GLN E 189 30.84 -21.49 -7.40
C GLN E 189 30.27 -21.37 -8.80
N TRP E 190 30.87 -20.53 -9.64
CA TRP E 190 30.38 -20.32 -10.99
C TRP E 190 30.49 -21.60 -11.81
N LYS E 191 31.67 -22.21 -11.83
CA LYS E 191 31.90 -23.45 -12.55
C LYS E 191 31.31 -24.67 -11.84
N SER E 192 30.75 -24.49 -10.65
CA SER E 192 30.19 -25.62 -9.91
C SER E 192 28.86 -26.08 -10.51
N HIS E 193 27.92 -25.17 -10.71
CA HIS E 193 26.59 -25.51 -11.16
C HIS E 193 26.56 -25.58 -12.69
N ARG E 194 25.36 -25.71 -13.27
CA ARG E 194 25.19 -25.82 -14.70
C ARG E 194 24.49 -24.64 -15.34
N SER E 195 23.68 -23.90 -14.58
CA SER E 195 22.88 -22.83 -15.16
C SER E 195 22.39 -21.91 -14.05
N TYR E 196 22.95 -20.70 -13.99
CA TYR E 196 22.42 -19.66 -13.12
C TYR E 196 21.36 -18.86 -13.89
N SER E 197 20.31 -18.47 -13.19
CA SER E 197 19.15 -17.84 -13.83
C SER E 197 18.76 -16.57 -13.09
N CYS E 198 18.19 -15.64 -13.85
CA CYS E 198 17.65 -14.38 -13.31
C CYS E 198 16.17 -14.30 -13.68
N GLN E 199 15.31 -14.44 -12.69
CA GLN E 199 13.86 -14.41 -12.89
C GLN E 199 13.32 -13.06 -12.44
N VAL E 200 12.57 -12.41 -13.33
CA VAL E 200 12.10 -11.05 -13.12
C VAL E 200 10.57 -11.06 -13.17
N THR E 201 9.94 -10.70 -12.07
CA THR E 201 8.47 -10.69 -11.97
C THR E 201 7.96 -9.26 -12.06
N HIS E 202 6.99 -9.05 -12.95
CA HIS E 202 6.42 -7.72 -13.16
C HIS E 202 4.94 -7.87 -13.49
N GLU E 203 4.09 -7.43 -12.58
CA GLU E 203 2.63 -7.47 -12.77
C GLU E 203 2.14 -8.90 -13.01
N GLY E 204 2.59 -9.82 -12.15
CA GLY E 204 2.09 -11.17 -12.22
C GLY E 204 2.91 -12.06 -13.14
N SER E 205 3.34 -11.51 -14.27
CA SER E 205 4.13 -12.27 -15.23
C SER E 205 5.59 -12.32 -14.80
N THR E 206 6.28 -13.38 -15.21
CA THR E 206 7.67 -13.61 -14.84
C THR E 206 8.50 -13.89 -16.09
N VAL E 207 9.56 -13.12 -16.29
CA VAL E 207 10.49 -13.31 -17.39
C VAL E 207 11.79 -13.86 -16.82
N GLU E 208 12.40 -14.81 -17.53
CA GLU E 208 13.57 -15.50 -17.04
C GLU E 208 14.63 -15.59 -18.14
N LYS E 209 15.89 -15.36 -17.75
CA LYS E 209 17.04 -15.60 -18.61
C LYS E 209 18.03 -16.48 -17.85
N THR E 210 18.82 -17.25 -18.61
CA THR E 210 19.72 -18.22 -18.01
C THR E 210 21.03 -18.28 -18.79
N VAL E 211 22.15 -18.30 -18.06
CA VAL E 211 23.47 -18.49 -18.63
C VAL E 211 24.05 -19.79 -18.11
N ALA E 212 25.04 -20.31 -18.82
CA ALA E 212 25.72 -21.55 -18.48
C ALA E 212 27.22 -21.35 -18.54
N PRO E 213 27.98 -22.06 -17.70
CA PRO E 213 29.44 -21.83 -17.63
C PRO E 213 30.20 -22.26 -18.87
N THR E 214 29.94 -23.46 -19.37
CA THR E 214 30.71 -24.02 -20.47
C THR E 214 30.03 -23.88 -21.83
N GLU E 215 28.99 -23.06 -21.92
CA GLU E 215 28.32 -22.83 -23.20
C GLU E 215 29.00 -21.71 -23.97
N CYS E 216 28.64 -21.57 -25.24
CA CYS E 216 29.08 -20.46 -26.07
C CYS E 216 27.97 -19.42 -26.05
N SER E 217 27.90 -18.68 -24.95
CA SER E 217 26.85 -17.69 -24.74
C SER E 217 26.87 -16.60 -25.81
N THR F 1 -22.68 -62.70 24.45
CA THR F 1 -23.66 -63.72 24.10
C THR F 1 -23.94 -63.74 22.60
N ASN F 2 -24.02 -62.55 22.00
CA ASN F 2 -24.27 -62.45 20.56
C ASN F 2 -23.04 -62.87 19.77
N LEU F 3 -23.26 -63.53 18.64
CA LEU F 3 -22.18 -63.95 17.77
C LEU F 3 -21.81 -62.85 16.79
N CYS F 4 -20.53 -62.82 16.43
CA CYS F 4 -20.02 -61.73 15.60
C CYS F 4 -20.46 -61.91 14.16
N PRO F 5 -20.91 -60.86 13.49
CA PRO F 5 -21.46 -61.06 12.13
C PRO F 5 -20.39 -61.30 11.08
N PHE F 6 -19.49 -62.25 11.33
CA PHE F 6 -18.44 -62.55 10.36
C PHE F 6 -19.03 -63.09 9.06
N HIS F 7 -20.17 -63.79 9.13
CA HIS F 7 -20.77 -64.33 7.93
C HIS F 7 -21.24 -63.24 6.97
N GLU F 8 -21.65 -62.08 7.50
CA GLU F 8 -22.10 -60.99 6.65
C GLU F 8 -20.98 -60.47 5.77
N VAL F 9 -19.75 -60.43 6.30
CA VAL F 9 -18.62 -59.92 5.54
C VAL F 9 -18.22 -60.89 4.44
N PHE F 10 -18.20 -62.19 4.75
CA PHE F 10 -17.79 -63.20 3.79
C PHE F 10 -18.86 -63.50 2.75
N ASN F 11 -20.14 -63.31 3.09
CA ASN F 11 -21.25 -63.69 2.23
C ASN F 11 -21.82 -62.51 1.45
N ALA F 12 -21.08 -61.41 1.35
CA ALA F 12 -21.54 -60.27 0.58
C ALA F 12 -21.68 -60.66 -0.89
N THR F 13 -22.74 -60.17 -1.54
CA THR F 13 -23.00 -60.52 -2.93
C THR F 13 -21.87 -60.00 -3.83
N THR F 14 -21.46 -58.75 -3.61
CA THR F 14 -20.39 -58.14 -4.40
C THR F 14 -19.36 -57.53 -3.44
N PHE F 15 -18.10 -57.84 -3.67
CA PHE F 15 -17.01 -57.30 -2.85
C PHE F 15 -16.50 -55.99 -3.45
N ALA F 16 -15.75 -55.26 -2.64
CA ALA F 16 -15.23 -53.96 -3.07
C ALA F 16 -13.93 -54.13 -3.83
N SER F 17 -13.62 -53.14 -4.67
CA SER F 17 -12.33 -53.09 -5.32
C SER F 17 -11.25 -52.81 -4.29
N VAL F 18 -10.01 -53.21 -4.63
CA VAL F 18 -8.92 -53.13 -3.66
C VAL F 18 -8.53 -51.68 -3.40
N TYR F 19 -8.50 -50.85 -4.45
CA TYR F 19 -8.19 -49.43 -4.25
C TYR F 19 -9.18 -48.77 -3.31
N ALA F 20 -10.42 -49.27 -3.29
CA ALA F 20 -11.44 -48.76 -2.38
C ALA F 20 -11.95 -49.88 -1.47
N TRP F 21 -11.04 -50.53 -0.76
CA TRP F 21 -11.39 -51.69 0.05
C TRP F 21 -12.37 -51.29 1.15
N ASN F 22 -13.26 -52.23 1.49
CA ASN F 22 -14.26 -52.02 2.52
C ASN F 22 -13.68 -52.35 3.90
N ARG F 23 -14.37 -51.86 4.93
CA ARG F 23 -13.95 -52.10 6.30
C ARG F 23 -15.17 -52.09 7.20
N LYS F 24 -15.28 -53.12 8.04
CA LYS F 24 -16.33 -53.19 9.06
C LYS F 24 -15.67 -53.45 10.41
N ARG F 25 -16.05 -52.67 11.41
CA ARG F 25 -15.58 -52.88 12.77
C ARG F 25 -16.52 -53.84 13.48
N ILE F 26 -15.95 -54.92 14.02
CA ILE F 26 -16.71 -55.94 14.74
C ILE F 26 -16.54 -55.66 16.23
N SER F 27 -17.65 -55.44 16.93
CA SER F 27 -17.60 -55.06 18.33
C SER F 27 -18.79 -55.62 19.08
N ASN F 28 -18.57 -55.90 20.37
CA ASN F 28 -19.62 -56.34 21.30
C ASN F 28 -20.29 -57.62 20.80
N CYS F 29 -19.49 -58.68 20.69
CA CYS F 29 -20.01 -59.97 20.23
C CYS F 29 -18.99 -61.05 20.54
N VAL F 30 -19.44 -62.29 20.45
CA VAL F 30 -18.59 -63.46 20.61
C VAL F 30 -18.04 -63.85 19.25
N ALA F 31 -16.70 -63.90 19.14
CA ALA F 31 -16.05 -64.13 17.85
C ALA F 31 -15.75 -65.62 17.72
N ASP F 32 -16.70 -66.35 17.12
CA ASP F 32 -16.50 -67.74 16.75
C ASP F 32 -16.13 -67.76 15.27
N TYR F 33 -14.85 -67.96 14.99
CA TYR F 33 -14.35 -67.93 13.63
C TYR F 33 -14.65 -69.20 12.85
N SER F 34 -15.35 -70.16 13.45
CA SER F 34 -15.78 -71.34 12.70
C SER F 34 -16.88 -71.02 11.71
N VAL F 35 -17.56 -69.88 11.88
CA VAL F 35 -18.67 -69.53 11.00
C VAL F 35 -18.18 -69.26 9.58
N ILE F 36 -16.91 -68.86 9.42
CA ILE F 36 -16.40 -68.54 8.10
C ILE F 36 -16.03 -69.77 7.30
N TYR F 37 -15.87 -70.92 7.94
CA TYR F 37 -15.43 -72.12 7.23
C TYR F 37 -16.52 -72.73 6.37
N ASN F 38 -17.73 -72.16 6.36
CA ASN F 38 -18.71 -72.51 5.34
C ASN F 38 -18.31 -72.00 3.96
N PHE F 39 -17.13 -71.40 3.83
CA PHE F 39 -16.68 -70.83 2.57
C PHE F 39 -15.54 -71.64 1.97
N ALA F 40 -15.74 -72.96 1.84
CA ALA F 40 -14.94 -73.82 0.99
C ALA F 40 -13.49 -73.94 1.49
N PRO F 41 -12.64 -74.71 0.81
CA PRO F 41 -11.20 -74.61 1.07
C PRO F 41 -10.69 -73.21 0.79
N PHE F 42 -9.82 -72.72 1.66
CA PHE F 42 -9.23 -71.40 1.52
C PHE F 42 -7.89 -71.51 0.81
N PHE F 43 -7.66 -70.62 -0.17
CA PHE F 43 -6.37 -70.56 -0.83
C PHE F 43 -5.27 -70.08 0.11
N ALA F 44 -5.62 -69.33 1.16
CA ALA F 44 -4.65 -68.84 2.11
C ALA F 44 -5.35 -68.59 3.44
N PHE F 45 -4.77 -69.13 4.52
CA PHE F 45 -5.23 -68.87 5.88
C PHE F 45 -3.97 -68.70 6.73
N LYS F 46 -3.40 -67.50 6.69
CA LYS F 46 -2.15 -67.18 7.38
C LYS F 46 -2.41 -66.11 8.42
N CYS F 47 -1.93 -66.33 9.63
CA CYS F 47 -2.05 -65.38 10.73
C CYS F 47 -0.69 -64.82 11.09
N TYR F 48 -0.69 -63.62 11.66
CA TYR F 48 0.55 -62.94 12.00
C TYR F 48 0.40 -62.27 13.36
N GLY F 49 1.49 -62.25 14.12
CA GLY F 49 1.47 -61.63 15.44
C GLY F 49 0.52 -62.28 16.42
N VAL F 50 0.11 -63.52 16.16
CA VAL F 50 -0.87 -64.20 17.00
C VAL F 50 -0.72 -65.69 16.75
N SER F 51 -1.09 -66.49 17.76
CA SER F 51 -1.06 -67.93 17.62
C SER F 51 -2.33 -68.42 16.96
N PRO F 52 -2.26 -69.15 15.84
CA PRO F 52 -3.49 -69.59 15.17
C PRO F 52 -4.35 -70.52 16.02
N THR F 53 -3.75 -71.23 16.97
CA THR F 53 -4.51 -72.11 17.86
C THR F 53 -5.29 -71.34 18.93
N LYS F 54 -5.10 -70.03 19.01
CA LYS F 54 -5.73 -69.22 20.05
C LYS F 54 -6.84 -68.33 19.50
N LEU F 55 -7.19 -68.47 18.22
CA LEU F 55 -8.11 -67.53 17.58
C LEU F 55 -9.48 -67.51 18.25
N ASN F 56 -9.88 -68.61 18.89
CA ASN F 56 -11.15 -68.69 19.58
C ASN F 56 -11.02 -68.56 21.08
N ASP F 57 -9.84 -68.19 21.59
CA ASP F 57 -9.59 -68.05 23.02
C ASP F 57 -8.83 -66.75 23.29
N LEU F 58 -9.33 -65.65 22.73
CA LEU F 58 -8.68 -64.35 22.90
C LEU F 58 -9.74 -63.25 22.97
N CYS F 59 -9.48 -62.24 23.78
CA CYS F 59 -10.31 -61.06 23.88
C CYS F 59 -9.58 -59.86 23.28
N PHE F 60 -10.30 -59.03 22.55
CA PHE F 60 -9.73 -57.84 21.95
C PHE F 60 -10.70 -56.67 22.10
N THR F 61 -10.17 -55.46 21.96
CA THR F 61 -11.01 -54.28 22.02
C THR F 61 -11.99 -54.25 20.85
N ASN F 62 -11.48 -54.40 19.64
CA ASN F 62 -12.31 -54.49 18.44
C ASN F 62 -11.65 -55.41 17.44
N VAL F 63 -12.45 -55.89 16.49
CA VAL F 63 -11.97 -56.66 15.36
C VAL F 63 -12.40 -55.97 14.08
N TYR F 64 -11.50 -55.90 13.11
CA TYR F 64 -11.76 -55.22 11.84
C TYR F 64 -11.69 -56.23 10.71
N ALA F 65 -12.66 -56.17 9.80
CA ALA F 65 -12.71 -57.04 8.63
C ALA F 65 -12.58 -56.16 7.38
N ASP F 66 -11.47 -56.29 6.68
CA ASP F 66 -11.23 -55.58 5.43
C ASP F 66 -11.35 -56.58 4.28
N SER F 67 -12.21 -56.27 3.30
CA SER F 67 -12.50 -57.20 2.22
C SER F 67 -12.31 -56.51 0.88
N PHE F 68 -11.86 -57.29 -0.10
CA PHE F 68 -11.61 -56.83 -1.47
C PHE F 68 -11.41 -58.07 -2.34
N VAL F 69 -11.05 -57.86 -3.61
CA VAL F 69 -10.90 -58.95 -4.58
C VAL F 69 -9.64 -58.68 -5.40
N ILE F 70 -8.69 -59.61 -5.37
CA ILE F 70 -7.47 -59.50 -6.15
C ILE F 70 -7.30 -60.72 -7.04
N ARG F 71 -6.25 -60.72 -7.86
CA ARG F 71 -5.86 -61.91 -8.61
C ARG F 71 -5.27 -62.96 -7.66
N GLY F 72 -5.11 -64.17 -8.20
CA GLY F 72 -4.50 -65.23 -7.40
C GLY F 72 -3.02 -64.99 -7.16
N ASN F 73 -2.29 -64.55 -8.18
CA ASN F 73 -0.87 -64.29 -8.05
C ASN F 73 -0.56 -63.09 -7.17
N GLU F 74 -1.58 -62.45 -6.58
CA GLU F 74 -1.39 -61.28 -5.73
C GLU F 74 -1.74 -61.52 -4.27
N VAL F 75 -2.30 -62.69 -3.94
CA VAL F 75 -2.66 -62.98 -2.56
C VAL F 75 -1.43 -62.96 -1.66
N SER F 76 -0.27 -63.33 -2.21
CA SER F 76 0.96 -63.30 -1.42
C SER F 76 1.36 -61.89 -1.00
N GLN F 77 0.84 -60.86 -1.67
CA GLN F 77 1.15 -59.50 -1.28
C GLN F 77 0.39 -59.05 -0.05
N ILE F 78 -0.71 -59.72 0.29
CA ILE F 78 -1.49 -59.35 1.46
C ILE F 78 -0.83 -59.97 2.69
N ALA F 79 0.32 -59.43 3.07
CA ALA F 79 1.11 -59.96 4.17
C ALA F 79 2.10 -58.89 4.59
N PRO F 80 2.56 -58.92 5.85
CA PRO F 80 3.55 -57.94 6.29
C PRO F 80 4.82 -58.03 5.46
N GLY F 81 5.43 -56.87 5.20
CA GLY F 81 6.70 -56.82 4.51
C GLY F 81 6.69 -57.27 3.08
N GLN F 82 5.60 -57.02 2.35
CA GLN F 82 5.49 -57.43 0.95
C GLN F 82 5.50 -56.21 0.04
N THR F 83 5.89 -56.45 -1.21
CA THR F 83 5.90 -55.43 -2.25
C THR F 83 5.02 -55.90 -3.42
N GLY F 84 4.86 -55.02 -4.39
CA GLY F 84 3.96 -55.24 -5.51
C GLY F 84 2.87 -54.19 -5.57
N ASN F 85 2.15 -54.22 -6.69
CA ASN F 85 1.17 -53.16 -6.96
C ASN F 85 0.07 -53.12 -5.90
N ILE F 86 -0.33 -54.26 -5.36
CA ILE F 86 -1.39 -54.27 -4.36
C ILE F 86 -0.86 -53.76 -3.02
N ALA F 87 0.32 -54.25 -2.61
CA ALA F 87 0.85 -53.84 -1.32
C ALA F 87 1.38 -52.41 -1.36
N ASP F 88 1.92 -51.97 -2.49
CA ASP F 88 2.48 -50.63 -2.58
C ASP F 88 1.39 -49.58 -2.79
N TYR F 89 0.39 -49.87 -3.62
CA TYR F 89 -0.54 -48.86 -4.10
C TYR F 89 -1.99 -49.08 -3.74
N ASN F 90 -2.35 -50.24 -3.17
CA ASN F 90 -3.76 -50.53 -2.95
C ASN F 90 -4.09 -50.87 -1.50
N TYR F 91 -3.44 -51.87 -0.93
CA TYR F 91 -3.69 -52.28 0.45
C TYR F 91 -2.36 -52.69 1.08
N LYS F 92 -1.94 -51.94 2.10
CA LYS F 92 -0.66 -52.17 2.76
C LYS F 92 -0.90 -52.61 4.20
N LEU F 93 -0.28 -53.73 4.58
CA LEU F 93 -0.31 -54.26 5.94
C LEU F 93 0.94 -53.84 6.71
N PRO F 94 0.81 -53.54 7.99
CA PRO F 94 1.98 -53.13 8.77
C PRO F 94 2.85 -54.31 9.15
N ASP F 95 4.08 -53.99 9.57
CA ASP F 95 5.00 -55.03 9.98
C ASP F 95 4.55 -55.70 11.27
N ASP F 96 4.01 -54.92 12.20
CA ASP F 96 3.47 -55.45 13.46
C ASP F 96 2.02 -55.89 13.33
N PHE F 97 1.65 -56.45 12.18
CA PHE F 97 0.27 -56.83 11.94
C PHE F 97 -0.15 -57.98 12.84
N THR F 98 -1.22 -57.79 13.59
CA THR F 98 -1.80 -58.81 14.45
C THR F 98 -3.16 -59.19 13.87
N GLY F 99 -3.19 -60.30 13.13
CA GLY F 99 -4.43 -60.75 12.54
C GLY F 99 -4.17 -61.88 11.55
N CYS F 100 -5.21 -62.19 10.78
CA CYS F 100 -5.16 -63.28 9.81
C CYS F 100 -5.70 -62.82 8.47
N VAL F 101 -5.13 -63.37 7.40
CA VAL F 101 -5.55 -63.12 6.03
C VAL F 101 -6.20 -64.37 5.49
N ILE F 102 -7.40 -64.23 4.92
CA ILE F 102 -8.21 -65.35 4.48
C ILE F 102 -8.66 -65.09 3.06
N ALA F 103 -8.26 -65.96 2.13
CA ALA F 103 -8.56 -65.80 0.72
C ALA F 103 -9.11 -67.09 0.13
N TRP F 104 -10.13 -66.97 -0.70
CA TRP F 104 -10.72 -68.12 -1.38
C TRP F 104 -11.07 -67.73 -2.81
N ASN F 105 -11.13 -68.74 -3.67
CA ASN F 105 -11.39 -68.50 -5.08
C ASN F 105 -12.84 -68.08 -5.30
N SER F 106 -13.03 -67.10 -6.19
CA SER F 106 -14.37 -66.57 -6.50
C SER F 106 -14.57 -66.46 -8.00
N ASN F 107 -14.01 -67.40 -8.77
CA ASN F 107 -14.12 -67.34 -10.22
C ASN F 107 -15.57 -67.45 -10.68
N LYS F 108 -16.36 -68.25 -9.97
CA LYS F 108 -17.75 -68.48 -10.36
C LYS F 108 -18.68 -67.35 -9.97
N LEU F 109 -18.21 -66.39 -9.18
CA LEU F 109 -19.02 -65.25 -8.77
C LEU F 109 -18.53 -63.92 -9.28
N ASP F 110 -17.23 -63.75 -9.47
CA ASP F 110 -16.64 -62.45 -9.81
C ASP F 110 -16.05 -62.41 -11.21
N SER F 111 -16.53 -63.25 -12.12
CA SER F 111 -16.04 -63.26 -13.49
C SER F 111 -17.19 -63.51 -14.45
N THR F 112 -17.15 -62.83 -15.59
CA THR F 112 -18.12 -62.97 -16.65
C THR F 112 -17.41 -63.26 -17.96
N PRO F 113 -18.05 -63.98 -18.87
CA PRO F 113 -17.40 -64.26 -20.17
C PRO F 113 -17.00 -63.01 -20.93
N SER F 114 -17.74 -61.91 -20.78
CA SER F 114 -17.37 -60.67 -21.43
C SER F 114 -16.22 -59.97 -20.71
N GLY F 115 -16.13 -60.12 -19.40
CA GLY F 115 -15.06 -59.50 -18.63
C GLY F 115 -15.55 -58.55 -17.55
N ASN F 116 -15.30 -58.91 -16.29
CA ASN F 116 -15.73 -58.07 -15.18
C ASN F 116 -15.01 -56.73 -15.22
N TYR F 117 -15.76 -55.65 -14.99
CA TYR F 117 -15.24 -54.30 -15.07
C TYR F 117 -15.14 -53.59 -13.74
N ASN F 118 -16.06 -53.84 -12.81
CA ASN F 118 -16.10 -53.05 -11.57
C ASN F 118 -14.88 -53.32 -10.69
N TYR F 119 -14.33 -54.54 -10.74
CA TYR F 119 -13.17 -54.87 -9.93
C TYR F 119 -11.93 -54.23 -10.52
N ARG F 120 -11.42 -53.18 -9.85
CA ARG F 120 -10.32 -52.39 -10.36
C ARG F 120 -9.21 -52.30 -9.31
N TYR F 121 -8.02 -51.92 -9.79
CA TYR F 121 -6.85 -51.79 -8.94
C TYR F 121 -6.03 -50.59 -9.40
N ARG F 122 -5.36 -49.94 -8.46
CA ARG F 122 -4.53 -48.79 -8.77
C ARG F 122 -3.21 -49.25 -9.36
N LEU F 123 -2.80 -48.60 -10.45
CA LEU F 123 -1.59 -48.98 -11.17
C LEU F 123 -0.43 -48.02 -10.96
N PHE F 124 -0.69 -46.75 -10.65
CA PHE F 124 0.35 -45.75 -10.47
C PHE F 124 0.11 -44.96 -9.20
N ARG F 125 1.21 -44.58 -8.56
CA ARG F 125 1.15 -43.71 -7.39
C ARG F 125 2.53 -43.10 -7.16
N LYS F 126 2.54 -41.85 -6.69
CA LYS F 126 3.80 -41.14 -6.47
C LYS F 126 4.56 -41.69 -5.27
N SER F 127 3.89 -42.35 -4.33
CA SER F 127 4.55 -42.90 -3.16
C SER F 127 3.80 -44.16 -2.73
N LYS F 128 4.51 -45.01 -1.99
CA LYS F 128 3.89 -46.23 -1.47
C LYS F 128 2.90 -45.90 -0.36
N LEU F 129 1.86 -46.72 -0.26
CA LEU F 129 0.83 -46.49 0.74
C LEU F 129 1.37 -46.73 2.14
N LYS F 130 0.89 -45.94 3.09
CA LYS F 130 1.13 -46.23 4.49
C LYS F 130 0.26 -47.39 4.93
N PRO F 131 0.63 -48.09 6.00
CA PRO F 131 -0.19 -49.22 6.46
C PRO F 131 -1.63 -48.81 6.72
N PHE F 132 -2.56 -49.59 6.16
CA PHE F 132 -4.00 -49.39 6.32
C PHE F 132 -4.49 -48.07 5.73
N GLU F 133 -3.68 -47.43 4.89
CA GLU F 133 -4.12 -46.24 4.17
C GLU F 133 -5.01 -46.65 3.01
N ARG F 134 -5.90 -45.75 2.61
CA ARG F 134 -6.79 -45.98 1.48
C ARG F 134 -6.72 -44.79 0.54
N ASP F 135 -6.53 -45.07 -0.75
CA ASP F 135 -6.42 -44.04 -1.78
C ASP F 135 -7.52 -44.26 -2.80
N ILE F 136 -8.54 -43.41 -2.77
CA ILE F 136 -9.61 -43.42 -3.76
C ILE F 136 -9.51 -42.22 -4.70
N SER F 137 -8.40 -41.49 -4.67
CA SER F 137 -8.21 -40.37 -5.58
C SER F 137 -8.11 -40.86 -7.02
N THR F 138 -8.76 -40.15 -7.93
CA THR F 138 -8.90 -40.56 -9.31
C THR F 138 -8.28 -39.55 -10.26
N GLU F 139 -7.14 -38.99 -9.88
CA GLU F 139 -6.45 -38.02 -10.71
C GLU F 139 -5.54 -38.71 -11.72
N ILE F 140 -5.38 -38.09 -12.88
CA ILE F 140 -4.47 -38.61 -13.90
C ILE F 140 -3.05 -38.57 -13.39
N TYR F 141 -2.32 -39.67 -13.54
CA TYR F 141 -0.96 -39.78 -13.04
C TYR F 141 -0.01 -39.07 -13.99
N GLN F 142 0.66 -38.03 -13.49
CA GLN F 142 1.64 -37.28 -14.27
C GLN F 142 2.99 -37.98 -14.16
N ALA F 143 3.35 -38.72 -15.22
CA ALA F 143 4.61 -39.45 -15.20
C ALA F 143 5.81 -38.57 -15.51
N GLY F 144 5.61 -37.50 -16.30
CA GLY F 144 6.68 -36.62 -16.69
C GLY F 144 6.55 -35.24 -16.07
N ASN F 145 7.18 -34.26 -16.73
CA ASN F 145 7.13 -32.88 -16.28
C ASN F 145 5.95 -32.10 -16.86
N LYS F 146 5.48 -32.49 -18.04
CA LYS F 146 4.35 -31.81 -18.65
C LYS F 146 3.08 -32.12 -17.86
N PRO F 147 2.34 -31.10 -17.41
CA PRO F 147 1.07 -31.36 -16.74
C PRO F 147 0.11 -32.12 -17.66
N CYS F 148 -0.85 -32.79 -17.03
CA CYS F 148 -1.78 -33.64 -17.76
C CYS F 148 -3.13 -32.99 -18.04
N ASN F 149 -3.47 -31.94 -17.30
CA ASN F 149 -4.70 -31.16 -17.52
C ASN F 149 -5.95 -32.02 -17.44
N GLY F 150 -5.89 -33.14 -16.72
CA GLY F 150 -7.07 -33.95 -16.46
C GLY F 150 -7.44 -34.93 -17.54
N VAL F 151 -6.59 -35.16 -18.53
CA VAL F 151 -6.87 -36.07 -19.63
C VAL F 151 -5.68 -37.01 -19.80
N ALA F 152 -5.97 -38.30 -20.01
CA ALA F 152 -4.92 -39.27 -20.23
C ALA F 152 -4.23 -39.02 -21.58
N GLY F 153 -2.97 -39.44 -21.67
CA GLY F 153 -2.19 -39.26 -22.87
C GLY F 153 -0.75 -39.63 -22.67
N PRO F 154 0.14 -39.05 -23.47
CA PRO F 154 1.58 -39.33 -23.35
C PRO F 154 2.09 -38.95 -21.97
N ASN F 155 2.62 -39.95 -21.25
CA ASN F 155 3.12 -39.81 -19.88
C ASN F 155 2.02 -39.38 -18.91
N CYS F 156 0.77 -39.60 -19.27
CA CYS F 156 -0.38 -39.23 -18.44
C CYS F 156 -1.35 -40.41 -18.46
N TYR F 157 -1.33 -41.22 -17.40
CA TYR F 157 -2.04 -42.49 -17.38
C TYR F 157 -3.13 -42.46 -16.33
N SER F 158 -4.28 -43.05 -16.66
CA SER F 158 -5.35 -43.21 -15.69
C SER F 158 -4.88 -44.10 -14.56
N PRO F 159 -5.06 -43.69 -13.29
CA PRO F 159 -4.46 -44.46 -12.20
C PRO F 159 -5.11 -45.80 -11.95
N LEU F 160 -6.39 -45.96 -12.27
CA LEU F 160 -7.13 -47.18 -11.98
C LEU F 160 -7.28 -48.01 -13.26
N GLN F 161 -7.16 -49.33 -13.10
CA GLN F 161 -7.31 -50.28 -14.19
C GLN F 161 -8.18 -51.43 -13.74
N SER F 162 -8.95 -51.98 -14.67
CA SER F 162 -9.82 -53.11 -14.38
C SER F 162 -9.08 -54.42 -14.56
N TYR F 163 -9.53 -55.45 -13.83
CA TYR F 163 -8.94 -56.76 -13.97
C TYR F 163 -9.41 -57.46 -15.24
N GLY F 164 -10.70 -57.33 -15.56
CA GLY F 164 -11.25 -58.02 -16.72
C GLY F 164 -11.39 -59.50 -16.47
N PHE F 165 -11.95 -59.86 -15.32
CA PHE F 165 -12.04 -61.25 -14.89
C PHE F 165 -12.92 -62.09 -15.82
N ARG F 166 -12.32 -63.05 -16.53
CA ARG F 166 -13.03 -63.98 -17.38
C ARG F 166 -12.88 -65.40 -16.84
N PRO F 167 -13.92 -66.23 -16.96
CA PRO F 167 -13.88 -67.56 -16.34
C PRO F 167 -12.79 -68.46 -16.91
N THR F 168 -12.35 -68.23 -18.15
CA THR F 168 -11.38 -69.08 -18.82
C THR F 168 -9.94 -68.64 -18.57
N TYR F 169 -9.67 -67.98 -17.45
CA TYR F 169 -8.32 -67.59 -17.09
C TYR F 169 -7.66 -68.66 -16.23
N GLY F 170 -6.33 -68.61 -16.16
CA GLY F 170 -5.61 -69.44 -15.23
C GLY F 170 -5.90 -69.05 -13.80
N VAL F 171 -5.65 -69.99 -12.88
CA VAL F 171 -5.95 -69.76 -11.47
C VAL F 171 -5.13 -68.61 -10.91
N GLY F 172 -3.96 -68.32 -11.50
CA GLY F 172 -3.18 -67.19 -11.05
C GLY F 172 -3.81 -65.86 -11.37
N HIS F 173 -4.64 -65.81 -12.42
CA HIS F 173 -5.31 -64.59 -12.84
C HIS F 173 -6.80 -64.57 -12.52
N GLN F 174 -7.32 -65.61 -11.87
CA GLN F 174 -8.71 -65.66 -11.48
C GLN F 174 -8.96 -64.79 -10.25
N PRO F 175 -10.19 -64.34 -10.04
CA PRO F 175 -10.48 -63.51 -8.87
C PRO F 175 -10.47 -64.31 -7.58
N TYR F 176 -10.00 -63.67 -6.52
CA TYR F 176 -9.98 -64.24 -5.17
C TYR F 176 -10.51 -63.21 -4.19
N ARG F 177 -11.46 -63.64 -3.35
CA ARG F 177 -12.03 -62.77 -2.33
C ARG F 177 -11.18 -62.88 -1.06
N VAL F 178 -10.65 -61.75 -0.61
CA VAL F 178 -9.77 -61.69 0.54
C VAL F 178 -10.49 -61.00 1.68
N VAL F 179 -10.30 -61.50 2.90
CA VAL F 179 -10.75 -60.84 4.12
C VAL F 179 -9.58 -60.80 5.09
N VAL F 180 -9.26 -59.59 5.56
CA VAL F 180 -8.15 -59.37 6.50
C VAL F 180 -8.76 -59.08 7.85
N LEU F 181 -8.67 -60.03 8.77
CA LEU F 181 -9.15 -59.86 10.13
C LEU F 181 -8.06 -59.22 10.97
N SER F 182 -8.32 -58.01 11.47
CA SER F 182 -7.39 -57.27 12.28
C SER F 182 -7.83 -57.31 13.74
N PHE F 183 -6.91 -57.67 14.63
CA PHE F 183 -7.20 -57.78 16.05
C PHE F 183 -6.60 -56.55 16.75
N GLU F 184 -7.45 -55.74 17.35
CA GLU F 184 -7.06 -54.45 17.92
C GLU F 184 -7.01 -54.54 19.44
N LEU F 185 -5.93 -54.01 20.03
CA LEU F 185 -5.79 -53.90 21.47
C LEU F 185 -5.52 -52.44 21.83
N LEU F 186 -6.42 -51.86 22.61
CA LEU F 186 -6.26 -50.50 23.11
C LEU F 186 -6.45 -50.52 24.62
N HIS F 187 -6.03 -49.42 25.27
CA HIS F 187 -6.24 -49.31 26.71
C HIS F 187 -7.71 -49.04 26.99
N ALA F 188 -8.55 -50.04 26.79
CA ALA F 188 -10.00 -49.90 26.91
C ALA F 188 -10.59 -51.29 27.08
N PRO F 189 -11.76 -51.42 27.71
CA PRO F 189 -12.32 -52.76 27.94
C PRO F 189 -12.56 -53.50 26.63
N ALA F 190 -12.19 -54.79 26.64
CA ALA F 190 -12.36 -55.62 25.45
C ALA F 190 -13.83 -55.92 25.20
N THR F 191 -14.26 -55.75 23.95
CA THR F 191 -15.65 -55.99 23.59
C THR F 191 -15.85 -57.22 22.72
N VAL F 192 -14.78 -57.86 22.26
CA VAL F 192 -14.86 -59.04 21.41
C VAL F 192 -14.02 -60.14 22.03
N CYS F 193 -14.66 -61.23 22.44
CA CYS F 193 -13.99 -62.39 23.00
C CYS F 193 -14.37 -63.64 22.22
N GLY F 194 -13.59 -64.69 22.42
CA GLY F 194 -13.87 -65.96 21.79
C GLY F 194 -14.89 -66.76 22.56
N PRO F 195 -15.34 -67.87 21.95
CA PRO F 195 -16.32 -68.73 22.64
C PRO F 195 -15.77 -69.37 23.90
N LYS F 196 -14.44 -69.55 23.98
CA LYS F 196 -13.79 -70.08 25.18
C LYS F 196 -13.49 -68.99 26.21
N LYS F 197 -13.84 -67.74 25.91
CA LYS F 197 -13.65 -66.62 26.83
C LYS F 197 -12.21 -66.49 27.31
C1 NAG G . 12.02 66.03 -21.10
C2 NAG G . 13.31 66.09 -21.90
C3 NAG G . 13.01 66.62 -23.30
C4 NAG G . 11.96 65.77 -23.97
C5 NAG G . 10.71 65.58 -23.08
C6 NAG G . 9.78 64.50 -23.56
C7 NAG G . 15.22 66.37 -20.39
C8 NAG G . 16.19 67.33 -19.79
N2 NAG G . 14.32 66.89 -21.23
O3 NAG G . 14.21 66.59 -24.06
O4 NAG G . 11.56 66.38 -25.20
O5 NAG G . 11.10 65.20 -21.75
O6 NAG G . 10.43 63.48 -24.33
O7 NAG G . 15.24 65.16 -20.13
C1 FUC G . 11.23 62.50 -23.61
C2 FUC G . 10.68 62.14 -22.18
C3 FUC G . 11.57 61.07 -21.48
C4 FUC G . 12.69 60.50 -22.40
C5 FUC G . 12.18 60.25 -23.86
C6 FUC G . 13.30 60.06 -24.88
O2 FUC G . 9.31 61.75 -22.18
O3 FUC G . 12.20 61.61 -20.32
O4 FUC G . 13.84 61.35 -22.42
O5 FUC G . 11.31 61.29 -24.38
C1 NAG H . -25.62 -65.24 1.37
C2 NAG H . -26.36 -66.31 2.20
C3 NAG H . -27.58 -66.87 1.44
C4 NAG H . -28.43 -65.75 0.84
C5 NAG H . -27.52 -64.85 0.01
C6 NAG H . -28.24 -63.72 -0.70
C7 NAG H . -25.74 -68.42 3.34
C8 NAG H . -24.65 -69.43 3.53
N2 NAG H . -25.44 -67.39 2.53
O3 NAG H . -28.39 -67.63 2.33
O4 NAG H . -29.44 -66.29 0.01
O5 NAG H . -26.55 -64.27 0.88
O6 NAG H . -27.90 -63.69 -2.07
O7 NAG H . -26.84 -68.53 3.88
C1 FUC H . -29.08 -63.53 -2.89
C2 FUC H . -28.79 -62.41 -3.92
C3 FUC H . -27.86 -62.90 -5.04
C4 FUC H . -28.44 -64.16 -5.68
C5 FUC H . -28.62 -65.24 -4.61
C6 FUC H . -29.29 -66.50 -5.14
O2 FUC H . -28.27 -61.24 -3.31
O3 FUC H . -27.75 -61.91 -6.06
O4 FUC H . -29.68 -63.87 -6.31
O5 FUC H . -29.45 -64.76 -3.52
C1 EDO I . -9.19 -16.00 6.14
O1 EDO I . -7.99 -16.01 5.36
C2 EDO I . -8.84 -15.73 7.61
C1 EDO J . 11.29 15.96 -2.62
O1 EDO J . 10.88 16.53 -3.87
C2 EDO J . 12.70 15.38 -2.78
O2 EDO J . 13.14 14.85 -1.52
#